data_7BSF
# 
_entry.id   7BSF 
# 
_audit_conform.dict_name       mmcif_pdbx.dic 
_audit_conform.dict_version    5.380 
_audit_conform.dict_location   http://mmcif.pdb.org/dictionaries/ascii/mmcif_pdbx.dic 
# 
loop_
_database_2.database_id 
_database_2.database_code 
_database_2.pdbx_database_accession 
_database_2.pdbx_DOI 
PDB   7BSF         pdb_00007bsf 10.2210/pdb7bsf/pdb 
WWPDB D_1300016345 ?            ?                   
# 
_pdbx_database_related.db_name        PDB 
_pdbx_database_related.details        'Original sequence' 
_pdbx_database_related.db_id          6JR4 
_pdbx_database_related.content_type   unspecified 
# 
_pdbx_database_status.status_code                     REL 
_pdbx_database_status.status_code_sf                  REL 
_pdbx_database_status.status_code_mr                  ? 
_pdbx_database_status.entry_id                        7BSF 
_pdbx_database_status.recvd_initial_deposition_date   2020-03-30 
_pdbx_database_status.SG_entry                        N 
_pdbx_database_status.deposit_site                    PDBJ 
_pdbx_database_status.process_site                    PDBJ 
_pdbx_database_status.status_code_cs                  ? 
_pdbx_database_status.status_code_nmr_data            ? 
_pdbx_database_status.methods_development_category    ? 
_pdbx_database_status.pdb_format_compatible           Y 
# 
loop_
_audit_author.name 
_audit_author.pdbx_ordinal 
_audit_author.identifier_ORCID 
'Kondo, J.'     1 ? 
'Cerretani, C.' 2 ? 
'Vosch, T.'     3 ? 
# 
_citation.abstract                  ? 
_citation.abstract_id_CAS           ? 
_citation.book_id_ISBN              ? 
_citation.book_publisher            ? 
_citation.book_publisher_city       ? 
_citation.book_title                ? 
_citation.coordinate_linkage        ? 
_citation.country                   UK 
_citation.database_id_Medline       ? 
_citation.details                   ? 
_citation.id                        primary 
_citation.journal_abbrev            CrystEngComm 
_citation.journal_id_ASTM           ? 
_citation.journal_id_CSD            0353 
_citation.journal_id_ISSN           1466-8033 
_citation.journal_full              ? 
_citation.journal_issue             ? 
_citation.journal_volume            22 
_citation.language                  ? 
_citation.page_first                8136 
_citation.page_last                 8141 
_citation.title                     
'Mutation of position 5 as a crystal engineering tool for a NIR-emitting DNA-stabilized Ag16 nanocluster.' 
_citation.year                      2020 
_citation.database_id_CSD           ? 
_citation.pdbx_database_id_DOI      10.1039/D0CE01225D 
_citation.pdbx_database_id_PubMed   ? 
_citation.unpublished_flag          ? 
# 
loop_
_citation_author.citation_id 
_citation_author.name 
_citation_author.ordinal 
_citation_author.identifier_ORCID 
primary 'Cerretani, C.' 1 ? 
primary 'Kondo, J.'     2 ? 
primary 'Vosch, T.'     3 ? 
# 
_cell.angle_alpha                  90.000 
_cell.angle_alpha_esd              ? 
_cell.angle_beta                   90.000 
_cell.angle_beta_esd               ? 
_cell.angle_gamma                  90.000 
_cell.angle_gamma_esd              ? 
_cell.entry_id                     7BSF 
_cell.details                      ? 
_cell.formula_units_Z              ? 
_cell.length_a                     23.958 
_cell.length_a_esd                 ? 
_cell.length_b                     33.807 
_cell.length_b_esd                 ? 
_cell.length_c                     52.523 
_cell.length_c_esd                 ? 
_cell.volume                       ? 
_cell.volume_esd                   ? 
_cell.Z_PDB                        8 
_cell.reciprocal_angle_alpha       ? 
_cell.reciprocal_angle_beta        ? 
_cell.reciprocal_angle_gamma       ? 
_cell.reciprocal_angle_alpha_esd   ? 
_cell.reciprocal_angle_beta_esd    ? 
_cell.reciprocal_angle_gamma_esd   ? 
_cell.reciprocal_length_a          ? 
_cell.reciprocal_length_b          ? 
_cell.reciprocal_length_c          ? 
_cell.reciprocal_length_a_esd      ? 
_cell.reciprocal_length_b_esd      ? 
_cell.reciprocal_length_c_esd      ? 
_cell.pdbx_unique_axis             ? 
# 
_symmetry.entry_id                         7BSF 
_symmetry.cell_setting                     ? 
_symmetry.Int_Tables_number                19 
_symmetry.space_group_name_Hall            ? 
_symmetry.space_group_name_H-M             'P 21 21 21' 
_symmetry.pdbx_full_space_group_name_H-M   ? 
# 
loop_
_entity.id 
_entity.type 
_entity.src_method 
_entity.pdbx_description 
_entity.formula_weight 
_entity.pdbx_number_of_molecules 
_entity.pdbx_ec 
_entity.pdbx_mutation 
_entity.pdbx_fragment 
_entity.details 
1 polymer     syn 
;DNA (5'-D(*CP*AP*CP*CP*CP*AP*GP*CP*GP*A)-3')
;
2998.984 2  ? ? ? 'SF file contains Friedel pairs.' 
2 non-polymer syn 'SILVER ION'                                   107.868  18 ? ? ? ?                                 
3 non-polymer syn 'CALCIUM ION'                                  40.078   1  ? ? ? ?                                 
4 water       nat water                                          18.015   47 ? ? ? ?                                 
# 
_entity_poly.entity_id                      1 
_entity_poly.type                           polydeoxyribonucleotide 
_entity_poly.nstd_linkage                   no 
_entity_poly.nstd_monomer                   no 
_entity_poly.pdbx_seq_one_letter_code       '(DC)(DA)(DC)(DC)(DC)(DA)(DG)(DC)(DG)(DA)' 
_entity_poly.pdbx_seq_one_letter_code_can   CACCCAGCGA 
_entity_poly.pdbx_strand_id                 A,B 
_entity_poly.pdbx_target_identifier         ? 
# 
loop_
_entity_poly_seq.entity_id 
_entity_poly_seq.num 
_entity_poly_seq.mon_id 
_entity_poly_seq.hetero 
1 1  DC n 
1 2  DA n 
1 3  DC n 
1 4  DC n 
1 5  DC n 
1 6  DA n 
1 7  DG n 
1 8  DC n 
1 9  DG n 
1 10 DA n 
# 
_pdbx_entity_src_syn.entity_id              1 
_pdbx_entity_src_syn.pdbx_src_id            1 
_pdbx_entity_src_syn.pdbx_alt_source_flag   sample 
_pdbx_entity_src_syn.pdbx_beg_seq_num       1 
_pdbx_entity_src_syn.pdbx_end_seq_num       10 
_pdbx_entity_src_syn.organism_scientific    'synthetic construct' 
_pdbx_entity_src_syn.organism_common_name   ? 
_pdbx_entity_src_syn.ncbi_taxonomy_id       32630 
_pdbx_entity_src_syn.details                ? 
# 
_struct_ref.id                         1 
_struct_ref.db_name                    PDB 
_struct_ref.db_code                    7BSF 
_struct_ref.pdbx_db_accession          7BSF 
_struct_ref.pdbx_db_isoform            ? 
_struct_ref.entity_id                  1 
_struct_ref.pdbx_seq_one_letter_code   ? 
_struct_ref.pdbx_align_begin           1 
# 
loop_
_struct_ref_seq.align_id 
_struct_ref_seq.ref_id 
_struct_ref_seq.pdbx_PDB_id_code 
_struct_ref_seq.pdbx_strand_id 
_struct_ref_seq.seq_align_beg 
_struct_ref_seq.pdbx_seq_align_beg_ins_code 
_struct_ref_seq.seq_align_end 
_struct_ref_seq.pdbx_seq_align_end_ins_code 
_struct_ref_seq.pdbx_db_accession 
_struct_ref_seq.db_align_beg 
_struct_ref_seq.pdbx_db_align_beg_ins_code 
_struct_ref_seq.db_align_end 
_struct_ref_seq.pdbx_db_align_end_ins_code 
_struct_ref_seq.pdbx_auth_seq_align_beg 
_struct_ref_seq.pdbx_auth_seq_align_end 
1 1 7BSF A 1 ? 10 ? 7BSF 1 ? 10 ? 1 10 
2 1 7BSF B 1 ? 10 ? 7BSF 1 ? 10 ? 1 10 
# 
loop_
_chem_comp.id 
_chem_comp.type 
_chem_comp.mon_nstd_flag 
_chem_comp.name 
_chem_comp.pdbx_synonyms 
_chem_comp.formula 
_chem_comp.formula_weight 
AG  non-polymer   . 'SILVER ION'                         ? 'Ag 1'            107.868 
CA  non-polymer   . 'CALCIUM ION'                        ? 'Ca 2'            40.078  
DA  'DNA linking' y "2'-DEOXYADENOSINE-5'-MONOPHOSPHATE" ? 'C10 H14 N5 O6 P' 331.222 
DC  'DNA linking' y "2'-DEOXYCYTIDINE-5'-MONOPHOSPHATE"  ? 'C9 H14 N3 O7 P'  307.197 
DG  'DNA linking' y "2'-DEOXYGUANOSINE-5'-MONOPHOSPHATE" ? 'C10 H14 N5 O7 P' 347.221 
HOH non-polymer   . WATER                                ? 'H2 O'            18.015  
# 
_exptl.absorpt_coefficient_mu     ? 
_exptl.absorpt_correction_T_max   ? 
_exptl.absorpt_correction_T_min   ? 
_exptl.absorpt_correction_type    ? 
_exptl.absorpt_process_details    ? 
_exptl.entry_id                   7BSF 
_exptl.crystals_number            1 
_exptl.details                    ? 
_exptl.method                     'X-RAY DIFFRACTION' 
_exptl.method_details             ? 
# 
_exptl_crystal.colour                      ? 
_exptl_crystal.density_diffrn              ? 
_exptl_crystal.density_Matthews            1.77 
_exptl_crystal.density_method              ? 
_exptl_crystal.density_percent_sol         30.63 
_exptl_crystal.description                 ? 
_exptl_crystal.F_000                       ? 
_exptl_crystal.id                          1 
_exptl_crystal.preparation                 ? 
_exptl_crystal.size_max                    ? 
_exptl_crystal.size_mid                    ? 
_exptl_crystal.size_min                    ? 
_exptl_crystal.size_rad                    ? 
_exptl_crystal.colour_lustre               ? 
_exptl_crystal.colour_modifier             ? 
_exptl_crystal.colour_primary              ? 
_exptl_crystal.density_meas                ? 
_exptl_crystal.density_meas_esd            ? 
_exptl_crystal.density_meas_gt             ? 
_exptl_crystal.density_meas_lt             ? 
_exptl_crystal.density_meas_temp           ? 
_exptl_crystal.density_meas_temp_esd       ? 
_exptl_crystal.density_meas_temp_gt        ? 
_exptl_crystal.density_meas_temp_lt        ? 
_exptl_crystal.pdbx_crystal_image_url      ? 
_exptl_crystal.pdbx_crystal_image_format   ? 
_exptl_crystal.pdbx_mosaicity              ? 
_exptl_crystal.pdbx_mosaicity_esd          ? 
# 
_exptl_crystal_grow.apparatus       ? 
_exptl_crystal_grow.atmosphere      ? 
_exptl_crystal_grow.crystal_id      1 
_exptl_crystal_grow.details         ? 
_exptl_crystal_grow.method          'VAPOR DIFFUSION, HANGING DROP' 
_exptl_crystal_grow.method_ref      ? 
_exptl_crystal_grow.pH              ? 
_exptl_crystal_grow.pressure        ? 
_exptl_crystal_grow.pressure_esd    ? 
_exptl_crystal_grow.seeding         ? 
_exptl_crystal_grow.seeding_ref     ? 
_exptl_crystal_grow.temp            293 
_exptl_crystal_grow.temp_details    ? 
_exptl_crystal_grow.temp_esd        ? 
_exptl_crystal_grow.time            ? 
_exptl_crystal_grow.pdbx_details    'MOPS, Spermine, calcium nitrate, MPD' 
_exptl_crystal_grow.pdbx_pH_range   ? 
# 
_diffrn.ambient_environment              ? 
_diffrn.ambient_temp                     100 
_diffrn.ambient_temp_details             ? 
_diffrn.ambient_temp_esd                 ? 
_diffrn.crystal_id                       1 
_diffrn.crystal_support                  ? 
_diffrn.crystal_treatment                ? 
_diffrn.details                          ? 
_diffrn.id                               1 
_diffrn.ambient_pressure                 ? 
_diffrn.ambient_pressure_esd             ? 
_diffrn.ambient_pressure_gt              ? 
_diffrn.ambient_pressure_lt              ? 
_diffrn.ambient_temp_gt                  ? 
_diffrn.ambient_temp_lt                  ? 
_diffrn.pdbx_serial_crystal_experiment   N 
# 
_diffrn_detector.details                      ? 
_diffrn_detector.detector                     PIXEL 
_diffrn_detector.diffrn_id                    1 
_diffrn_detector.type                         'DECTRIS EIGER X 16M' 
_diffrn_detector.area_resol_mean              ? 
_diffrn_detector.dtime                        ? 
_diffrn_detector.pdbx_frames_total            ? 
_diffrn_detector.pdbx_collection_time_total   ? 
_diffrn_detector.pdbx_collection_date         2020-02-12 
_diffrn_detector.pdbx_frequency               ? 
# 
_diffrn_radiation.collimation                      ? 
_diffrn_radiation.diffrn_id                        1 
_diffrn_radiation.filter_edge                      ? 
_diffrn_radiation.inhomogeneity                    ? 
_diffrn_radiation.monochromator                    ? 
_diffrn_radiation.polarisn_norm                    ? 
_diffrn_radiation.polarisn_ratio                   ? 
_diffrn_radiation.probe                            ? 
_diffrn_radiation.type                             ? 
_diffrn_radiation.xray_symbol                      ? 
_diffrn_radiation.wavelength_id                    1 
_diffrn_radiation.pdbx_monochromatic_or_laue_m_l   M 
_diffrn_radiation.pdbx_wavelength_list             ? 
_diffrn_radiation.pdbx_wavelength                  ? 
_diffrn_radiation.pdbx_diffrn_protocol             'SINGLE WAVELENGTH' 
_diffrn_radiation.pdbx_analyzer                    ? 
_diffrn_radiation.pdbx_scattering_type             x-ray 
# 
_diffrn_radiation_wavelength.id           1 
_diffrn_radiation_wavelength.wavelength   0.98 
_diffrn_radiation_wavelength.wt           1.0 
# 
_diffrn_source.current                     ? 
_diffrn_source.details                     ? 
_diffrn_source.diffrn_id                   1 
_diffrn_source.power                       ? 
_diffrn_source.size                        ? 
_diffrn_source.source                      SYNCHROTRON 
_diffrn_source.target                      ? 
_diffrn_source.type                        'PHOTON FACTORY BEAMLINE BL-17A' 
_diffrn_source.voltage                     ? 
_diffrn_source.take-off_angle              ? 
_diffrn_source.pdbx_wavelength_list        0.98 
_diffrn_source.pdbx_wavelength             ? 
_diffrn_source.pdbx_synchrotron_beamline   BL-17A 
_diffrn_source.pdbx_synchrotron_site       'Photon Factory' 
# 
_reflns.B_iso_Wilson_estimate            7.906 
_reflns.entry_id                         7BSF 
_reflns.data_reduction_details           ? 
_reflns.data_reduction_method            ? 
_reflns.d_resolution_high                1.100 
_reflns.d_resolution_low                 28.430 
_reflns.details                          ? 
_reflns.limit_h_max                      ? 
_reflns.limit_h_min                      ? 
_reflns.limit_k_max                      ? 
_reflns.limit_k_min                      ? 
_reflns.limit_l_max                      ? 
_reflns.limit_l_min                      ? 
_reflns.number_all                       ? 
_reflns.number_obs                       33404 
_reflns.observed_criterion               ? 
_reflns.observed_criterion_F_max         ? 
_reflns.observed_criterion_F_min         ? 
_reflns.observed_criterion_I_max         ? 
_reflns.observed_criterion_I_min         ? 
_reflns.observed_criterion_sigma_F       ? 
_reflns.observed_criterion_sigma_I       ? 
_reflns.percent_possible_obs             99.600 
_reflns.R_free_details                   ? 
_reflns.Rmerge_F_all                     ? 
_reflns.Rmerge_F_obs                     ? 
_reflns.Friedel_coverage                 ? 
_reflns.number_gt                        ? 
_reflns.threshold_expression             ? 
_reflns.pdbx_redundancy                  6.812 
_reflns.pdbx_Rmerge_I_obs                0.089 
_reflns.pdbx_Rmerge_I_all                ? 
_reflns.pdbx_Rsym_value                  ? 
_reflns.pdbx_netI_over_av_sigmaI         ? 
_reflns.pdbx_netI_over_sigmaI            14.100 
_reflns.pdbx_res_netI_over_av_sigmaI_2   ? 
_reflns.pdbx_res_netI_over_sigmaI_2      ? 
_reflns.pdbx_chi_squared                 1.044 
_reflns.pdbx_scaling_rejects             ? 
_reflns.pdbx_d_res_high_opt              ? 
_reflns.pdbx_d_res_low_opt               ? 
_reflns.pdbx_d_res_opt_method            ? 
_reflns.phase_calculation_details        ? 
_reflns.pdbx_Rrim_I_all                  0.097 
_reflns.pdbx_Rpim_I_all                  ? 
_reflns.pdbx_d_opt                       ? 
_reflns.pdbx_number_measured_all         227563 
_reflns.pdbx_diffrn_id                   1 
_reflns.pdbx_ordinal                     1 
_reflns.pdbx_CC_half                     0.998 
_reflns.pdbx_CC_star                     ? 
_reflns.pdbx_R_split                     ? 
# 
loop_
_reflns_shell.d_res_high 
_reflns_shell.d_res_low 
_reflns_shell.meanI_over_sigI_all 
_reflns_shell.meanI_over_sigI_obs 
_reflns_shell.number_measured_all 
_reflns_shell.number_measured_obs 
_reflns_shell.number_possible 
_reflns_shell.number_unique_all 
_reflns_shell.number_unique_obs 
_reflns_shell.percent_possible_all 
_reflns_shell.percent_possible_obs 
_reflns_shell.Rmerge_F_all 
_reflns_shell.Rmerge_F_obs 
_reflns_shell.Rmerge_I_all 
_reflns_shell.Rmerge_I_obs 
_reflns_shell.meanI_over_sigI_gt 
_reflns_shell.meanI_over_uI_all 
_reflns_shell.meanI_over_uI_gt 
_reflns_shell.number_measured_gt 
_reflns_shell.number_unique_gt 
_reflns_shell.percent_possible_gt 
_reflns_shell.Rmerge_F_gt 
_reflns_shell.Rmerge_I_gt 
_reflns_shell.pdbx_redundancy 
_reflns_shell.pdbx_Rsym_value 
_reflns_shell.pdbx_chi_squared 
_reflns_shell.pdbx_netI_over_sigmaI_all 
_reflns_shell.pdbx_netI_over_sigmaI_obs 
_reflns_shell.pdbx_Rrim_I_all 
_reflns_shell.pdbx_Rpim_I_all 
_reflns_shell.pdbx_rejects 
_reflns_shell.pdbx_ordinal 
_reflns_shell.pdbx_diffrn_id 
_reflns_shell.pdbx_CC_half 
_reflns_shell.pdbx_CC_star 
_reflns_shell.pdbx_R_split 
1.100 1.130  ? 5.410  ? 14939 2477 ? 2419 97.700  ? ? ? ? 0.275 ? ? ? ? ? ? ? ? 6.176 ? ? ? ? 0.300 ? ? 1  1 0.960 ? ? 
1.130 1.160  ? 6.930  ? 16225 2407 ? 2394 99.500  ? ? ? ? 0.224 ? ? ? ? ? ? ? ? 6.777 ? ? ? ? 0.242 ? ? 2  1 0.976 ? ? 
1.160 1.190  ? 8.250  ? 16100 2379 ? 2362 99.300  ? ? ? ? 0.186 ? ? ? ? ? ? ? ? 6.816 ? ? ? ? 0.201 ? ? 3  1 0.984 ? ? 
1.190 1.230  ? 9.750  ? 15080 2258 ? 2239 99.200  ? ? ? ? 0.163 ? ? ? ? ? ? ? ? 6.735 ? ? ? ? 0.177 ? ? 4  1 0.983 ? ? 
1.230 1.270  ? 10.490 ? 15062 2246 ? 2236 99.600  ? ? ? ? 0.149 ? ? ? ? ? ? ? ? 6.736 ? ? ? ? 0.161 ? ? 5  1 0.988 ? ? 
1.270 1.310  ? 11.530 ? 14123 2128 ? 2124 99.800  ? ? ? ? 0.131 ? ? ? ? ? ? ? ? 6.649 ? ? ? ? 0.143 ? ? 6  1 0.990 ? ? 
1.310 1.360  ? 12.020 ? 13228 2074 ? 2071 99.900  ? ? ? ? 0.125 ? ? ? ? ? ? ? ? 6.387 ? ? ? ? 0.136 ? ? 7  1 0.991 ? ? 
1.360 1.420  ? 11.930 ? 12091 1992 ? 1989 99.800  ? ? ? ? 0.121 ? ? ? ? ? ? ? ? 6.079 ? ? ? ? 0.132 ? ? 8  1 0.990 ? ? 
1.420 1.480  ? 13.360 ? 13550 1915 ? 1915 100.000 ? ? ? ? 0.118 ? ? ? ? ? ? ? ? 7.076 ? ? ? ? 0.127 ? ? 9  1 0.993 ? ? 
1.480 1.550  ? 14.340 ? 13012 1798 ? 1798 100.000 ? ? ? ? 0.109 ? ? ? ? ? ? ? ? 7.237 ? ? ? ? 0.118 ? ? 10 1 0.995 ? ? 
1.550 1.640  ? 15.110 ? 12568 1730 ? 1729 99.900  ? ? ? ? 0.105 ? ? ? ? ? ? ? ? 7.269 ? ? ? ? 0.114 ? ? 11 1 0.994 ? ? 
1.640 1.740  ? 16.310 ? 11899 1643 ? 1643 100.000 ? ? ? ? 0.098 ? ? ? ? ? ? ? ? 7.242 ? ? ? ? 0.106 ? ? 12 1 0.995 ? ? 
1.740 1.860  ? 19.160 ? 11116 1553 ? 1553 100.000 ? ? ? ? 0.087 ? ? ? ? ? ? ? ? 7.158 ? ? ? ? 0.094 ? ? 13 1 0.995 ? ? 
1.860 2.010  ? 20.830 ? 10004 1423 ? 1423 100.000 ? ? ? ? 0.075 ? ? ? ? ? ? ? ? 7.030 ? ? ? ? 0.081 ? ? 14 1 0.996 ? ? 
2.010 2.200  ? 23.360 ? 8912  1323 ? 1323 100.000 ? ? ? ? 0.066 ? ? ? ? ? ? ? ? 6.736 ? ? ? ? 0.072 ? ? 15 1 0.997 ? ? 
2.200 2.460  ? 24.100 ? 7291  1184 ? 1184 100.000 ? ? ? ? 0.060 ? ? ? ? ? ? ? ? 6.158 ? ? ? ? 0.066 ? ? 16 1 0.996 ? ? 
2.460 2.840  ? 26.530 ? 7649  1050 ? 1050 100.000 ? ? ? ? 0.060 ? ? ? ? ? ? ? ? 7.285 ? ? ? ? 0.065 ? ? 17 1 0.997 ? ? 
2.840 3.480  ? 26.060 ? 6840  897  ? 897  100.000 ? ? ? ? 0.064 ? ? ? ? ? ? ? ? 7.625 ? ? ? ? 0.069 ? ? 18 1 0.997 ? ? 
3.480 4.920  ? 27.180 ? 5216  687  ? 687  100.000 ? ? ? ? 0.061 ? ? ? ? ? ? ? ? 7.592 ? ? ? ? 0.065 ? ? 19 1 0.998 ? ? 
4.920 28.430 ? 28.240 ? 2658  370  ? 368  99.500  ? ? ? ? 0.059 ? ? ? ? ? ? ? ? 7.223 ? ? ? ? 0.063 ? ? 20 1 0.998 ? ? 
# 
_refine.aniso_B[1][1]                            ? 
_refine.aniso_B[1][2]                            ? 
_refine.aniso_B[1][3]                            ? 
_refine.aniso_B[2][2]                            ? 
_refine.aniso_B[2][3]                            ? 
_refine.aniso_B[3][3]                            ? 
_refine.B_iso_max                                30.000 
_refine.B_iso_mean                               10.4780 
_refine.B_iso_min                                4.470 
_refine.correlation_coeff_Fo_to_Fc               ? 
_refine.correlation_coeff_Fo_to_Fc_free          ? 
_refine.details                                  ? 
_refine.diff_density_max                         ? 
_refine.diff_density_max_esd                     ? 
_refine.diff_density_min                         ? 
_refine.diff_density_min_esd                     ? 
_refine.diff_density_rms                         ? 
_refine.diff_density_rms_esd                     ? 
_refine.entry_id                                 7BSF 
_refine.pdbx_refine_id                           'X-RAY DIFFRACTION' 
_refine.ls_abs_structure_details                 ? 
_refine.ls_abs_structure_Flack                   ? 
_refine.ls_abs_structure_Flack_esd               ? 
_refine.ls_abs_structure_Rogers                  ? 
_refine.ls_abs_structure_Rogers_esd              ? 
_refine.ls_d_res_high                            1.1000 
_refine.ls_d_res_low                             28.4300 
_refine.ls_extinction_coef                       ? 
_refine.ls_extinction_coef_esd                   ? 
_refine.ls_extinction_expression                 ? 
_refine.ls_extinction_method                     ? 
_refine.ls_goodness_of_fit_all                   ? 
_refine.ls_goodness_of_fit_all_esd               ? 
_refine.ls_goodness_of_fit_obs                   ? 
_refine.ls_goodness_of_fit_obs_esd               ? 
_refine.ls_hydrogen_treatment                    ? 
_refine.ls_matrix_type                           ? 
_refine.ls_number_constraints                    ? 
_refine.ls_number_parameters                     ? 
_refine.ls_number_reflns_all                     ? 
_refine.ls_number_reflns_obs                     33403 
_refine.ls_number_reflns_R_free                  3354 
_refine.ls_number_reflns_R_work                  ? 
_refine.ls_number_restraints                     ? 
_refine.ls_percent_reflns_obs                    99.6100 
_refine.ls_percent_reflns_R_free                 10.0400 
_refine.ls_R_factor_all                          ? 
_refine.ls_R_factor_obs                          0.0757 
_refine.ls_R_factor_R_free                       0.0833 
_refine.ls_R_factor_R_free_error                 ? 
_refine.ls_R_factor_R_free_error_details         ? 
_refine.ls_R_factor_R_work                       0.0749 
_refine.ls_R_Fsqd_factor_obs                     ? 
_refine.ls_R_I_factor_obs                        ? 
_refine.ls_redundancy_reflns_all                 ? 
_refine.ls_redundancy_reflns_obs                 ? 
_refine.ls_restrained_S_all                      ? 
_refine.ls_restrained_S_obs                      ? 
_refine.ls_shift_over_esd_max                    ? 
_refine.ls_shift_over_esd_mean                   ? 
_refine.ls_structure_factor_coef                 ? 
_refine.ls_weighting_details                     ? 
_refine.ls_weighting_scheme                      ? 
_refine.ls_wR_factor_all                         ? 
_refine.ls_wR_factor_obs                         ? 
_refine.ls_wR_factor_R_free                      ? 
_refine.ls_wR_factor_R_work                      ? 
_refine.occupancy_max                            ? 
_refine.occupancy_min                            ? 
_refine.solvent_model_details                    ? 
_refine.solvent_model_param_bsol                 ? 
_refine.solvent_model_param_ksol                 ? 
_refine.pdbx_R_complete                          ? 
_refine.ls_R_factor_gt                           ? 
_refine.ls_goodness_of_fit_gt                    ? 
_refine.ls_goodness_of_fit_ref                   ? 
_refine.ls_shift_over_su_max                     ? 
_refine.ls_shift_over_su_max_lt                  ? 
_refine.ls_shift_over_su_mean                    ? 
_refine.ls_shift_over_su_mean_lt                 ? 
_refine.pdbx_ls_sigma_I                          ? 
_refine.pdbx_ls_sigma_F                          1.370 
_refine.pdbx_ls_sigma_Fsqd                       ? 
_refine.pdbx_data_cutoff_high_absF               ? 
_refine.pdbx_data_cutoff_high_rms_absF           ? 
_refine.pdbx_data_cutoff_low_absF                ? 
_refine.pdbx_isotropic_thermal_model             ? 
_refine.pdbx_ls_cross_valid_method               THROUGHOUT 
_refine.pdbx_method_to_determine_struct          'MOLECULAR REPLACEMENT' 
_refine.pdbx_starting_model                      6JR4 
_refine.pdbx_stereochemistry_target_values       ? 
_refine.pdbx_R_Free_selection_details            ? 
_refine.pdbx_stereochem_target_val_spec_case     ? 
_refine.pdbx_overall_ESU_R                       ? 
_refine.pdbx_overall_ESU_R_Free                  ? 
_refine.pdbx_solvent_vdw_probe_radii             1.1100 
_refine.pdbx_solvent_ion_probe_radii             ? 
_refine.pdbx_solvent_shrinkage_radii             0.9000 
_refine.pdbx_real_space_R                        ? 
_refine.pdbx_density_correlation                 ? 
_refine.pdbx_pd_number_of_powder_patterns        ? 
_refine.pdbx_pd_number_of_points                 ? 
_refine.pdbx_pd_meas_number_of_points            ? 
_refine.pdbx_pd_proc_ls_prof_R_factor            ? 
_refine.pdbx_pd_proc_ls_prof_wR_factor           ? 
_refine.pdbx_pd_Marquardt_correlation_coeff      ? 
_refine.pdbx_pd_Fsqrd_R_factor                   ? 
_refine.pdbx_pd_ls_matrix_band_width             ? 
_refine.pdbx_overall_phase_error                 4.9900 
_refine.pdbx_overall_SU_R_free_Cruickshank_DPI   ? 
_refine.pdbx_overall_SU_R_free_Blow_DPI          ? 
_refine.pdbx_overall_SU_R_Blow_DPI               ? 
_refine.pdbx_TLS_residual_ADP_flag               ? 
_refine.pdbx_diffrn_id                           1 
_refine.overall_SU_B                             ? 
_refine.overall_SU_ML                            0.0500 
_refine.overall_SU_R_Cruickshank_DPI             ? 
_refine.overall_SU_R_free                        ? 
_refine.overall_FOM_free_R_set                   ? 
_refine.overall_FOM_work_R_set                   ? 
_refine.pdbx_average_fsc_overall                 ? 
_refine.pdbx_average_fsc_work                    ? 
_refine.pdbx_average_fsc_free                    ? 
# 
_refine_hist.pdbx_refine_id                   'X-RAY DIFFRACTION' 
_refine_hist.cycle_id                         final 
_refine_hist.details                          ? 
_refine_hist.d_res_high                       1.1000 
_refine_hist.d_res_low                        28.4300 
_refine_hist.number_atoms_solvent             47 
_refine_hist.number_atoms_total               464 
_refine_hist.number_reflns_all                ? 
_refine_hist.number_reflns_obs                ? 
_refine_hist.number_reflns_R_free             ? 
_refine_hist.number_reflns_R_work             ? 
_refine_hist.R_factor_all                     ? 
_refine_hist.R_factor_obs                     ? 
_refine_hist.R_factor_R_free                  ? 
_refine_hist.R_factor_R_work                  ? 
_refine_hist.pdbx_number_residues_total       20 
_refine_hist.pdbx_B_iso_mean_ligand           5.73 
_refine_hist.pdbx_B_iso_mean_solvent          17.28 
_refine_hist.pdbx_number_atoms_protein        0 
_refine_hist.pdbx_number_atoms_nucleic_acid   398 
_refine_hist.pdbx_number_atoms_ligand         19 
_refine_hist.pdbx_number_atoms_lipid          ? 
_refine_hist.pdbx_number_atoms_carb           ? 
_refine_hist.pdbx_pseudo_atom_details         ? 
# 
loop_
_refine_ls_shell.pdbx_refine_id 
_refine_ls_shell.d_res_high 
_refine_ls_shell.d_res_low 
_refine_ls_shell.number_reflns_all 
_refine_ls_shell.number_reflns_obs 
_refine_ls_shell.number_reflns_R_free 
_refine_ls_shell.number_reflns_R_work 
_refine_ls_shell.percent_reflns_obs 
_refine_ls_shell.percent_reflns_R_free 
_refine_ls_shell.R_factor_all 
_refine_ls_shell.R_factor_obs 
_refine_ls_shell.R_factor_R_free 
_refine_ls_shell.R_factor_R_free_error 
_refine_ls_shell.R_factor_R_work 
_refine_ls_shell.redundancy_reflns_all 
_refine_ls_shell.redundancy_reflns_obs 
_refine_ls_shell.wR_factor_all 
_refine_ls_shell.wR_factor_obs 
_refine_ls_shell.wR_factor_R_free 
_refine_ls_shell.wR_factor_R_work 
_refine_ls_shell.pdbx_R_complete 
_refine_ls_shell.pdbx_total_number_of_bins_used 
_refine_ls_shell.pdbx_phase_error 
_refine_ls_shell.pdbx_fsc_work 
_refine_ls_shell.pdbx_fsc_free 
'X-RAY DIFFRACTION' 1.1000 1.1100  1380 . 141 1239 98.0000  . . . 0.1292 0.0000 0.1264 . . . . . . . 24 . . . 
'X-RAY DIFFRACTION' 1.1200 1.1300  1361 . 134 1227 98.0000  . . . 0.1071 0.0000 0.0995 . . . . . . . 24 . . . 
'X-RAY DIFFRACTION' 1.1300 1.1500  1375 . 142 1233 100.0000 . . . 0.0925 0.0000 0.0892 . . . . . . . 24 . . . 
'X-RAY DIFFRACTION' 1.1500 1.1700  1385 . 140 1245 98.0000  . . . 0.0820 0.0000 0.0819 . . . . . . . 24 . . . 
'X-RAY DIFFRACTION' 1.1700 1.1900  1395 . 142 1253 100.0000 . . . 0.0699 0.0000 0.0723 . . . . . . . 24 . . . 
'X-RAY DIFFRACTION' 1.1900 1.2100  1373 . 139 1234 99.0000  . . . 0.0684 0.0000 0.0692 . . . . . . . 24 . . . 
'X-RAY DIFFRACTION' 1.2100 1.2300  1370 . 141 1229 100.0000 . . . 0.0793 0.0000 0.0628 . . . . . . . 24 . . . 
'X-RAY DIFFRACTION' 1.2300 1.2600  1428 . 146 1282 99.0000  . . . 0.0702 0.0000 0.0683 . . . . . . . 24 . . . 
'X-RAY DIFFRACTION' 1.2600 1.2900  1392 . 139 1253 100.0000 . . . 0.0756 0.0000 0.0640 . . . . . . . 24 . . . 
'X-RAY DIFFRACTION' 1.2900 1.3200  1386 . 144 1242 100.0000 . . . 0.0680 0.0000 0.0649 . . . . . . . 24 . . . 
'X-RAY DIFFRACTION' 1.3200 1.3500  1400 . 139 1261 100.0000 . . . 0.0787 0.0000 0.0601 . . . . . . . 24 . . . 
'X-RAY DIFFRACTION' 1.3500 1.3800  1387 . 135 1252 100.0000 . . . 0.0687 0.0000 0.0618 . . . . . . . 24 . . . 
'X-RAY DIFFRACTION' 1.3900 1.4300  1404 . 141 1263 100.0000 . . . 0.0759 0.0000 0.0624 . . . . . . . 24 . . . 
'X-RAY DIFFRACTION' 1.4300 1.4700  1383 . 138 1245 100.0000 . . . 0.0651 0.0000 0.0575 . . . . . . . 24 . . . 
'X-RAY DIFFRACTION' 1.4700 1.5200  1409 . 140 1269 100.0000 . . . 0.0702 0.0000 0.0580 . . . . . . . 24 . . . 
'X-RAY DIFFRACTION' 1.5200 1.5900  1427 . 144 1283 100.0000 . . . 0.0934 0.0000 0.0603 . . . . . . . 24 . . . 
'X-RAY DIFFRACTION' 1.5900 1.6600  1355 . 133 1222 100.0000 . . . 0.0869 0.0000 0.0661 . . . . . . . 24 . . . 
'X-RAY DIFFRACTION' 1.6600 1.7400  1418 . 141 1277 100.0000 . . . 0.0806 0.0000 0.0735 . . . . . . . 24 . . . 
'X-RAY DIFFRACTION' 1.7400 1.8500  1390 . 142 1248 100.0000 . . . 0.0823 0.0000 0.0672 . . . . . . . 24 . . . 
'X-RAY DIFFRACTION' 1.8500 2.0000  1400 . 142 1258 100.0000 . . . 0.0683 0.0000 0.0711 . . . . . . . 24 . . . 
'X-RAY DIFFRACTION' 2.0000 2.2000  1398 . 140 1258 100.0000 . . . 0.0791 0.0000 0.0639 . . . . . . . 24 . . . 
'X-RAY DIFFRACTION' 2.2000 2.5200  1384 . 136 1248 100.0000 . . . 0.0591 0.0000 0.0653 . . . . . . . 24 . . . 
'X-RAY DIFFRACTION' 2.5200 3.1700  1413 . 142 1271 100.0000 . . . 0.1116 0.0000 0.0932 . . . . . . . 24 . . . 
'X-RAY DIFFRACTION' 3.1700 28.4300 1390 . 133 1257 100.0000 . . . 0.1248 0.0000 0.1223 . . . . . . . 24 . . . 
# 
_struct.entry_id                     7BSF 
_struct.title                        'Crystal structure of a NIR-emitting DNA-stabilized Ag16 nanocluster (T5C mutant)' 
_struct.pdbx_model_details           ? 
_struct.pdbx_formula_weight          ? 
_struct.pdbx_formula_weight_method   ? 
_struct.pdbx_model_type_details      ? 
_struct.pdbx_CASP_flag               N 
# 
_struct_keywords.entry_id        7BSF 
_struct_keywords.text            'Nanocluster, Silver, DNA' 
_struct_keywords.pdbx_keywords   DNA 
# 
loop_
_struct_asym.id 
_struct_asym.pdbx_blank_PDB_chainid_flag 
_struct_asym.pdbx_modified 
_struct_asym.entity_id 
_struct_asym.details 
A N N 1 ? 
B N N 1 ? 
C N N 2 ? 
D N N 2 ? 
E N N 2 ? 
F N N 2 ? 
G N N 2 ? 
H N N 2 ? 
I N N 2 ? 
J N N 2 ? 
K N N 2 ? 
L N N 3 ? 
M N N 2 ? 
N N N 2 ? 
O N N 2 ? 
P N N 2 ? 
Q N N 2 ? 
R N N 2 ? 
S N N 2 ? 
T N N 2 ? 
U N N 2 ? 
V N N 4 ? 
W N N 4 ? 
# 
loop_
_struct_conn.id 
_struct_conn.conn_type_id 
_struct_conn.pdbx_leaving_atom_flag 
_struct_conn.pdbx_PDB_id 
_struct_conn.ptnr1_label_asym_id 
_struct_conn.ptnr1_label_comp_id 
_struct_conn.ptnr1_label_seq_id 
_struct_conn.ptnr1_label_atom_id 
_struct_conn.pdbx_ptnr1_label_alt_id 
_struct_conn.pdbx_ptnr1_PDB_ins_code 
_struct_conn.pdbx_ptnr1_standard_comp_id 
_struct_conn.ptnr1_symmetry 
_struct_conn.ptnr2_label_asym_id 
_struct_conn.ptnr2_label_comp_id 
_struct_conn.ptnr2_label_seq_id 
_struct_conn.ptnr2_label_atom_id 
_struct_conn.pdbx_ptnr2_label_alt_id 
_struct_conn.pdbx_ptnr2_PDB_ins_code 
_struct_conn.ptnr1_auth_asym_id 
_struct_conn.ptnr1_auth_comp_id 
_struct_conn.ptnr1_auth_seq_id 
_struct_conn.ptnr2_auth_asym_id 
_struct_conn.ptnr2_auth_comp_id 
_struct_conn.ptnr2_auth_seq_id 
_struct_conn.ptnr2_symmetry 
_struct_conn.pdbx_ptnr3_label_atom_id 
_struct_conn.pdbx_ptnr3_label_seq_id 
_struct_conn.pdbx_ptnr3_label_comp_id 
_struct_conn.pdbx_ptnr3_label_asym_id 
_struct_conn.pdbx_ptnr3_label_alt_id 
_struct_conn.pdbx_ptnr3_PDB_ins_code 
_struct_conn.details 
_struct_conn.pdbx_dist_value 
_struct_conn.pdbx_value_order 
_struct_conn.pdbx_role 
metalc1  metalc ? ? A DC 1 O2  ? ? ? 1_555 C AG  .  AG  ? ? A DC 1   A AG  101 1_555 ? ? ? ? ? ? ?               2.436 ? ? 
metalc2  metalc ? ? A DC 1 N3  ? ? ? 1_555 G AG  .  AG  ? ? A DC 1   A AG  105 1_555 ? ? ? ? ? ? ?               2.299 ? ? 
metalc3  metalc ? ? A DA 2 N1  ? ? ? 1_555 M AG  .  AG  ? ? A DA 2   B AG  101 1_555 ? ? ? ? ? ? ?               2.453 ? ? 
metalc4  metalc ? ? A DC 3 N3  ? ? ? 1_555 C AG  .  AG  ? ? A DC 3   A AG  101 1_555 ? ? ? ? ? ? ?               2.259 ? ? 
metalc5  metalc ? ? A DC 3 OP1 ? ? ? 1_555 L CA  .  CA  ? ? A DC 3   A CA  110 3_654 ? ? ? ? ? ? ?               2.291 ? ? 
metalc6  metalc ? ? A DC 3 O2  ? ? ? 1_555 P AG  .  AG  ? ? A DC 3   B AG  104 1_555 ? ? ? ? ? ? ?               2.679 ? ? 
metalc7  metalc ? ? A DC 4 N3  ? ? ? 1_555 D AG  .  AG  ? ? A DC 4   A AG  102 1_555 ? ? ? ? ? ? ?               2.392 ? ? 
metalc8  metalc ? ? A DC 4 O2  ? ? ? 1_555 P AG  .  AG  ? ? A DC 4   B AG  104 1_555 ? ? ? ? ? ? ?               2.575 ? ? 
metalc9  metalc ? ? A DC 4 O2  ? ? ? 1_555 Q AG  .  AG  ? ? A DC 4   B AG  105 1_555 ? ? ? ? ? ? ?               2.600 ? ? 
metalc10 metalc ? ? A DA 6 OP1 ? ? ? 1_555 F AG  .  AG  ? ? A DA 6   A AG  104 1_555 ? ? ? ? ? ? ?               2.348 ? ? 
metalc11 metalc ? ? A DA 6 N7  ? ? ? 1_555 J AG  .  AG  ? ? A DA 6   A AG  108 1_555 ? ? ? ? ? ? ?               2.283 ? ? 
metalc12 metalc ? ? A DA 6 OP2 ? ? ? 1_555 S AG  .  AG  ? ? A DA 6   B AG  107 1_555 ? ? ? ? ? ? ?               2.351 ? ? 
metalc13 metalc ? ? A DG 7 N7  ? ? ? 1_555 F AG  .  AG  ? ? A DG 7   A AG  104 1_555 ? ? ? ? ? ? ?               2.290 ? ? 
metalc14 metalc ? ? A DG 7 O6  ? ? ? 1_555 I AG  .  AG  ? ? A DG 7   A AG  107 1_555 ? ? ? ? ? ? ?               2.575 ? ? 
metalc15 metalc ? ? A DG 7 O6  ? ? ? 1_555 J AG  .  AG  ? ? A DG 7   A AG  108 1_555 ? ? ? ? ? ? ?               2.463 ? ? 
metalc16 metalc ? ? A DC 8 N3  ? ? ? 1_555 E AG  .  AG  ? ? A DC 8   A AG  103 1_555 ? ? ? ? ? ? ?               2.230 ? ? 
metalc17 metalc ? ? A DC 8 OP1 ? ? ? 1_555 L CA  .  CA  ? ? A DC 8   A CA  110 1_555 ? ? ? ? ? ? ?               2.335 ? ? 
metalc18 metalc ? ? A DG 9 O6  ? ? ? 1_555 D AG  .  AG  ? ? A DG 9   A AG  102 1_555 ? ? ? ? ? ? ?               2.339 ? ? 
metalc19 metalc ? ? A DG 9 N1  ? ? ? 1_555 H AG  .  AG  ? ? A DG 9   A AG  106 1_555 ? ? ? ? ? ? ?               2.286 ? ? 
metalc20 metalc ? ? G AG . AG  ? ? ? 1_555 B DC  4  O2  ? ? A AG 105 B DC  4   1_555 ? ? ? ? ? ? ?               2.468 ? ? 
metalc21 metalc ? ? H AG . AG  ? ? ? 1_555 B DC  4  O2  ? ? A AG 106 B DC  4   1_555 ? ? ? ? ? ? ?               2.665 ? ? 
metalc22 metalc ? ? J AG . AG  ? ? ? 1_555 B DA  6  OP2 ? ? A AG 108 B DA  6   1_555 ? ? ? ? ? ? ?               2.343 ? ? 
metalc23 metalc ? ? L CA . CA  ? ? ? 1_555 V HOH .  O   ? ? A CA 110 A HOH 217 1_555 ? ? ? ? ? ? ?               2.338 ? ? 
metalc24 metalc ? ? L CA . CA  ? ? ? 1_555 V HOH .  O   ? ? A CA 110 A HOH 218 1_555 ? ? ? ? ? ? ?               2.410 ? ? 
metalc25 metalc ? ? L CA . CA  ? ? ? 1_555 V HOH .  O   ? ? A CA 110 A HOH 222 1_555 ? ? ? ? ? ? ?               2.366 ? ? 
metalc26 metalc ? ? L CA . CA  ? ? ? 3_554 B DC  3  OP1 ? ? A CA 110 B DC  3   1_555 ? ? ? ? ? ? ?               2.255 ? ? 
metalc27 metalc ? ? B DC 1 O2  ? ? ? 1_555 M AG  .  AG  ? ? B DC 1   B AG  101 1_555 ? ? ? ? ? ? ?               2.544 ? ? 
metalc28 metalc ? ? B DC 1 N3  ? ? ? 1_555 P AG  .  AG  ? ? B DC 1   B AG  104 1_555 ? ? ? ? ? ? ?               2.296 ? ? 
metalc29 metalc ? ? B DC 3 N3  ? ? ? 1_555 M AG  .  AG  ? ? B DC 3   B AG  101 1_555 ? ? ? ? ? ? ?               2.303 ? ? 
metalc30 metalc ? ? B DC 4 N3  ? ? ? 1_555 N AG  .  AG  ? ? B DC 4   B AG  102 1_555 ? ? ? ? ? ? ?               2.404 ? ? 
metalc31 metalc ? ? B DA 6 OP1 ? ? ? 1_555 O AG  .  AG  ? ? B DA 6   B AG  103 1_555 ? ? ? ? ? ? ?               2.350 ? ? 
metalc32 metalc ? ? B DA 6 N7  ? ? ? 1_555 S AG  .  AG  ? ? B DA 6   B AG  107 1_555 ? ? ? ? ? ? ?               2.274 ? ? 
metalc33 metalc ? ? B DG 7 N7  ? ? ? 1_555 O AG  .  AG  ? ? B DG 7   B AG  103 1_555 ? ? ? ? ? ? ?               2.330 ? ? 
metalc34 metalc ? ? B DG 7 O6  ? ? ? 1_555 R AG  .  AG  ? ? B DG 7   B AG  106 1_555 ? ? ? ? ? ? ?               2.652 ? ? 
metalc35 metalc ? ? B DG 7 O6  ? ? ? 1_555 S AG  .  AG  ? ? B DG 7   B AG  107 1_555 ? ? ? ? ? ? ?               2.399 ? ? 
metalc36 metalc ? ? B DC 8 O2  ? ? ? 1_555 R AG  .  AG  ? ? B DC 8   B AG  106 1_555 ? ? ? ? ? ? ?               2.566 ? ? 
metalc37 metalc ? ? B DC 8 N3  ? ? ? 1_555 U AG  .  AG  ? ? B DC 8   B AG  109 1_555 ? ? ? ? ? ? ?               2.235 ? ? 
metalc38 metalc ? ? B DG 9 O6  ? ? ? 1_555 N AG  .  AG  ? ? B DG 9   B AG  102 1_555 ? ? ? ? ? ? ?               2.379 ? ? 
metalc39 metalc ? ? B DG 9 N1  ? ? ? 1_555 Q AG  .  AG  ? ? B DG 9   B AG  105 1_555 ? ? ? ? ? ? ?               2.272 ? ? 
hydrog1  hydrog ? ? A DC 1 O2  ? ? ? 1_555 A DC  3  N4  ? ? A DC 1   A DC  3   1_555 ? ? ? ? ? ? 'DC-DC MISPAIR' ?     ? ? 
hydrog2  hydrog ? ? A DC 1 N4  ? ? ? 1_555 B DC  3  O2  ? ? A DC 1   B DC  3   1_555 ? ? ? ? ? ? 'DC-DC MISPAIR' ?     ? ? 
hydrog3  hydrog ? ? A DC 1 N4  ? ? ? 1_555 B DC  4  O2  ? ? A DC 1   B DC  4   1_555 ? ? ? ? ? ? 'DC-DC MISPAIR' ?     ? ? 
hydrog4  hydrog ? ? A DA 2 N6  ? ? ? 1_555 B DC  3  O2  ? ? A DA 2   B DC  3   1_555 ? ? ? ? ? ? 'DA-DC MISPAIR' ?     ? ? 
hydrog5  hydrog ? ? A DC 3 O2  ? ? ? 1_555 B DC  1  N4  ? ? A DC 3   B DC  1   1_555 ? ? ? ? ? ? 'DC-DC MISPAIR' ?     ? ? 
hydrog6  hydrog ? ? A DC 4 N4  ? ? ? 1_555 A DG  9  O6  ? ? A DC 4   A DG  9   1_555 ? ? ? ? ? ? 'DC-DG PAIR'    ?     ? ? 
hydrog7  hydrog ? ? A DC 4 O2  ? ? ? 1_555 B DC  1  N4  ? ? A DC 4   B DC  1   1_555 ? ? ? ? ? ? 'DC-DC MISPAIR' ?     ? ? 
hydrog8  hydrog ? ? A DC 4 O2  ? ? ? 1_555 B DG  9  N2  ? ? A DC 4   B DG  9   1_555 ? ? ? ? ? ? 'DC-DG PAIR'    ?     ? ? 
hydrog9  hydrog ? ? A DC 5 O2  ? ? ? 1_555 B DG  7  N1  ? ? A DC 5   B DG  7   1_555 ? ? ? ? ? ? 'DC-DG PAIR'    ?     ? ? 
hydrog10 hydrog ? ? A DG 7 N1  ? ? ? 1_555 B DC  5  O2  ? ? A DG 7   B DC  5   1_555 ? ? ? ? ? ? 'DG-DC PAIR'    ?     ? ? 
hydrog11 hydrog ? ? A DG 9 N1  ? ? ? 1_555 B DC  4  O2  ? ? A DG 9   B DC  4   1_555 ? ? ? ? ? ? 'DG-DC PAIR'    ?     ? ? 
hydrog12 hydrog ? ? B DC 1 O2  ? ? ? 1_555 B DC  3  N4  ? ? B DC 1   B DC  3   1_555 ? ? ? ? ? ? 'DC-DC MISPAIR' ?     ? ? 
hydrog13 hydrog ? ? B DC 4 N4  ? ? ? 1_555 B DG  9  O6  ? ? B DC 4   B DG  9   1_555 ? ? ? ? ? ? 'DC-DG PAIR'    ?     ? ? 
hydrog14 hydrog ? ? B DC 8 O2  ? ? ? 1_555 B DA  10 N6  ? ? B DC 8   B DA  10  1_555 ? ? ? ? ? ? 'DC-DA MISPAIR' ?     ? ? 
# 
loop_
_struct_conn_type.id 
_struct_conn_type.criteria 
_struct_conn_type.reference 
metalc ? ? 
hydrog ? ? 
# 
loop_
_struct_site.id 
_struct_site.pdbx_evidence_code 
_struct_site.pdbx_auth_asym_id 
_struct_site.pdbx_auth_comp_id 
_struct_site.pdbx_auth_seq_id 
_struct_site.pdbx_auth_ins_code 
_struct_site.pdbx_num_residues 
_struct_site.details 
AC1 Software A AG 101 ? 9  'binding site for residue AG A 101' 
AC2 Software A AG 102 ? 9  'binding site for residue AG A 102' 
AC3 Software A AG 103 ? 10 'binding site for residue AG A 103' 
AC4 Software A AG 104 ? 8  'binding site for residue AG A 104' 
AC5 Software A AG 105 ? 9  'binding site for residue AG A 105' 
AC6 Software A AG 106 ? 10 'binding site for residue AG A 106' 
AC7 Software A AG 107 ? 10 'binding site for residue AG A 107' 
AC8 Software A AG 108 ? 7  'binding site for residue AG A 108' 
AC9 Software A AG 109 ? 7  'binding site for residue AG A 109' 
AD1 Software A CA 110 ? 7  'binding site for residue CA A 110' 
AD2 Software B AG 101 ? 7  'binding site for residue AG B 101' 
AD3 Software B AG 102 ? 10 'binding site for residue AG B 102' 
AD4 Software B AG 103 ? 8  'binding site for residue AG B 103' 
AD5 Software B AG 104 ? 9  'binding site for residue AG B 104' 
AD6 Software B AG 105 ? 10 'binding site for residue AG B 105' 
AD7 Software B AG 106 ? 10 'binding site for residue AG B 106' 
AD8 Software B AG 107 ? 7  'binding site for residue AG B 107' 
AD9 Software B AG 108 ? 8  'binding site for residue AG B 108' 
AE1 Software B AG 109 ? 10 'binding site for residue AG B 109' 
# 
loop_
_struct_site_gen.id 
_struct_site_gen.site_id 
_struct_site_gen.pdbx_num_res 
_struct_site_gen.label_comp_id 
_struct_site_gen.label_asym_id 
_struct_site_gen.label_seq_id 
_struct_site_gen.pdbx_auth_ins_code 
_struct_site_gen.auth_comp_id 
_struct_site_gen.auth_asym_id 
_struct_site_gen.auth_seq_id 
_struct_site_gen.label_atom_id 
_struct_site_gen.label_alt_id 
_struct_site_gen.symmetry 
_struct_site_gen.details 
1   AC1 9  DC  A 1 ? DC  A 1   . ? 1_555 ? 
2   AC1 9  DA  A 2 ? DA  A 2   . ? 1_555 ? 
3   AC1 9  DC  A 3 ? DC  A 3   . ? 1_555 ? 
4   AC1 9  DC  A 4 ? DC  A 4   . ? 1_555 ? 
5   AC1 9  DG  A 9 ? DG  A 9   . ? 1_555 ? 
6   AC1 9  AG  D . ? AG  A 102 . ? 1_555 ? 
7   AC1 9  AG  G . ? AG  A 105 . ? 1_555 ? 
8   AC1 9  AG  M . ? AG  B 101 . ? 1_555 ? 
9   AC1 9  AG  P . ? AG  B 104 . ? 1_555 ? 
10  AC2 9  DC  A 4 ? DC  A 4   . ? 1_555 ? 
11  AC2 9  DG  A 9 ? DG  A 9   . ? 1_555 ? 
12  AC2 9  AG  C . ? AG  A 101 . ? 1_555 ? 
13  AC2 9  AG  E . ? AG  A 103 . ? 1_555 ? 
14  AC2 9  AG  G . ? AG  A 105 . ? 1_555 ? 
15  AC2 9  AG  H . ? AG  A 106 . ? 1_555 ? 
16  AC2 9  AG  N . ? AG  B 102 . ? 1_555 ? 
17  AC2 9  AG  P . ? AG  B 104 . ? 1_555 ? 
18  AC2 9  AG  Q . ? AG  B 105 . ? 1_555 ? 
19  AC3 10 DC  A 4 ? DC  A 4   . ? 1_555 ? 
20  AC3 10 DC  A 8 ? DC  A 8   . ? 1_555 ? 
21  AC3 10 AG  D . ? AG  A 102 . ? 1_555 ? 
22  AC3 10 AG  F . ? AG  A 104 . ? 1_555 ? 
23  AC3 10 AG  H . ? AG  A 106 . ? 1_555 ? 
24  AC3 10 AG  I . ? AG  A 107 . ? 1_555 ? 
25  AC3 10 AG  K . ? AG  A 109 . ? 1_555 ? 
26  AC3 10 AG  Q . ? AG  B 105 . ? 1_555 ? 
27  AC3 10 AG  R . ? AG  B 106 . ? 1_555 ? 
28  AC3 10 AG  U . ? AG  B 109 . ? 1_555 ? 
29  AC4 8  DA  A 6 ? DA  A 6   . ? 1_555 ? 
30  AC4 8  DG  A 7 ? DG  A 7   . ? 1_555 ? 
31  AC4 8  DC  A 8 ? DC  A 8   . ? 1_555 ? 
32  AC4 8  AG  E . ? AG  A 103 . ? 1_555 ? 
33  AC4 8  AG  I . ? AG  A 107 . ? 1_555 ? 
34  AC4 8  AG  J . ? AG  A 108 . ? 1_555 ? 
35  AC4 8  AG  R . ? AG  B 106 . ? 1_555 ? 
36  AC4 8  AG  S . ? AG  B 107 . ? 1_555 ? 
37  AC5 9  DC  A 1 ? DC  A 1   . ? 1_555 ? 
38  AC5 9  DG  A 9 ? DG  A 9   . ? 1_555 ? 
39  AC5 9  AG  C . ? AG  A 101 . ? 1_555 ? 
40  AC5 9  AG  D . ? AG  A 102 . ? 1_555 ? 
41  AC5 9  AG  H . ? AG  A 106 . ? 1_555 ? 
42  AC5 9  DC  B 3 ? DC  B 3   . ? 1_555 ? 
43  AC5 9  DC  B 4 ? DC  B 4   . ? 1_555 ? 
44  AC5 9  AG  M . ? AG  B 101 . ? 1_555 ? 
45  AC5 9  AG  N . ? AG  B 102 . ? 1_555 ? 
46  AC6 10 DC  A 8 ? DC  A 8   . ? 1_555 ? 
47  AC6 10 DG  A 9 ? DG  A 9   . ? 1_555 ? 
48  AC6 10 AG  D . ? AG  A 102 . ? 1_555 ? 
49  AC6 10 AG  E . ? AG  A 103 . ? 1_555 ? 
50  AC6 10 AG  G . ? AG  A 105 . ? 1_555 ? 
51  AC6 10 AG  I . ? AG  A 107 . ? 1_555 ? 
52  AC6 10 DC  B 4 ? DC  B 4   . ? 1_555 ? 
53  AC6 10 AG  N . ? AG  B 102 . ? 1_555 ? 
54  AC6 10 AG  T . ? AG  B 108 . ? 1_555 ? 
55  AC6 10 AG  U . ? AG  B 109 . ? 1_555 ? 
56  AC7 10 DG  A 7 ? DG  A 7   . ? 1_555 ? 
57  AC7 10 DC  A 8 ? DC  A 8   . ? 1_555 ? 
58  AC7 10 AG  E . ? AG  A 103 . ? 1_555 ? 
59  AC7 10 AG  F . ? AG  A 104 . ? 1_555 ? 
60  AC7 10 AG  H . ? AG  A 106 . ? 1_555 ? 
61  AC7 10 AG  J . ? AG  A 108 . ? 1_555 ? 
62  AC7 10 AG  O . ? AG  B 103 . ? 1_555 ? 
63  AC7 10 AG  R . ? AG  B 106 . ? 1_555 ? 
64  AC7 10 AG  T . ? AG  B 108 . ? 1_555 ? 
65  AC7 10 AG  U . ? AG  B 109 . ? 1_555 ? 
66  AC8 7  DA  A 6 ? DA  A 6   . ? 1_555 ? 
67  AC8 7  DG  A 7 ? DG  A 7   . ? 1_555 ? 
68  AC8 7  AG  F . ? AG  A 104 . ? 1_555 ? 
69  AC8 7  AG  I . ? AG  A 107 . ? 1_555 ? 
70  AC8 7  DA  B 6 ? DA  B 6   . ? 1_555 ? 
71  AC8 7  AG  O . ? AG  B 103 . ? 1_555 ? 
72  AC8 7  AG  S . ? AG  B 107 . ? 1_555 ? 
73  AC9 7  DC  A 4 ? DC  A 4   . ? 1_555 ? 
74  AC9 7  DC  A 5 ? DC  A 5   . ? 1_555 ? 
75  AC9 7  DC  A 8 ? DC  A 8   . ? 1_555 ? 
76  AC9 7  AG  E . ? AG  A 103 . ? 1_555 ? 
77  AC9 7  DG  B 9 ? DG  B 9   . ? 1_555 ? 
78  AC9 7  AG  Q . ? AG  B 105 . ? 1_555 ? 
79  AC9 7  AG  R . ? AG  B 106 . ? 1_555 ? 
80  AD1 7  DC  A 3 ? DC  A 3   . ? 3_644 ? 
81  AD1 7  DG  A 7 ? DG  A 7   . ? 1_555 ? 
82  AD1 7  DC  A 8 ? DC  A 8   . ? 1_555 ? 
83  AD1 7  HOH V . ? HOH A 217 . ? 1_555 ? 
84  AD1 7  HOH V . ? HOH A 218 . ? 1_555 ? 
85  AD1 7  HOH V . ? HOH A 222 . ? 1_555 ? 
86  AD1 7  DC  B 3 ? DC  B 3   . ? 3_544 ? 
87  AD2 7  DA  A 2 ? DA  A 2   . ? 1_555 ? 
88  AD2 7  AG  C . ? AG  A 101 . ? 1_555 ? 
89  AD2 7  AG  G . ? AG  A 105 . ? 1_555 ? 
90  AD2 7  DC  B 1 ? DC  B 1   . ? 1_555 ? 
91  AD2 7  DC  B 3 ? DC  B 3   . ? 1_555 ? 
92  AD2 7  AG  N . ? AG  B 102 . ? 1_555 ? 
93  AD2 7  AG  P . ? AG  B 104 . ? 1_555 ? 
94  AD3 10 AG  D . ? AG  A 102 . ? 1_555 ? 
95  AD3 10 AG  G . ? AG  A 105 . ? 1_555 ? 
96  AD3 10 AG  H . ? AG  A 106 . ? 1_555 ? 
97  AD3 10 DC  B 3 ? DC  B 3   . ? 1_555 ? 
98  AD3 10 DC  B 4 ? DC  B 4   . ? 1_555 ? 
99  AD3 10 DG  B 9 ? DG  B 9   . ? 1_555 ? 
100 AD3 10 AG  M . ? AG  B 101 . ? 1_555 ? 
101 AD3 10 AG  P . ? AG  B 104 . ? 1_555 ? 
102 AD3 10 AG  Q . ? AG  B 105 . ? 1_555 ? 
103 AD3 10 AG  U . ? AG  B 109 . ? 1_555 ? 
104 AD4 8  AG  I . ? AG  A 107 . ? 1_555 ? 
105 AD4 8  AG  J . ? AG  A 108 . ? 1_555 ? 
106 AD4 8  DA  B 6 ? DA  B 6   . ? 1_555 ? 
107 AD4 8  DG  B 7 ? DG  B 7   . ? 1_555 ? 
108 AD4 8  DC  B 8 ? DC  B 8   . ? 1_555 ? 
109 AD4 8  AG  R . ? AG  B 106 . ? 1_555 ? 
110 AD4 8  AG  S . ? AG  B 107 . ? 1_555 ? 
111 AD4 8  AG  U . ? AG  B 109 . ? 1_555 ? 
112 AD5 9  DC  A 3 ? DC  A 3   . ? 1_555 ? 
113 AD5 9  DC  A 4 ? DC  A 4   . ? 1_555 ? 
114 AD5 9  AG  C . ? AG  A 101 . ? 1_555 ? 
115 AD5 9  AG  D . ? AG  A 102 . ? 1_555 ? 
116 AD5 9  DC  B 1 ? DC  B 1   . ? 1_555 ? 
117 AD5 9  DG  B 9 ? DG  B 9   . ? 1_555 ? 
118 AD5 9  AG  M . ? AG  B 101 . ? 1_555 ? 
119 AD5 9  AG  N . ? AG  B 102 . ? 1_555 ? 
120 AD5 9  AG  Q . ? AG  B 105 . ? 1_555 ? 
121 AD6 10 DC  A 4 ? DC  A 4   . ? 1_555 ? 
122 AD6 10 AG  D . ? AG  A 102 . ? 1_555 ? 
123 AD6 10 AG  E . ? AG  A 103 . ? 1_555 ? 
124 AD6 10 AG  K . ? AG  A 109 . ? 1_555 ? 
125 AD6 10 DC  B 8 ? DC  B 8   . ? 1_555 ? 
126 AD6 10 DG  B 9 ? DG  B 9   . ? 1_555 ? 
127 AD6 10 AG  N . ? AG  B 102 . ? 1_555 ? 
128 AD6 10 AG  P . ? AG  B 104 . ? 1_555 ? 
129 AD6 10 AG  R . ? AG  B 106 . ? 1_555 ? 
130 AD6 10 AG  U . ? AG  B 109 . ? 1_555 ? 
131 AD7 10 AG  E . ? AG  A 103 . ? 1_555 ? 
132 AD7 10 AG  F . ? AG  A 104 . ? 1_555 ? 
133 AD7 10 AG  I . ? AG  A 107 . ? 1_555 ? 
134 AD7 10 AG  K . ? AG  A 109 . ? 1_555 ? 
135 AD7 10 DG  B 7 ? DG  B 7   . ? 1_555 ? 
136 AD7 10 DC  B 8 ? DC  B 8   . ? 1_555 ? 
137 AD7 10 AG  O . ? AG  B 103 . ? 1_555 ? 
138 AD7 10 AG  Q . ? AG  B 105 . ? 1_555 ? 
139 AD7 10 AG  S . ? AG  B 107 . ? 1_555 ? 
140 AD7 10 AG  U . ? AG  B 109 . ? 1_555 ? 
141 AD8 7  DA  A 6 ? DA  A 6   . ? 1_555 ? 
142 AD8 7  AG  F . ? AG  A 104 . ? 1_555 ? 
143 AD8 7  AG  J . ? AG  A 108 . ? 1_555 ? 
144 AD8 7  DA  B 6 ? DA  B 6   . ? 1_555 ? 
145 AD8 7  DG  B 7 ? DG  B 7   . ? 1_555 ? 
146 AD8 7  AG  O . ? AG  B 103 . ? 1_555 ? 
147 AD8 7  AG  R . ? AG  B 106 . ? 1_555 ? 
148 AD9 8  DG  A 9 ? DG  A 9   . ? 1_555 ? 
149 AD9 8  AG  H . ? AG  A 106 . ? 1_555 ? 
150 AD9 8  AG  I . ? AG  A 107 . ? 1_555 ? 
151 AD9 8  DC  B 4 ? DC  B 4   . ? 1_555 ? 
152 AD9 8  DC  B 5 ? DC  B 5   . ? 1_555 ? 
153 AD9 8  DA  B 6 ? DA  B 6   . ? 1_555 ? 
154 AD9 8  DC  B 8 ? DC  B 8   . ? 1_555 ? 
155 AD9 8  AG  U . ? AG  B 109 . ? 1_555 ? 
156 AE1 10 AG  E . ? AG  A 103 . ? 1_555 ? 
157 AE1 10 AG  H . ? AG  A 106 . ? 1_555 ? 
158 AE1 10 AG  I . ? AG  A 107 . ? 1_555 ? 
159 AE1 10 DC  B 4 ? DC  B 4   . ? 1_555 ? 
160 AE1 10 DC  B 8 ? DC  B 8   . ? 1_555 ? 
161 AE1 10 AG  N . ? AG  B 102 . ? 1_555 ? 
162 AE1 10 AG  O . ? AG  B 103 . ? 1_555 ? 
163 AE1 10 AG  Q . ? AG  B 105 . ? 1_555 ? 
164 AE1 10 AG  R . ? AG  B 106 . ? 1_555 ? 
165 AE1 10 AG  T . ? AG  B 108 . ? 1_555 ? 
# 
_atom_sites.entry_id                    7BSF 
_atom_sites.Cartn_transf_matrix[1][1]   ? 
_atom_sites.Cartn_transf_matrix[1][2]   ? 
_atom_sites.Cartn_transf_matrix[1][3]   ? 
_atom_sites.Cartn_transf_matrix[2][1]   ? 
_atom_sites.Cartn_transf_matrix[2][2]   ? 
_atom_sites.Cartn_transf_matrix[2][3]   ? 
_atom_sites.Cartn_transf_matrix[3][1]   ? 
_atom_sites.Cartn_transf_matrix[3][2]   ? 
_atom_sites.Cartn_transf_matrix[3][3]   ? 
_atom_sites.Cartn_transf_vector[1]      ? 
_atom_sites.Cartn_transf_vector[2]      ? 
_atom_sites.Cartn_transf_vector[3]      ? 
_atom_sites.fract_transf_matrix[1][1]   -0.02535682 
_atom_sites.fract_transf_matrix[1][2]   -0.01112175 
_atom_sites.fract_transf_matrix[1][3]   -0.03123405 
_atom_sites.fract_transf_matrix[2][1]   -0.01109176 
_atom_sites.fract_transf_matrix[2][2]   -0.02172015 
_atom_sites.fract_transf_matrix[2][3]   0.01673871 
_atom_sites.fract_transf_matrix[3][1]   -0.01333198 
_atom_sites.fract_transf_matrix[3][2]   0.01188724 
_atom_sites.fract_transf_matrix[3][3]   0.00659056 
_atom_sites.fract_transf_vector[1]      0.080788 
_atom_sites.fract_transf_vector[2]      0.012999 
_atom_sites.fract_transf_vector[3]      -0.166578 
_atom_sites.solution_primary            ? 
_atom_sites.solution_secondary          ? 
_atom_sites.solution_hydrogens          ? 
_atom_sites.special_details             ? 
# 
loop_
_atom_type.symbol 
AG 
C  
CA 
H  
N  
O  
P  
# 
loop_
_atom_site.group_PDB 
_atom_site.id 
_atom_site.type_symbol 
_atom_site.label_atom_id 
_atom_site.label_alt_id 
_atom_site.label_comp_id 
_atom_site.label_asym_id 
_atom_site.label_entity_id 
_atom_site.label_seq_id 
_atom_site.pdbx_PDB_ins_code 
_atom_site.Cartn_x 
_atom_site.Cartn_y 
_atom_site.Cartn_z 
_atom_site.occupancy 
_atom_site.B_iso_or_equiv 
_atom_site.pdbx_formal_charge 
_atom_site.auth_seq_id 
_atom_site.auth_comp_id 
_atom_site.auth_asym_id 
_atom_site.auth_atom_id 
_atom_site.pdbx_PDB_model_num 
ATOM   1   O  "O5'"  . DC  A 1 1  ? 5.604   -8.853  -2.162  1.00 13.22 ? 1   DC  A "O5'"  1 
ATOM   2   C  "C5'"  . DC  A 1 1  ? 4.952   -9.950  -1.544  1.00 11.89 ? 1   DC  A "C5'"  1 
ATOM   3   C  "C4'"  . DC  A 1 1  ? 3.482   -9.658  -1.319  1.00 9.97  ? 1   DC  A "C4'"  1 
ATOM   4   O  "O4'"  . DC  A 1 1  ? 3.322   -8.613  -0.327  1.00 8.49  ? 1   DC  A "O4'"  1 
ATOM   5   C  "C3'"  . DC  A 1 1  ? 2.716   -9.150  -2.522  1.00 9.58  ? 1   DC  A "C3'"  1 
ATOM   6   O  "O3'"  . DC  A 1 1  ? 1.381   -9.555  -2.409  1.00 10.12 ? 1   DC  A "O3'"  1 
ATOM   7   C  "C2'"  . DC  A 1 1  ? 2.860   -7.645  -2.394  1.00 8.60  ? 1   DC  A "C2'"  1 
ATOM   8   C  "C1'"  . DC  A 1 1  ? 2.669   -7.489  -0.912  1.00 7.13  ? 1   DC  A "C1'"  1 
ATOM   9   N  N1     . DC  A 1 1  ? 3.270   -6.297  -0.313  1.00 6.47  ? 1   DC  A N1     1 
ATOM   10  C  C2     . DC  A 1 1  ? 2.462   -5.238  0.097   1.00 5.60  ? 1   DC  A C2     1 
ATOM   11  O  O2     . DC  A 1 1  ? 1.251   -5.274  -0.146  1.00 6.01  ? 1   DC  A O2     1 
ATOM   12  N  N3     . DC  A 1 1  ? 3.030   -4.202  0.744   1.00 5.43  ? 1   DC  A N3     1 
ATOM   13  C  C4     . DC  A 1 1  ? 4.340   -4.199  0.975   1.00 5.81  ? 1   DC  A C4     1 
ATOM   14  N  N4     . DC  A 1 1  ? 4.861   -3.165  1.618   1.00 6.29  ? 1   DC  A N4     1 
ATOM   15  C  C5     . DC  A 1 1  ? 5.175   -5.262  0.559   1.00 7.07  ? 1   DC  A C5     1 
ATOM   16  C  C6     . DC  A 1 1  ? 4.604   -6.284  -0.063  1.00 7.08  ? 1   DC  A C6     1 
ATOM   17  H  "H5'"  . DC  A 1 1  ? 5.374   -10.131 -0.690  1.00 14.27 ? 1   DC  A "H5'"  1 
ATOM   18  H  "H5''" . DC  A 1 1  ? 5.038   -10.731 -2.112  1.00 14.27 ? 1   DC  A "H5''" 1 
ATOM   19  H  "H4'"  . DC  A 1 1  ? 3.070   -10.475 -0.999  1.00 11.97 ? 1   DC  A "H4'"  1 
ATOM   20  H  "H3'"  . DC  A 1 1  ? 3.111   -9.453  -3.354  1.00 11.50 ? 1   DC  A "H3'"  1 
ATOM   21  H  "H2'"  . DC  A 1 1  ? 3.736   -7.339  -2.680  1.00 10.33 ? 1   DC  A "H2'"  1 
ATOM   22  H  "H2''" . DC  A 1 1  ? 2.181   -7.172  -2.898  1.00 10.33 ? 1   DC  A "H2''" 1 
ATOM   23  H  "H1'"  . DC  A 1 1  ? 1.716   -7.482  -0.732  1.00 8.56  ? 1   DC  A "H1'"  1 
ATOM   24  H  H41    . DC  A 1 1  ? 5.705   -3.140  1.779   1.00 7.55  ? 1   DC  A H41    1 
ATOM   25  H  H42    . DC  A 1 1  ? 4.355   -2.519  1.873   1.00 7.55  ? 1   DC  A H42    1 
ATOM   26  H  H5     . DC  A 1 1  ? 6.092   -5.245  0.717   1.00 8.48  ? 1   DC  A H5     1 
ATOM   27  H  H6     . DC  A 1 1  ? 5.126   -7.005  -0.332  1.00 8.50  ? 1   DC  A H6     1 
ATOM   28  H  "HO5'" . DC  A 1 1  ? 5.469   -8.690  -2.975  1.00 15.86 ? 1   DC  A "HO5'" 1 
ATOM   29  P  P      . DA  A 1 2  ? 0.704   -10.456 -3.539  1.00 11.42 ? 2   DA  A P      1 
ATOM   30  O  OP1    . DA  A 1 2  ? 1.333   -11.779 -3.628  1.00 11.78 ? 2   DA  A OP1    1 
ATOM   31  O  OP2    . DA  A 1 2  ? 0.652   -9.698  -4.797  1.00 13.68 ? 2   DA  A OP2    1 
ATOM   32  O  "O5'"  . DA  A 1 2  ? -0.771  -10.613 -2.985  1.00 11.39 ? 2   DA  A "O5'"  1 
ATOM   33  C  "C5'"  . DA  A 1 2  ? -1.617  -9.501  -2.935  1.00 10.81 ? 2   DA  A "C5'"  1 
ATOM   34  C  "C4'"  . DA  A 1 2  ? -2.937  -9.884  -2.303  1.00 9.39  ? 2   DA  A "C4'"  1 
ATOM   35  O  "O4'"  . DA  A 1 2  ? -2.734  -10.200 -0.907  1.00 8.76  ? 2   DA  A "O4'"  1 
ATOM   36  C  "C3'"  . DA  A 1 2  ? -3.978  -8.786  -2.324  1.00 9.92  ? 2   DA  A "C3'"  1 
ATOM   37  O  "O3'"  . DA  A 1 2  ? -5.267  -9.316  -2.427  1.00 9.25  ? 2   DA  A "O3'"  1 
ATOM   38  C  "C2'"  . DA  A 1 2  ? -3.768  -8.061  -1.010  1.00 9.38  ? 2   DA  A "C2'"  1 
ATOM   39  C  "C1'"  . DA  A 1 2  ? -3.077  -9.085  -0.113  1.00 8.16  ? 2   DA  A "C1'"  1 
ATOM   40  N  N9     . DA  A 1 2  ? -1.877  -8.560  0.524   1.00 5.87  ? 2   DA  A N9     1 
ATOM   41  C  C8     . DA  A 1 2  ? -0.619  -9.099  0.509   1.00 6.13  ? 2   DA  A C8     1 
ATOM   42  N  N7     . DA  A 1 2  ? 0.255   -8.414  1.206   1.00 6.00  ? 2   DA  A N7     1 
ATOM   43  C  C5     . DA  A 1 2  ? -0.480  -7.347  1.697   1.00 5.26  ? 2   DA  A C5     1 
ATOM   44  C  C6     . DA  A 1 2  ? -0.124  -6.251  2.499   1.00 5.22  ? 2   DA  A C6     1 
ATOM   45  N  N6     . DA  A 1 2  ? 1.112   -6.043  2.961   1.00 5.39  ? 2   DA  A N6     1 
ATOM   46  N  N1     . DA  A 1 2  ? -1.092  -5.360  2.793   1.00 5.30  ? 2   DA  A N1     1 
ATOM   47  C  C2     . DA  A 1 2  ? -2.332  -5.572  2.342   1.00 5.81  ? 2   DA  A C2     1 
ATOM   48  N  N3     . DA  A 1 2  ? -2.786  -6.569  1.584   1.00 6.26  ? 2   DA  A N3     1 
ATOM   49  C  C4     . DA  A 1 2  ? -1.798  -7.430  1.296   1.00 5.95  ? 2   DA  A C4     1 
ATOM   50  H  "H5'"  . DA  A 1 2  ? -1.771  -9.172  -3.834  1.00 12.98 ? 2   DA  A "H5'"  1 
ATOM   51  H  "H5''" . DA  A 1 2  ? -1.198  -8.800  -2.409  1.00 12.98 ? 2   DA  A "H5''" 1 
ATOM   52  H  "H4'"  . DA  A 1 2  ? -3.288  -10.670 -2.749  1.00 11.27 ? 2   DA  A "H4'"  1 
ATOM   53  H  "H3'"  . DA  A 1 2  ? -3.797  -8.188  -3.066  1.00 11.91 ? 2   DA  A "H3'"  1 
ATOM   54  H  "H2'"  . DA  A 1 2  ? -3.208  -7.279  -1.135  1.00 11.26 ? 2   DA  A "H2'"  1 
ATOM   55  H  "H2''" . DA  A 1 2  ? -4.616  -7.786  -0.629  1.00 11.26 ? 2   DA  A "H2''" 1 
ATOM   56  H  "H1'"  . DA  A 1 2  ? -3.703  -9.391  0.564   1.00 9.79  ? 2   DA  A "H1'"  1 
ATOM   57  H  H8     . DA  A 1 2  ? -0.404  -9.878  0.048   1.00 7.36  ? 2   DA  A H8     1 
ATOM   58  H  H61    . DA  A 1 2  ? 1.282   -5.348  3.439   1.00 6.47  ? 2   DA  A H61    1 
ATOM   59  H  H62    . DA  A 1 2  ? 1.739   -6.605  2.781   1.00 6.47  ? 2   DA  A H62    1 
ATOM   60  H  H2     . DA  A 1 2  ? -2.963  -4.938  2.592   1.00 6.97  ? 2   DA  A H2     1 
ATOM   61  P  P      . DC  A 1 3  ? -6.218  -8.833  -3.619  1.00 9.41  ? 3   DC  A P      1 
ATOM   62  O  OP1    . DC  A 1 3  ? -7.428  -9.682  -3.543  1.00 10.21 ? 3   DC  A OP1    1 
ATOM   63  O  OP2    . DC  A 1 3  ? -5.439  -8.798  -4.879  1.00 11.44 ? 3   DC  A OP2    1 
ATOM   64  O  "O5'"  . DC  A 1 3  ? -6.571  -7.338  -3.264  1.00 10.43 ? 3   DC  A "O5'"  1 
ATOM   65  C  "C5'"  A DC  A 1 3  ? -7.604  -7.000  -2.397  0.44 10.81 ? 3   DC  A "C5'"  1 
ATOM   66  C  "C5'"  B DC  A 1 3  ? -7.487  -7.108  -2.181  0.56 10.67 ? 3   DC  A "C5'"  1 
ATOM   67  C  "C4'"  A DC  A 1 3  ? -7.498  -5.526  -2.129  0.44 10.23 ? 3   DC  A "C4'"  1 
ATOM   68  C  "C4'"  B DC  A 1 3  ? -7.450  -5.674  -1.685  0.56 9.95  ? 3   DC  A "C4'"  1 
ATOM   69  O  "O4'"  A DC  A 1 3  ? -6.266  -5.305  -1.411  0.44 10.18 ? 3   DC  A "O4'"  1 
ATOM   70  O  "O4'"  B DC  A 1 3  ? -6.118  -5.348  -1.198  0.56 9.17  ? 3   DC  A "O4'"  1 
ATOM   71  C  "C3'"  A DC  A 1 3  ? -7.422  -4.678  -3.401  0.44 10.71 ? 3   DC  A "C3'"  1 
ATOM   72  C  "C3'"  B DC  A 1 3  ? -7.785  -4.621  -2.726  0.56 11.09 ? 3   DC  A "C3'"  1 
ATOM   73  O  "O3'"  A DC  A 1 3  ? -8.634  -3.990  -3.629  0.44 11.02 ? 3   DC  A "O3'"  1 
ATOM   74  O  "O3'"  B DC  A 1 3  ? -8.526  -3.592  -2.137  0.56 12.69 ? 3   DC  A "O3'"  1 
ATOM   75  C  "C2'"  A DC  A 1 3  ? -6.278  -3.705  -3.180  0.44 11.23 ? 3   DC  A "C2'"  1 
ATOM   76  C  "C2'"  B DC  A 1 3  ? -6.421  -4.151  -3.203  0.56 10.90 ? 3   DC  A "C2'"  1 
ATOM   77  C  "C1'"  A DC  A 1 3  ? -5.570  -4.193  -1.922  0.44 10.16 ? 3   DC  A "C1'"  1 
ATOM   78  C  "C1'"  B DC  A 1 3  ? -5.574  -4.267  -1.934  0.56 9.78  ? 3   DC  A "C1'"  1 
ATOM   79  N  N1     . DC  A 1 3  ? -4.140  -4.581  -2.139  1.00 8.63  ? 3   DC  A N1     1 
ATOM   80  C  C2     . DC  A 1 3  ? -3.216  -4.244  -1.161  1.00 6.87  ? 3   DC  A C2     1 
ATOM   81  O  O2     . DC  A 1 3  ? -3.616  -3.635  -0.157  1.00 6.49  ? 3   DC  A O2     1 
ATOM   82  N  N3     . DC  A 1 3  ? -1.917  -4.588  -1.338  1.00 6.30  ? 3   DC  A N3     1 
ATOM   83  C  C4     . DC  A 1 3  ? -1.544  -5.242  -2.444  1.00 6.86  ? 3   DC  A C4     1 
ATOM   84  N  N4     . DC  A 1 3  ? -0.261  -5.567  -2.587  1.00 7.48  ? 3   DC  A N4     1 
ATOM   85  C  C5     . DC  A 1 3  ? -2.478  -5.596  -3.450  1.00 7.98  ? 3   DC  A C5     1 
ATOM   86  C  C6     . DC  A 1 3  ? -3.750  -5.260  -3.258  1.00 8.27  ? 3   DC  A C6     1 
ATOM   87  H  "H5'"  A DC  A 1 3  ? -7.520  -7.497  -1.569  0.44 12.98 ? 3   DC  A "H5'"  1 
ATOM   88  H  "H5'"  B DC  A 1 3  ? -7.258  -7.700  -1.447  0.56 12.80 ? 3   DC  A "H5'"  1 
ATOM   89  H  "H5''" A DC  A 1 3  ? -8.460  -7.204  -2.804  0.44 12.98 ? 3   DC  A "H5''" 1 
ATOM   90  H  "H5''" B DC  A 1 3  ? -8.385  -7.313  -2.483  0.56 12.80 ? 3   DC  A "H5''" 1 
ATOM   91  H  "H4'"  A DC  A 1 3  ? -8.241  -5.208  -1.591  0.44 12.28 ? 3   DC  A "H4'"  1 
ATOM   92  H  "H4'"  B DC  A 1 3  ? -8.072  -5.588  -0.946  0.56 11.94 ? 3   DC  A "H4'"  1 
ATOM   93  H  "H3'"  A DC  A 1 3  ? -7.204  -5.271  -4.137  0.44 12.86 ? 3   DC  A "H3'"  1 
ATOM   94  H  "H3'"  B DC  A 1 3  ? -8.269  -5.015  -3.469  0.56 13.31 ? 3   DC  A "H3'"  1 
ATOM   95  H  "H2'"  A DC  A 1 3  ? -5.672  -3.713  -3.937  0.44 13.48 ? 3   DC  A "H2'"  1 
ATOM   96  H  "H2'"  B DC  A 1 3  ? -6.079  -4.719  -3.911  0.56 13.08 ? 3   DC  A "H2'"  1 
ATOM   97  H  "H2''" A DC  A 1 3  ? -6.615  -2.804  -3.054  0.44 13.48 ? 3   DC  A "H2''" 1 
ATOM   98  H  "H2''" B DC  A 1 3  ? -6.456  -3.236  -3.522  0.56 13.08 ? 3   DC  A "H2''" 1 
ATOM   99  H  "H1'"  A DC  A 1 3  ? -5.623  -3.483  -1.264  0.44 12.19 ? 3   DC  A "H1'"  1 
ATOM   100 H  "H1'"  B DC  A 1 3  ? -5.648  -3.426  -1.456  0.56 11.74 ? 3   DC  A "H1'"  1 
ATOM   101 H  H41    . DC  A 1 3  ? 0.000   -5.988  -3.290  1.00 8.98  ? 3   DC  A H41    1 
ATOM   102 H  H42    . DC  A 1 3  ? 0.308   -5.356  -1.977  1.00 8.98  ? 3   DC  A H42    1 
ATOM   103 H  H5     . DC  A 1 3  ? -2.211  -6.047  -4.218  1.00 9.58  ? 3   DC  A H5     1 
ATOM   104 H  H6     . DC  A 1 3  ? -4.385  -5.489  -3.898  1.00 9.93  ? 3   DC  A H6     1 
ATOM   105 P  P      A DC  A 1 4  ? -8.793  -3.038  -4.917  0.52 12.05 ? 4   DC  A P      1 
ATOM   106 P  P      B DC  A 1 4  ? -9.748  -2.924  -2.922  0.48 13.26 ? 4   DC  A P      1 
ATOM   107 O  OP1    A DC  A 1 4  ? -10.237 -2.720  -5.005  0.52 12.19 ? 4   DC  A OP1    1 
ATOM   108 O  OP1    B DC  A 1 4  ? -10.965 -3.149  -2.116  0.48 14.74 ? 4   DC  A OP1    1 
ATOM   109 O  OP2    A DC  A 1 4  ? -8.110  -3.653  -6.078  0.52 11.76 ? 4   DC  A OP2    1 
ATOM   110 O  OP2    B DC  A 1 4  ? -9.704  -3.357  -4.333  0.48 13.57 ? 4   DC  A OP2    1 
ATOM   111 O  "O5'"  A DC  A 1 4  ? -8.003  -1.715  -4.539  0.52 11.72 ? 4   DC  A "O5'"  1 
ATOM   112 O  "O5'"  B DC  A 1 4  ? -9.421  -1.366  -2.844  0.48 13.84 ? 4   DC  A "O5'"  1 
ATOM   113 C  "C5'"  A DC  A 1 4  ? -8.573  -0.807  -3.674  0.52 12.16 ? 4   DC  A "C5'"  1 
ATOM   114 C  "C5'"  B DC  A 1 4  ? -8.530  -0.816  -3.761  0.48 13.03 ? 4   DC  A "C5'"  1 
ATOM   115 C  "C4'"  . DC  A 1 4  ? -7.517  0.094   -3.092  1.00 12.16 ? 4   DC  A "C4'"  1 
ATOM   116 O  "O4'"  . DC  A 1 4  ? -6.458  -0.692  -2.475  1.00 10.85 ? 4   DC  A "O4'"  1 
ATOM   117 C  "C3'"  . DC  A 1 4  ? -6.783  0.958   -4.078  1.00 11.30 ? 4   DC  A "C3'"  1 
ATOM   118 O  "O3'"  . DC  A 1 4  ? -7.580  2.061   -4.505  1.00 12.92 ? 4   DC  A "O3'"  1 
ATOM   119 C  "C2'"  . DC  A 1 4  ? -5.556  1.356   -3.279  1.00 9.60  ? 4   DC  A "C2'"  1 
ATOM   120 C  "C1'"  . DC  A 1 4  ? -5.319  0.126   -2.376  1.00 8.70  ? 4   DC  A "C1'"  1 
ATOM   121 N  N1     . DC  A 1 4  ? -4.091  -0.637  -2.757  1.00 7.45  ? 4   DC  A N1     1 
ATOM   122 C  C2     . DC  A 1 4  ? -3.071  -0.769  -1.822  1.00 6.22  ? 4   DC  A C2     1 
ATOM   123 O  O2     . DC  A 1 4  ? -3.254  -0.327  -0.681  1.00 6.26  ? 4   DC  A O2     1 
ATOM   124 N  N3     . DC  A 1 4  ? -1.918  -1.385  -2.188  1.00 5.78  ? 4   DC  A N3     1 
ATOM   125 C  C4     . DC  A 1 4  ? -1.791  -1.874  -3.434  1.00 6.05  ? 4   DC  A C4     1 
ATOM   126 N  N4     . DC  A 1 4  ? -0.649  -2.481  -3.769  1.00 6.72  ? 4   DC  A N4     1 
ATOM   127 C  C5     . DC  A 1 4  ? -2.827  -1.747  -4.400  1.00 7.04  ? 4   DC  A C5     1 
ATOM   128 C  C6     . DC  A 1 4  ? -3.947  -1.120  -4.023  1.00 7.65  ? 4   DC  A C6     1 
ATOM   129 H  "H5'"  A DC  A 1 4  ? -9.022  -1.284  -2.957  0.52 14.59 ? 4   DC  A "H5'"  1 
ATOM   130 H  "H5'"  B DC  A 1 4  ? -9.029  -0.304  -4.416  0.48 15.64 ? 4   DC  A "H5'"  1 
ATOM   131 H  "H5''" A DC  A 1 4  ? -9.225  -0.273  -4.153  0.52 14.59 ? 4   DC  A "H5''" 1 
ATOM   132 H  "H5''" B DC  A 1 4  ? -8.060  -1.533  -4.212  0.48 15.64 ? 4   DC  A "H5''" 1 
ATOM   133 H  "H4'"  A DC  A 1 4  ? -7.950  0.647   -2.422  0.52 14.59 ? 4   DC  A "H4'"  1 
ATOM   134 H  "H4'"  B DC  A 1 4  ? -7.959  0.617   -2.405  0.48 14.59 ? 4   DC  A "H4'"  1 
ATOM   135 H  "H3'"  . DC  A 1 4  ? -6.522  0.451   -4.863  1.00 13.56 ? 4   DC  A "H3'"  1 
ATOM   136 H  "H2'"  . DC  A 1 4  ? -4.796  1.517   -3.860  1.00 11.52 ? 4   DC  A "H2'"  1 
ATOM   137 H  "H2''" . DC  A 1 4  ? -5.723  2.152   -2.750  1.00 11.52 ? 4   DC  A "H2''" 1 
ATOM   138 H  "H1'"  . DC  A 1 4  ? -5.248  0.401   -1.449  1.00 10.45 ? 4   DC  A "H1'"  1 
ATOM   139 H  H41    . DC  A 1 4  ? -0.547  -2.800  -4.560  1.00 8.07  ? 4   DC  A H41    1 
ATOM   140 H  H42    . DC  A 1 4  ? -0.016  -2.551  -3.191  1.00 8.07  ? 4   DC  A H42    1 
ATOM   141 H  H5     . DC  A 1 4  ? -2.730  -2.087  -5.260  1.00 8.45  ? 4   DC  A H5     1 
ATOM   142 H  H6     . DC  A 1 4  ? -4.638  -1.010  -4.636  1.00 9.18  ? 4   DC  A H6     1 
ATOM   143 P  P      . DC  A 1 5  ? -7.159  2.910   -5.808  1.00 13.36 ? 5   DC  A P      1 
ATOM   144 O  OP1    . DC  A 1 5  ? -8.353  3.709   -6.166  1.00 14.65 ? 5   DC  A OP1    1 
ATOM   145 O  OP2    . DC  A 1 5  ? -6.503  2.007   -6.796  1.00 13.31 ? 5   DC  A OP2    1 
ATOM   146 O  "O5'"  . DC  A 1 5  ? -6.036  3.882   -5.273  1.00 13.35 ? 5   DC  A "O5'"  1 
ATOM   147 C  "C5'"  . DC  A 1 5  ? -6.322  4.780   -4.275  1.00 11.12 ? 5   DC  A "C5'"  1 
ATOM   148 C  "C4'"  . DC  A 1 5  ? -5.350  5.927   -4.328  1.00 9.20  ? 5   DC  A "C4'"  1 
ATOM   149 O  "O4'"  . DC  A 1 5  ? -5.907  7.033   -3.597  1.00 8.86  ? 5   DC  A "O4'"  1 
ATOM   150 C  "C3'"  . DC  A 1 5  ? -4.009  5.669   -3.664  1.00 8.81  ? 5   DC  A "C3'"  1 
ATOM   151 O  "O3'"  . DC  A 1 5  ? -3.061  6.587   -4.172  1.00 9.97  ? 5   DC  A "O3'"  1 
ATOM   152 C  "C2'"  . DC  A 1 5  ? -4.358  5.954   -2.218  1.00 9.00  ? 5   DC  A "C2'"  1 
ATOM   153 C  "C1'"  . DC  A 1 5  ? -5.169  7.217   -2.398  1.00 8.20  ? 5   DC  A "C1'"  1 
ATOM   154 N  N1     . DC  A 1 5  ? -6.134  7.545   -1.357  1.00 8.44  ? 5   DC  A N1     1 
ATOM   155 C  C2     . DC  A 1 5  ? -5.845  8.572   -0.468  1.00 8.74  ? 5   DC  A C2     1 
ATOM   156 O  O2     . DC  A 1 5  ? -4.724  9.093   -0.500  1.00 9.65  ? 5   DC  A O2     1 
ATOM   157 N  N3     . DC  A 1 5  ? -6.786  8.950   0.429   1.00 9.51  ? 5   DC  A N3     1 
ATOM   158 C  C4     . DC  A 1 5  ? -7.979  8.350   0.436   1.00 9.27  ? 5   DC  A C4     1 
ATOM   159 N  N4     . DC  A 1 5  ? -8.891  8.759   1.339   1.00 10.53 ? 5   DC  A N4     1 
ATOM   160 C  C5     . DC  A 1 5  ? -8.298  7.310   -0.487  1.00 9.25  ? 5   DC  A C5     1 
ATOM   161 C  C6     . DC  A 1 5  ? -7.357  6.952   -1.365  1.00 8.85  ? 5   DC  A C6     1 
ATOM   162 H  "H5'"  . DC  A 1 5  ? -6.255  4.338   -3.413  1.00 13.35 ? 5   DC  A "H5'"  1 
ATOM   163 H  "H5''" . DC  A 1 5  ? -7.226  5.115   -4.388  1.00 13.35 ? 5   DC  A "H5''" 1 
ATOM   164 H  "H4'"  . DC  A 1 5  ? -5.203  6.174   -5.255  1.00 11.04 ? 5   DC  A "H4'"  1 
ATOM   165 H  "H3'"  . DC  A 1 5  ? -3.699  4.757   -3.779  1.00 10.58 ? 5   DC  A "H3'"  1 
ATOM   166 H  "H2'"  . DC  A 1 5  ? -4.881  5.240   -1.822  1.00 10.80 ? 5   DC  A "H2'"  1 
ATOM   167 H  "H2''" . DC  A 1 5  ? -3.566  6.104   -1.676  1.00 10.80 ? 5   DC  A "H2''" 1 
ATOM   168 H  "H1'"  . DC  A 1 5  ? -4.536  7.950   -2.460  1.00 9.85  ? 5   DC  A "H1'"  1 
ATOM   169 H  H41    . DC  A 1 5  ? -9.667  8.389   1.365   1.00 12.64 ? 5   DC  A H41    1 
ATOM   170 H  H42    . DC  A 1 5  ? -8.698  9.391   1.890   1.00 12.64 ? 5   DC  A H42    1 
ATOM   171 H  H5     . DC  A 1 5  ? -9.131  6.896   -0.477  1.00 11.10 ? 5   DC  A H5     1 
ATOM   172 H  H6     . DC  A 1 5  ? -7.541  6.288   -1.990  1.00 10.62 ? 5   DC  A H6     1 
ATOM   173 P  P      . DA  A 1 6  ? -1.532  6.226   -4.451  1.00 6.48  ? 6   DA  A P      1 
ATOM   174 O  OP1    . DA  A 1 6  ? -1.226  4.773   -4.345  1.00 6.78  ? 6   DA  A OP1    1 
ATOM   175 O  OP2    . DA  A 1 6  ? -0.733  7.215   -3.692  1.00 7.99  ? 6   DA  A OP2    1 
ATOM   176 O  "O5'"  . DA  A 1 6  ? -1.366  6.579   -5.993  1.00 8.03  ? 6   DA  A "O5'"  1 
ATOM   177 C  "C5'"  . DA  A 1 6  ? -1.546  7.908   -6.475  1.00 8.28  ? 6   DA  A "C5'"  1 
ATOM   178 C  "C4'"  . DA  A 1 6  ? -0.438  8.253   -7.442  1.00 8.06  ? 6   DA  A "C4'"  1 
ATOM   179 O  "O4'"  . DA  A 1 6  ? 0.731   8.613   -6.691  1.00 8.59  ? 6   DA  A "O4'"  1 
ATOM   180 C  "C3'"  . DA  A 1 6  ? -0.016  7.096   -8.332  1.00 8.47  ? 6   DA  A "C3'"  1 
ATOM   181 O  "O3'"  . DA  A 1 6  ? -0.659  7.186   -9.576  1.00 10.35 ? 6   DA  A "O3'"  1 
ATOM   182 C  "C2'"  . DA  A 1 6  ? 1.514   7.186   -8.423  1.00 10.35 ? 6   DA  A "C2'"  1 
ATOM   183 C  "C1'"  . DA  A 1 6  ? 1.904   8.131   -7.309  1.00 8.06  ? 6   DA  A "C1'"  1 
ATOM   184 N  N9     . DA  A 1 6  ? 2.746   7.573   -6.249  1.00 6.41  ? 6   DA  A N9     1 
ATOM   185 C  C8     . DA  A 1 6  ? 2.371   7.305   -4.963  1.00 7.08  ? 6   DA  A C8     1 
ATOM   186 N  N7     . DA  A 1 6  ? 3.361   6.910   -4.196  1.00 6.25  ? 6   DA  A N7     1 
ATOM   187 C  C5     . DA  A 1 6  ? 4.466   6.971   -5.028  1.00 5.81  ? 6   DA  A C5     1 
ATOM   188 C  C6     . DA  A 1 6  ? 5.838   6.707   -4.815  1.00 5.42  ? 6   DA  A C6     1 
ATOM   189 N  N6     . DA  A 1 6  ? 6.336   6.324   -3.641  1.00 5.97  ? 6   DA  A N6     1 
ATOM   190 N  N1     . DA  A 1 6  ? 6.676   6.847   -5.870  1.00 5.80  ? 6   DA  A N1     1 
ATOM   191 C  C2     . DA  A 1 6  ? 6.171   7.231   -7.037  1.00 7.00  ? 6   DA  A C2     1 
ATOM   192 N  N3     . DA  A 1 6  ? 4.908   7.532   -7.346  1.00 6.74  ? 6   DA  A N3     1 
ATOM   193 C  C4     . DA  A 1 6  ? 4.103   7.383   -6.290  1.00 5.97  ? 6   DA  A C4     1 
ATOM   194 H  "H5'"  . DA  A 1 6  ? -1.531  8.528   -5.730  1.00 9.94  ? 6   DA  A "H5'"  1 
ATOM   195 H  "H5''" . DA  A 1 6  ? -2.402  7.976   -6.926  1.00 9.94  ? 6   DA  A "H5''" 1 
ATOM   196 H  "H4'"  . DA  A 1 6  ? -0.699  9.005   -7.996  1.00 9.67  ? 6   DA  A "H4'"  1 
ATOM   197 H  "H3'"  . DA  A 1 6  ? -0.232  6.258   -7.896  1.00 10.16 ? 6   DA  A "H3'"  1 
ATOM   198 H  "H2'"  . DA  A 1 6  ? 1.919   6.314   -8.293  1.00 12.42 ? 6   DA  A "H2'"  1 
ATOM   199 H  "H2''" . DA  A 1 6  ? 1.789   7.536   -9.284  1.00 12.42 ? 6   DA  A "H2''" 1 
ATOM   200 H  "H1'"  . DA  A 1 6  ? 2.372   8.863   -7.743  1.00 9.67  ? 6   DA  A "H1'"  1 
ATOM   201 H  H8     . DA  A 1 6  ? 1.497   7.394   -4.660  1.00 8.49  ? 6   DA  A H8     1 
ATOM   202 H  H61    . DA  A 1 6  ? 7.179   6.171   -3.561  1.00 7.16  ? 6   DA  A H61    1 
ATOM   203 H  H62    . DA  A 1 6  ? 5.816   6.231   -2.964  1.00 7.16  ? 6   DA  A H62    1 
ATOM   204 H  H2     . DA  A 1 6  ? 6.782   7.299   -7.735  1.00 8.41  ? 6   DA  A H2     1 
ATOM   205 P  P      . DG  A 1 7  ? -1.643  5.988   -10.010 1.00 11.11 ? 7   DG  A P      1 
ATOM   206 O  OP1    . DG  A 1 7  ? -2.160  6.389   -11.325 1.00 11.46 ? 7   DG  A OP1    1 
ATOM   207 O  OP2    . DG  A 1 7  ? -2.598  5.646   -8.915  1.00 11.07 ? 7   DG  A OP2    1 
ATOM   208 O  "O5'"  . DG  A 1 7  ? -0.640  4.769   -10.189 1.00 11.12 ? 7   DG  A "O5'"  1 
ATOM   209 C  "C5'"  . DG  A 1 7  ? 0.485   4.884   -11.051 1.00 9.18  ? 7   DG  A "C5'"  1 
ATOM   210 C  "C4'"  . DG  A 1 7  ? 1.483   3.809   -10.701 1.00 7.54  ? 7   DG  A "C4'"  1 
ATOM   211 O  "O4'"  . DG  A 1 7  ? 2.166   4.180   -9.458  1.00 7.09  ? 7   DG  A "O4'"  1 
ATOM   212 C  "C3'"  . DG  A 1 7  ? 0.834   2.444   -10.432 1.00 7.12  ? 7   DG  A "C3'"  1 
ATOM   213 O  "O3'"  . DG  A 1 7  ? 1.612   1.392   -10.986 1.00 7.06  ? 7   DG  A "O3'"  1 
ATOM   214 C  "C2'"  . DG  A 1 7  ? 0.788   2.408   -8.920  1.00 6.64  ? 7   DG  A "C2'"  1 
ATOM   215 C  "C1'"  . DG  A 1 7  ? 2.114   3.082   -8.614  1.00 5.58  ? 7   DG  A "C1'"  1 
ATOM   216 N  N9     . DG  A 1 7  ? 2.312   3.404   -7.212  1.00 5.00  ? 7   DG  A N9     1 
ATOM   217 C  C8     . DG  A 1 7  ? 1.362   3.518   -6.223  1.00 5.27  ? 7   DG  A C8     1 
ATOM   218 N  N7     . DG  A 1 7  ? 1.882   3.643   -5.025  1.00 5.12  ? 7   DG  A N7     1 
ATOM   219 C  C5     . DG  A 1 7  ? 3.257   3.546   -5.242  1.00 4.47  ? 7   DG  A C5     1 
ATOM   220 C  C6     . DG  A 1 7  ? 4.352   3.583   -4.331  1.00 5.03  ? 7   DG  A C6     1 
ATOM   221 O  O6     . DG  A 1 7  ? 4.346   3.686   -3.089  1.00 5.51  ? 7   DG  A O6     1 
ATOM   222 N  N1     . DG  A 1 7  ? 5.569   3.474   -4.987  1.00 4.97  ? 7   DG  A N1     1 
ATOM   223 C  C2     . DG  A 1 7  ? 5.728   3.358   -6.339  1.00 4.86  ? 7   DG  A C2     1 
ATOM   224 N  N2     . DG  A 1 7  ? 6.992   3.277   -6.781  1.00 5.89  ? 7   DG  A N2     1 
ATOM   225 N  N3     . DG  A 1 7  ? 4.722   3.299   -7.196  1.00 5.42  ? 7   DG  A N3     1 
ATOM   226 C  C4     . DG  A 1 7  ? 3.525   3.399   -6.579  1.00 4.98  ? 7   DG  A C4     1 
ATOM   227 H  "H5'"  . DG  A 1 7  ? 0.892   5.757   -10.941 1.00 11.02 ? 7   DG  A "H5'"  1 
ATOM   228 H  "H5''" . DG  A 1 7  ? 0.202   4.780   -11.972 1.00 11.02 ? 7   DG  A "H5''" 1 
ATOM   229 H  "H4'"  . DG  A 1 7  ? 2.148   3.723   -11.402 1.00 9.04  ? 7   DG  A "H4'"  1 
ATOM   230 H  "H3'"  . DG  A 1 7  ? -0.063  2.408   -10.799 1.00 8.55  ? 7   DG  A "H3'"  1 
ATOM   231 H  "H2'"  . DG  A 1 7  ? 0.035   2.908   -8.567  1.00 7.96  ? 7   DG  A "H2'"  1 
ATOM   232 H  "H2''" . DG  A 1 7  ? 0.753   1.501   -8.579  1.00 7.96  ? 7   DG  A "H2''" 1 
ATOM   233 H  "H1'"  . DG  A 1 7  ? 2.867   2.517   -8.848  1.00 6.70  ? 7   DG  A "H1'"  1 
ATOM   234 H  H8     . DG  A 1 7  ? 0.448   3.507   -6.386  1.00 6.33  ? 7   DG  A H8     1 
ATOM   235 H  H1     . DG  A 1 7  ? 6.281   3.481   -4.504  1.00 5.97  ? 7   DG  A H1     1 
ATOM   236 H  H21    . DG  A 1 7  ? 7.148   3.188   -7.622  1.00 7.07  ? 7   DG  A H21    1 
ATOM   237 H  H22    . DG  A 1 7  ? 7.645   3.314   -6.224  1.00 7.07  ? 7   DG  A H22    1 
ATOM   238 P  P      . DC  A 1 8  ? 1.190   -0.154  -10.814 1.00 7.50  ? 8   DC  A P      1 
ATOM   239 O  OP1    . DC  A 1 8  ? 1.862   -0.864  -11.928 1.00 8.15  ? 8   DC  A OP1    1 
ATOM   240 O  OP2    . DC  A 1 8  ? -0.284  -0.277  -10.634 1.00 8.49  ? 8   DC  A OP2    1 
ATOM   241 O  "O5'"  . DC  A 1 8  ? 1.852   -0.579  -9.424  1.00 6.61  ? 8   DC  A "O5'"  1 
ATOM   242 C  "C5'"  . DC  A 1 8  ? 3.271   -0.605  -9.326  1.00 6.57  ? 8   DC  A "C5'"  1 
ATOM   243 C  "C4'"  . DC  A 1 8  ? 3.747   -0.743  -7.892  1.00 6.25  ? 8   DC  A "C4'"  1 
ATOM   244 O  "O4'"  . DC  A 1 8  ? 3.225   0.337   -7.095  1.00 6.06  ? 8   DC  A "O4'"  1 
ATOM   245 C  "C3'"  . DC  A 1 8  ? 3.315   -2.007  -7.171  1.00 7.28  ? 8   DC  A "C3'"  1 
ATOM   246 O  "O3'"  . DC  A 1 8  ? 4.239   -3.036  -7.431  1.00 9.32  ? 8   DC  A "O3'"  1 
ATOM   247 C  "C2'"  . DC  A 1 8  ? 3.318   -1.591  -5.700  1.00 6.74  ? 8   DC  A "C2'"  1 
ATOM   248 C  "C1'"  . DC  A 1 8  ? 3.061   -0.094  -5.748  1.00 6.01  ? 8   DC  A "C1'"  1 
ATOM   249 N  N1     . DC  A 1 8  ? 1.702   0.290   -5.334  1.00 5.35  ? 8   DC  A N1     1 
ATOM   250 C  C2     . DC  A 1 8  ? 1.495   0.893   -4.093  1.00 4.85  ? 8   DC  A C2     1 
ATOM   251 O  O2     . DC  A 1 8  ? 2.454   1.048   -3.318  1.00 5.97  ? 8   DC  A O2     1 
ATOM   252 N  N3     . DC  A 1 8  ? 0.229   1.262   -3.751  1.00 5.40  ? 8   DC  A N3     1 
ATOM   253 C  C4     . DC  A 1 8  ? -0.768  1.098   -4.613  1.00 6.09  ? 8   DC  A C4     1 
ATOM   254 N  N4     . DC  A 1 8  ? -1.985  1.495   -4.247  1.00 6.17  ? 8   DC  A N4     1 
ATOM   255 C  C5     . DC  A 1 8  ? -0.574  0.475   -5.871  1.00 5.94  ? 8   DC  A C5     1 
ATOM   256 C  C6     . DC  A 1 8  ? 0.665   0.110   -6.195  1.00 5.81  ? 8   DC  A C6     1 
ATOM   257 H  "H5'"  . DC  A 1 8  ? 3.626   0.217   -9.697  1.00 7.89  ? 8   DC  A "H5'"  1 
ATOM   258 H  "H5''" . DC  A 1 8  ? 3.607   -1.355  -9.842  1.00 7.89  ? 8   DC  A "H5''" 1 
ATOM   259 H  "H4'"  . DC  A 1 8  ? 4.715   -0.700  -7.895  1.00 7.50  ? 8   DC  A "H4'"  1 
ATOM   260 H  "H3'"  . DC  A 1 8  ? 2.419   -2.266  -7.436  1.00 8.74  ? 8   DC  A "H3'"  1 
ATOM   261 H  "H2'"  . DC  A 1 8  ? 2.618   -2.049  -5.208  1.00 8.09  ? 8   DC  A "H2'"  1 
ATOM   262 H  "H2''" . DC  A 1 8  ? 4.174   -1.785  -5.286  1.00 8.09  ? 8   DC  A "H2''" 1 
ATOM   263 H  "H1'"  . DC  A 1 8  ? 3.724   0.340   -5.187  1.00 7.22  ? 8   DC  A "H1'"  1 
ATOM   264 H  H41    . DC  A 1 8  ? -2.649  1.400   -4.786  1.00 7.41  ? 8   DC  A H41    1 
ATOM   265 H  H42    . DC  A 1 8  ? -2.108  1.846   -3.471  1.00 7.41  ? 8   DC  A H42    1 
ATOM   266 H  H5     . DC  A 1 8  ? -1.288  0.327   -6.449  1.00 7.13  ? 8   DC  A H5     1 
ATOM   267 H  H6     . DC  A 1 8  ? 0.823   -0.275  -7.027  1.00 6.97  ? 8   DC  A H6     1 
ATOM   268 P  P      . DG  A 1 9  ? 3.795   -4.453  -8.023  1.00 9.85  ? 9   DG  A P      1 
ATOM   269 O  OP1    . DG  A 1 9  ? 4.063   -4.429  -9.479  1.00 12.33 ? 9   DG  A OP1    1 
ATOM   270 O  OP2    . DG  A 1 9  ? 2.458   -4.844  -7.536  1.00 10.77 ? 9   DG  A OP2    1 
ATOM   271 O  "O5'"  . DG  A 1 9  ? 4.833   -5.428  -7.302  1.00 10.28 ? 9   DG  A "O5'"  1 
ATOM   272 C  "C5'"  . DG  A 1 9  ? 6.261   -5.233  -7.465  1.00 9.73  ? 9   DG  A "C5'"  1 
ATOM   273 C  "C4'"  . DG  A 1 9  ? 6.964   -5.297  -6.119  1.00 9.40  ? 9   DG  A "C4'"  1 
ATOM   274 O  "O4'"  . DG  A 1 9  ? 6.557   -4.168  -5.311  1.00 7.88  ? 9   DG  A "O4'"  1 
ATOM   275 C  "C3'"  . DG  A 1 9  ? 6.625   -6.516  -5.282  1.00 10.22 ? 9   DG  A "C3'"  1 
ATOM   276 O  "O3'"  . DG  A 1 9  ? 7.481   -7.597  -5.582  1.00 12.49 ? 9   DG  A "O3'"  1 
ATOM   277 C  "C2'"  . DG  A 1 9  ? 6.810   -6.020  -3.857  1.00 8.40  ? 9   DG  A "C2'"  1 
ATOM   278 C  "C1'"  . DG  A 1 9  ? 6.425   -4.559  -3.942  1.00 7.16  ? 9   DG  A "C1'"  1 
ATOM   279 N  N9     . DG  A 1 9  ? 5.057   -4.254  -3.550  1.00 6.28  ? 9   DG  A N9     1 
ATOM   280 C  C8     . DG  A 1 9  ? 3.908   -4.807  -4.064  1.00 6.57  ? 9   DG  A C8     1 
ATOM   281 N  N7     . DG  A 1 9  ? 2.819   -4.271  -3.588  1.00 5.81  ? 9   DG  A N7     1 
ATOM   282 C  C5     . DG  A 1 9  ? 3.277   -3.293  -2.708  1.00 5.50  ? 9   DG  A C5     1 
ATOM   283 C  C6     . DG  A 1 9  ? 2.552   -2.361  -1.917  1.00 5.72  ? 9   DG  A C6     1 
ATOM   284 O  O6     . DG  A 1 9  ? 1.323   -2.237  -1.818  1.00 5.65  ? 9   DG  A O6     1 
ATOM   285 N  N1     . DG  A 1 9  ? 3.392   -1.530  -1.181  1.00 5.54  ? 9   DG  A N1     1 
ATOM   286 C  C2     . DG  A 1 9  ? 4.767   -1.582  -1.229  1.00 5.00  ? 9   DG  A C2     1 
ATOM   287 N  N2     . DG  A 1 9  ? 5.433   -0.706  -0.464  1.00 5.75  ? 9   DG  A N2     1 
ATOM   288 N  N3     . DG  A 1 9  ? 5.450   -2.455  -1.956  1.00 5.88  ? 9   DG  A N3     1 
ATOM   289 C  C4     . DG  A 1 9  ? 4.647   -3.257  -2.687  1.00 5.47  ? 9   DG  A C4     1 
ATOM   290 H  "H5'"  . DG  A 1 9  ? 6.422   -4.366  -7.871  1.00 11.68 ? 9   DG  A "H5'"  1 
ATOM   291 H  "H5''" . DG  A 1 9  ? 6.615   -5.924  -8.046  1.00 11.68 ? 9   DG  A "H5''" 1 
ATOM   292 H  "H4'"  . DG  A 1 9  ? 7.922   -5.260  -6.263  1.00 11.28 ? 9   DG  A "H4'"  1 
ATOM   293 H  "H3'"  . DG  A 1 9  ? 5.702   -6.771  -5.436  1.00 12.27 ? 9   DG  A "H3'"  1 
ATOM   294 H  "H2'"  . DG  A 1 9  ? 6.231   -6.499  -3.243  1.00 10.09 ? 9   DG  A "H2'"  1 
ATOM   295 H  "H2''" . DG  A 1 9  ? 7.730   -6.123  -3.568  1.00 10.09 ? 9   DG  A "H2''" 1 
ATOM   296 H  "H1'"  . DG  A 1 9  ? 7.042   -4.064  -3.380  1.00 8.59  ? 9   DG  A "H1'"  1 
ATOM   297 H  H8     . DG  A 1 9  ? 3.909   -5.495  -4.689  1.00 7.88  ? 9   DG  A H8     1 
ATOM   298 H  H21    . DG  A 1 9  ? 6.292   -0.715  -0.448  1.00 6.90  ? 9   DG  A H21    1 
ATOM   299 H  H22    . DG  A 1 9  ? 5.000   -0.135  0.012   1.00 6.90  ? 9   DG  A H22    1 
ATOM   300 P  P      . DA  A 1 10 ? 6.876   -9.073  -5.792  1.00 15.01 ? 10  DA  A P      1 
ATOM   301 O  OP1    . DA  A 1 10 ? 6.866   -9.304  -7.239  1.00 14.20 ? 10  DA  A OP1    1 
ATOM   302 O  OP2    . DA  A 1 10 ? 5.620   -9.218  -5.011  1.00 17.42 ? 10  DA  A OP2    1 
ATOM   303 O  "O5'"  . DA  A 1 10 ? 7.969   -10.016 -5.128  1.00 16.92 ? 10  DA  A "O5'"  1 
ATOM   304 C  "C5'"  . DA  A 1 10 ? 8.136   -10.003 -3.720  1.00 18.04 ? 10  DA  A "C5'"  1 
ATOM   305 C  "C4'"  . DA  A 1 10 ? 8.779   -11.284 -3.246  1.00 18.23 ? 10  DA  A "C4'"  1 
ATOM   306 O  "O4'"  . DA  A 1 10 ? 7.846   -12.388 -3.396  1.00 17.78 ? 10  DA  A "O4'"  1 
ATOM   307 C  "C3'"  . DA  A 1 10 ? 10.036  -11.678 -4.026  1.00 19.36 ? 10  DA  A "C3'"  1 
ATOM   308 O  "O3'"  . DA  A 1 10 ? 11.158  -11.743 -3.153  1.00 21.44 ? 10  DA  A "O3'"  1 
ATOM   309 C  "C2'"  . DA  A 1 10 ? 9.693   -13.038 -4.636  1.00 18.41 ? 10  DA  A "C2'"  1 
ATOM   310 C  "C1'"  . DA  A 1 10 ? 8.569   -13.533 -3.746  1.00 17.18 ? 10  DA  A "C1'"  1 
ATOM   311 N  N9     . DA  A 1 10 ? 7.677   -14.498 -4.380  1.00 16.08 ? 10  DA  A N9     1 
ATOM   312 C  C8     . DA  A 1 10 ? 6.495   -14.244 -5.022  1.00 15.71 ? 10  DA  A C8     1 
ATOM   313 N  N7     . DA  A 1 10 ? 5.909   -15.323 -5.498  1.00 16.30 ? 10  DA  A N7     1 
ATOM   314 C  C5     . DA  A 1 10 ? 6.763   -16.352 -5.129  1.00 16.97 ? 10  DA  A C5     1 
ATOM   315 C  C6     . DA  A 1 10 ? 6.708   -17.745 -5.318  1.00 18.58 ? 10  DA  A C6     1 
ATOM   316 N  N6     . DA  A 1 10 ? 5.714   -18.359 -5.962  1.00 19.04 ? 10  DA  A N6     1 
ATOM   317 N  N1     . DA  A 1 10 ? 7.724   -18.484 -4.825  1.00 19.68 ? 10  DA  A N1     1 
ATOM   318 C  C2     . DA  A 1 10 ? 8.720   -17.864 -4.183  1.00 19.40 ? 10  DA  A C2     1 
ATOM   319 N  N3     . DA  A 1 10 ? 8.877   -16.567 -3.938  1.00 18.63 ? 10  DA  A N3     1 
ATOM   320 C  C4     . DA  A 1 10 ? 7.854   -15.859 -4.440  1.00 16.75 ? 10  DA  A C4     1 
ATOM   321 H  "H5'"  . DA  A 1 10 ? 7.269   -9.904  -3.296  1.00 21.65 ? 10  DA  A "H5'"  1 
ATOM   322 H  "H5''" . DA  A 1 10 ? 8.696   -9.252  -3.471  1.00 21.65 ? 10  DA  A "H5''" 1 
ATOM   323 H  "H4'"  . DA  A 1 10 ? 9.001   -11.208 -2.305  1.00 21.88 ? 10  DA  A "H4'"  1 
ATOM   324 H  "H3'"  . DA  A 1 10 ? 10.192  -11.040 -4.740  1.00 23.23 ? 10  DA  A "H3'"  1 
ATOM   325 H  "HO3'" . DA  A 1 10 ? 11.576  -12.465 -3.058  1.00 25.73 ? 10  DA  A "HO3'" 1 
ATOM   326 H  "H2'"  . DA  A 1 10 ? 9.398   -12.946 -5.555  1.00 22.09 ? 10  DA  A "H2'"  1 
ATOM   327 H  "H2''" . DA  A 1 10 ? 10.454  -13.639 -4.607  1.00 22.09 ? 10  DA  A "H2''" 1 
ATOM   328 H  "H1'"  . DA  A 1 10 ? 8.938   -13.947 -2.949  1.00 20.62 ? 10  DA  A "H1'"  1 
ATOM   329 H  H8     . DA  A 1 10 ? 6.139   -13.389 -5.114  1.00 18.86 ? 10  DA  A H8     1 
ATOM   330 H  H61    . DA  A 1 10 ? 5.726   -19.214 -6.057  1.00 22.85 ? 10  DA  A H61    1 
ATOM   331 H  H62    . DA  A 1 10 ? 5.059   -17.901 -6.281  1.00 22.85 ? 10  DA  A H62    1 
ATOM   332 H  H2     . DA  A 1 10 ? 9.395   -18.417 -3.862  1.00 23.28 ? 10  DA  A H2     1 
ATOM   333 O  "O5'"  . DC  B 1 1  ? -8.322  -3.121  6.747   1.00 17.80 ? 1   DC  B "O5'"  1 
ATOM   334 C  "C5'"  . DC  B 1 1  ? -7.859  -4.369  7.236   1.00 14.65 ? 1   DC  B "C5'"  1 
ATOM   335 C  "C4'"  . DC  B 1 1  ? -6.351  -4.366  7.369   1.00 10.97 ? 1   DC  B "C4'"  1 
ATOM   336 O  "O4'"  . DC  B 1 1  ? -5.745  -4.295  6.051   1.00 9.64  ? 1   DC  B "O4'"  1 
ATOM   337 C  "C3'"  . DC  B 1 1  ? -5.767  -3.198  8.141   1.00 10.39 ? 1   DC  B "C3'"  1 
ATOM   338 O  "O3'"  . DC  B 1 1  ? -4.654  -3.638  8.867   1.00 10.33 ? 1   DC  B "O3'"  1 
ATOM   339 C  "C2'"  . DC  B 1 1  ? -5.396  -2.204  7.045   1.00 9.62  ? 1   DC  B "C2'"  1 
ATOM   340 C  "C1'"  . DC  B 1 1  ? -4.940  -3.126  5.936   1.00 8.03  ? 1   DC  B "C1'"  1 
ATOM   341 N  N1     . DC  B 1 1  ? -5.122  -2.592  4.583   1.00 7.70  ? 1   DC  B N1     1 
ATOM   342 C  C2     . DC  B 1 1  ? -4.012  -2.415  3.743   1.00 6.47  ? 1   DC  B C2     1 
ATOM   343 O  O2     . DC  B 1 1  ? -2.875  -2.687  4.159   1.00 6.60  ? 1   DC  B O2     1 
ATOM   344 N  N3     . DC  B 1 1  ? -4.217  -1.956  2.492   1.00 7.05  ? 1   DC  B N3     1 
ATOM   345 C  C4     . DC  B 1 1  ? -5.464  -1.693  2.072   1.00 7.87  ? 1   DC  B C4     1 
ATOM   346 N  N4     . DC  B 1 1  ? -5.630  -1.249  0.819   1.00 8.56  ? 1   DC  B N4     1 
ATOM   347 C  C5     . DC  B 1 1  ? -6.596  -1.876  2.911   1.00 8.68  ? 1   DC  B C5     1 
ATOM   348 C  C6     . DC  B 1 1  ? -6.383  -2.322  4.141   1.00 8.41  ? 1   DC  B C6     1 
ATOM   349 H  "H5'"  . DC  B 1 1  ? -8.124  -5.072  6.623   1.00 17.58 ? 1   DC  B "H5'"  1 
ATOM   350 H  "H5''" . DC  B 1 1  ? -8.256  -4.540  8.105   1.00 17.58 ? 1   DC  B "H5''" 1 
ATOM   351 H  "H4'"  . DC  B 1 1  ? -6.080  -5.191  7.800   1.00 13.17 ? 1   DC  B "H4'"  1 
ATOM   352 H  "H3'"  . DC  B 1 1  ? -6.428  -2.798  8.727   1.00 12.47 ? 1   DC  B "H3'"  1 
ATOM   353 H  "H2'"  . DC  B 1 1  ? -6.161  -1.673  6.774   1.00 11.55 ? 1   DC  B "H2'"  1 
ATOM   354 H  "H2''" . DC  B 1 1  ? -4.684  -1.611  7.330   1.00 11.55 ? 1   DC  B "H2''" 1 
ATOM   355 H  "H1'"  . DC  B 1 1  ? -4.003  -3.337  6.067   1.00 9.63  ? 1   DC  B "H1'"  1 
ATOM   356 H  H41    . DC  B 1 1  ? -6.419  -1.073  0.526   1.00 10.28 ? 1   DC  B H41    1 
ATOM   357 H  H42    . DC  B 1 1  ? -4.948  -1.139  0.308   1.00 10.28 ? 1   DC  B H42    1 
ATOM   358 H  H5     . DC  B 1 1  ? -7.455  -1.689  2.610   1.00 10.41 ? 1   DC  B H5     1 
ATOM   359 H  H6     . DC  B 1 1  ? -7.104  -2.453  4.712   1.00 10.09 ? 1   DC  B H6     1 
ATOM   360 H  "HO5'" . DC  B 1 1  ? -9.143  -3.000  6.613   1.00 21.36 ? 1   DC  B "HO5'" 1 
ATOM   361 P  P      . DA  B 1 2  ? -4.260  -2.964  10.262  1.00 10.69 ? 2   DA  B P      1 
ATOM   362 O  OP1    . DA  B 1 2  ? -5.281  -3.287  11.274  1.00 11.94 ? 2   DA  B OP1    1 
ATOM   363 O  OP2    . DA  B 1 2  ? -3.934  -1.539  10.040  1.00 11.88 ? 2   DA  B OP2    1 
ATOM   364 O  "O5'"  . DA  B 1 2  ? -2.934  -3.745  10.641  1.00 10.47 ? 2   DA  B "O5'"  1 
ATOM   365 C  "C5'"  . DA  B 1 2  ? -1.820  -3.755  9.779   1.00 10.44 ? 2   DA  B "C5'"  1 
ATOM   366 C  "C4'"  . DA  B 1 2  ? -0.697  -4.485  10.465  1.00 9.20  ? 2   DA  B "C4'"  1 
ATOM   367 O  "O4'"  . DA  B 1 2  ? -1.190  -5.762  10.925  1.00 8.79  ? 2   DA  B "O4'"  1 
ATOM   368 C  "C3'"  . DA  B 1 2  ? 0.501   -4.816  9.608   1.00 7.77  ? 2   DA  B "C3'"  1 
ATOM   369 O  "O3'"  . DA  B 1 2  ? 1.651   -4.961  10.420  1.00 7.44  ? 2   DA  B "O3'"  1 
ATOM   370 C  "C2'"  . DA  B 1 2  ? 0.101   -6.127  8.962   1.00 8.08  ? 2   DA  B "C2'"  1 
ATOM   371 C  "C1'"  . DA  B 1 2  ? -0.809  -6.770  10.016  1.00 7.87  ? 2   DA  B "C1'"  1 
ATOM   372 N  N9     . DA  B 1 2  ? -1.997  -7.385  9.449   1.00 7.49  ? 2   DA  B N9     1 
ATOM   373 C  C8     . DA  B 1 2  ? -3.303  -7.000  9.596   1.00 8.87  ? 2   DA  B C8     1 
ATOM   374 N  N7     . DA  B 1 2  ? -4.150  -7.769  8.953   1.00 8.26  ? 2   DA  B N7     1 
ATOM   375 C  C5     . DA  B 1 2  ? -3.342  -8.711  8.341   1.00 8.05  ? 2   DA  B C5     1 
ATOM   376 C  C6     . DA  B 1 2  ? -3.628  -9.807  7.516   1.00 8.43  ? 2   DA  B C6     1 
ATOM   377 N  N6     . DA  B 1 2  ? -4.874  -10.141 7.153   1.00 9.73  ? 2   DA  B N6     1 
ATOM   378 N  N1     . DA  B 1 2  ? -2.585  -10.556 7.083   1.00 7.76  ? 2   DA  B N1     1 
ATOM   379 C  C2     . DA  B 1 2  ? -1.351  -10.215 7.457   1.00 7.85  ? 2   DA  B C2     1 
ATOM   380 N  N3     . DA  B 1 2  ? -0.961  -9.199  8.223   1.00 8.03  ? 2   DA  B N3     1 
ATOM   381 C  C4     . DA  B 1 2  ? -2.017  -8.484  8.635   1.00 7.19  ? 2   DA  B C4     1 
ATOM   382 H  "H5'"  . DA  B 1 2  ? -1.549  -2.845  9.581   1.00 12.53 ? 2   DA  B "H5'"  1 
ATOM   383 H  "H5''" . DA  B 1 2  ? -2.048  -4.205  8.951   1.00 12.53 ? 2   DA  B "H5''" 1 
ATOM   384 H  "H4'"  . DA  B 1 2  ? -0.394  -3.951  11.216  1.00 11.05 ? 2   DA  B "H4'"  1 
ATOM   385 H  "H3'"  . DA  B 1 2  ? 0.638   -4.134  8.932   1.00 9.33  ? 2   DA  B "H3'"  1 
ATOM   386 H  "H2'"  . DA  B 1 2  ? -0.377  -5.977  8.132   1.00 9.70  ? 2   DA  B "H2'"  1 
ATOM   387 H  "H2''" . DA  B 1 2  ? 0.878   -6.680  8.785   1.00 9.70  ? 2   DA  B "H2''" 1 
ATOM   388 H  "H1'"  . DA  B 1 2  ? -0.305  -7.437  10.508  1.00 9.45  ? 2   DA  B "H1'"  1 
ATOM   389 H  H8     . DA  B 1 2  ? -3.565  -6.265  10.102  1.00 10.65 ? 2   DA  B H8     1 
ATOM   390 H  H61    . DA  B 1 2  ? -5.005  -10.826 6.649   1.00 11.67 ? 2   DA  B H61    1 
ATOM   391 H  H62    . DA  B 1 2  ? -5.541  -9.671  7.423   1.00 11.67 ? 2   DA  B H62    1 
ATOM   392 H  H2     . DA  B 1 2  ? -0.670  -10.763 7.139   1.00 9.42  ? 2   DA  B H2     1 
ATOM   393 P  P      . DC  B 1 3  ? 2.695   -3.757  10.563  1.00 7.75  ? 3   DC  B P      1 
ATOM   394 O  OP1    . DC  B 1 3  ? 3.554   -4.132  11.706  1.00 8.51  ? 3   DC  B OP1    1 
ATOM   395 O  OP2    . DC  B 1 3  ? 1.959   -2.475  10.545  1.00 9.24  ? 3   DC  B OP2    1 
ATOM   396 O  "O5'"  . DC  B 1 3  ? 3.543   -3.813  9.209   1.00 7.72  ? 3   DC  B "O5'"  1 
ATOM   397 C  "C5'"  . DC  B 1 3  ? 4.243   -4.994  8.862   1.00 7.43  ? 3   DC  B "C5'"  1 
ATOM   398 C  "C4'"  . DC  B 1 3  ? 4.858   -4.869  7.483   1.00 7.45  ? 3   DC  B "C4'"  1 
ATOM   399 O  "O4'"  . DC  B 1 3  ? 3.817   -4.621  6.504   1.00 7.25  ? 3   DC  B "O4'"  1 
ATOM   400 C  "C3'"  . DC  B 1 3  ? 5.855   -3.739  7.297   1.00 8.76  ? 3   DC  B "C3'"  1 
ATOM   401 O  "O3'"  . DC  B 1 3  ? 6.863   -4.184  6.398   1.00 11.52 ? 3   DC  B "O3'"  1 
ATOM   402 C  "C2'"  . DC  B 1 3  ? 5.007   -2.591  6.738   1.00 7.98  ? 3   DC  B "C2'"  1 
ATOM   403 C  "C1'"  . DC  B 1 3  ? 3.926   -3.317  5.946   1.00 7.33  ? 3   DC  B "C1'"  1 
ATOM   404 N  N1     . DC  B 1 3  ? 2.563   -2.739  6.008   1.00 6.64  ? 3   DC  B N1     1 
ATOM   405 C  C2     . DC  B 1 3  ? 1.685   -2.984  4.949   1.00 6.69  ? 3   DC  B C2     1 
ATOM   406 O  O2     . DC  B 1 3  ? 2.104   -3.560  3.936   1.00 6.53  ? 3   DC  B O2     1 
ATOM   407 N  N3     . DC  B 1 3  ? 0.406   -2.540  5.032   1.00 6.36  ? 3   DC  B N3     1 
ATOM   408 C  C4     . DC  B 1 3  ? -0.010  -1.923  6.144   1.00 6.65  ? 3   DC  B C4     1 
ATOM   409 N  N4     . DC  B 1 3  ? -1.276  -1.488  6.193   1.00 7.44  ? 3   DC  B N4     1 
ATOM   410 C  C5     . DC  B 1 3  ? 0.863   -1.689  7.243   1.00 7.07  ? 3   DC  B C5     1 
ATOM   411 C  C6     . DC  B 1 3  ? 2.117   -2.129  7.147   1.00 7.16  ? 3   DC  B C6     1 
ATOM   412 H  "H5'"  . DC  B 1 3  ? 3.629   -5.744  8.872   1.00 8.91  ? 3   DC  B "H5'"  1 
ATOM   413 H  "H5''" . DC  B 1 3  ? 4.945   -5.152  9.512   1.00 8.91  ? 3   DC  B "H5''" 1 
ATOM   414 H  "H4'"  . DC  B 1 3  ? 5.302   -5.706  7.277   1.00 8.95  ? 3   DC  B "H4'"  1 
ATOM   415 H  "H3'"  . DC  B 1 3  ? 6.236   -3.450  8.141   1.00 10.52 ? 3   DC  B "H3'"  1 
ATOM   416 H  "H2'"  . DC  B 1 3  ? 4.622   -2.060  7.452   1.00 9.58  ? 3   DC  B "H2'"  1 
ATOM   417 H  "H2''" . DC  B 1 3  ? 5.534   -2.014  6.164   1.00 9.58  ? 3   DC  B "H2''" 1 
ATOM   418 H  "H1'"  . DC  B 1 3  ? 4.226   -3.337  5.024   1.00 8.80  ? 3   DC  B "H1'"  1 
ATOM   419 H  H41    . DC  B 1 3  ? -1.566  -1.089  6.897   1.00 8.93  ? 3   DC  B H41    1 
ATOM   420 H  H42    . DC  B 1 3  ? -1.799  -1.608  5.520   1.00 8.93  ? 3   DC  B H42    1 
ATOM   421 H  H5     . DC  B 1 3  ? 0.568   -1.244  8.004   1.00 8.48  ? 3   DC  B H5     1 
ATOM   422 H  H6     . DC  B 1 3  ? 2.697   -2.020  7.865   1.00 8.60  ? 3   DC  B H6     1 
ATOM   423 P  P      . DC  B 1 4  ? 8.325   -3.540  6.391   1.00 13.07 ? 4   DC  B P      1 
ATOM   424 O  OP1    . DC  B 1 4  ? 9.228   -4.506  5.733   1.00 14.69 ? 4   DC  B OP1    1 
ATOM   425 O  OP2    . DC  B 1 4  ? 8.664   -3.057  7.736   1.00 13.22 ? 4   DC  B OP2    1 
ATOM   426 O  "O5'"  . DC  B 1 4  ? 8.141   -2.175  5.558   1.00 13.99 ? 4   DC  B "O5'"  1 
ATOM   427 C  "C5'"  . DC  B 1 4  ? 8.379   -2.170  4.218   1.00 13.99 ? 4   DC  B "C5'"  1 
ATOM   428 C  "C4'"  . DC  B 1 4  ? 7.523   -1.146  3.494   1.00 11.19 ? 4   DC  B "C4'"  1 
ATOM   429 O  "O4'"  . DC  B 1 4  ? 6.150   -1.201  3.908   1.00 8.01  ? 4   DC  B "O4'"  1 
ATOM   430 C  "C3'"  . DC  B 1 4  ? 7.868   0.313   3.707   1.00 10.04 ? 4   DC  B "C3'"  1 
ATOM   431 O  "O3'"  . DC  B 1 4  ? 9.006   0.638   2.918   1.00 10.31 ? 4   DC  B "O3'"  1 
ATOM   432 C  "C2'"  . DC  B 1 4  ? 6.552   1.016   3.277   1.00 8.14  ? 4   DC  B "C2'"  1 
ATOM   433 C  "C1'"  . DC  B 1 4  ? 5.534   -0.151  3.243   1.00 7.38  ? 4   DC  B "C1'"  1 
ATOM   434 N  N1     . DC  B 1 4  ? 4.221   0.150   3.855   1.00 6.47  ? 4   DC  B N1     1 
ATOM   435 C  C2     . DC  B 1 4  ? 3.064   -0.210  3.176   1.00 6.05  ? 4   DC  B C2     1 
ATOM   436 O  O2     . DC  B 1 4  ? 3.175   -0.821  2.105   1.00 5.63  ? 4   DC  B O2     1 
ATOM   437 N  N3     . DC  B 1 4  ? 1.853   0.128   3.706   1.00 5.99  ? 4   DC  B N3     1 
ATOM   438 C  C4     . DC  B 1 4  ? 1.797   0.738   4.883   1.00 6.12  ? 4   DC  B C4     1 
ATOM   439 N  N4     . DC  B 1 4  ? 0.605   1.056   5.370   1.00 6.77  ? 4   DC  B N4     1 
ATOM   440 C  C5     . DC  B 1 4  ? 2.969   1.071   5.612   1.00 6.81  ? 4   DC  B C5     1 
ATOM   441 C  C6     . DC  B 1 4  ? 4.150   0.770   5.061   1.00 6.82  ? 4   DC  B C6     1 
ATOM   442 H  "H5'"  . DC  B 1 4  ? 8.186   -3.051  3.860   1.00 16.79 ? 4   DC  B "H5'"  1 
ATOM   443 H  "H5''" . DC  B 1 4  ? 9.314   -1.964  4.064   1.00 16.79 ? 4   DC  B "H5''" 1 
ATOM   444 H  "H4'"  . DC  B 1 4  ? 7.596   -1.377  2.555   1.00 13.43 ? 4   DC  B "H4'"  1 
ATOM   445 H  "H3'"  . DC  B 1 4  ? 8.047   0.533   4.635   1.00 12.05 ? 4   DC  B "H3'"  1 
ATOM   446 H  "H2'"  . DC  B 1 4  ? 6.289   1.693   3.921   1.00 9.78  ? 4   DC  B "H2'"  1 
ATOM   447 H  "H2''" . DC  B 1 4  ? 6.643   1.429   2.404   1.00 9.78  ? 4   DC  B "H2''" 1 
ATOM   448 H  "H1'"  . DC  B 1 4  ? 5.365   -0.414  2.325   1.00 8.85  ? 4   DC  B "H1'"  1 
ATOM   449 H  H41    . DC  B 1 4  ? 0.543   1.452   6.132   1.00 8.12  ? 4   DC  B H41    1 
ATOM   450 H  H42    . DC  B 1 4  ? -0.106  0.867   4.926   1.00 8.12  ? 4   DC  B H42    1 
ATOM   451 H  H5     . DC  B 1 4  ? 2.917   1.483   6.444   1.00 8.18  ? 4   DC  B H5     1 
ATOM   452 H  H6     . DC  B 1 4  ? 4.934   0.989   5.511   1.00 8.18  ? 4   DC  B H6     1 
ATOM   453 P  P      . DC  B 1 5  ? 9.724   2.065   3.004   1.00 10.76 ? 5   DC  B P      1 
ATOM   454 O  OP1    . DC  B 1 5  ? 11.037  1.854   2.357   1.00 12.89 ? 5   DC  B OP1    1 
ATOM   455 O  OP2    . DC  B 1 5  ? 9.609   2.648   4.376   1.00 12.68 ? 5   DC  B OP2    1 
ATOM   456 O  "O5'"  . DC  B 1 5  ? 8.814   2.935   2.046   1.00 9.47  ? 5   DC  B "O5'"  1 
ATOM   457 C  "C5'"  . DC  B 1 5  ? 8.876   4.314   2.067   1.00 9.53  ? 5   DC  B "C5'"  1 
ATOM   458 C  "C4'"  . DC  B 1 5  ? 8.324   4.865   0.783   1.00 7.53  ? 5   DC  B "C4'"  1 
ATOM   459 O  "O4'"  . DC  B 1 5  ? 9.166   4.455   -0.332  1.00 6.09  ? 5   DC  B "O4'"  1 
ATOM   460 C  "C3'"  . DC  B 1 5  ? 6.924   4.398   0.384   1.00 6.61  ? 5   DC  B "C3'"  1 
ATOM   461 O  "O3'"  . DC  B 1 5  ? 6.332   5.417   -0.349  1.00 6.90  ? 5   DC  B "O3'"  1 
ATOM   462 C  "C2'"  . DC  B 1 5  ? 7.227   3.219   -0.535  1.00 6.14  ? 5   DC  B "C2'"  1 
ATOM   463 C  "C1'"  . DC  B 1 5  ? 8.370   3.823   -1.319  1.00 5.74  ? 5   DC  B "C1'"  1 
ATOM   464 N  N1     . DC  B 1 5  ? 9.256   2.912   -2.064  1.00 5.94  ? 5   DC  B N1     1 
ATOM   465 C  C2     . DC  B 1 5  ? 9.108   2.784   -3.450  1.00 5.35  ? 5   DC  B C2     1 
ATOM   466 O  O2     . DC  B 1 5  ? 8.171   3.364   -4.016  1.00 6.05  ? 5   DC  B O2     1 
ATOM   467 N  N3     . DC  B 1 5  ? 9.986   2.010   -4.131  1.00 5.97  ? 5   DC  B N3     1 
ATOM   468 C  C4     . DC  B 1 5  ? 10.977  1.396   -3.485  1.00 7.20  ? 5   DC  B C4     1 
ATOM   469 N  N4     . DC  B 1 5  ? 11.819  0.639   -4.207  1.00 8.24  ? 5   DC  B N4     1 
ATOM   470 C  C5     . DC  B 1 5  ? 11.161  1.532   -2.085  1.00 7.36  ? 5   DC  B C5     1 
ATOM   471 C  C6     . DC  B 1 5  ? 10.283  2.293   -1.417  1.00 6.75  ? 5   DC  B C6     1 
ATOM   472 H  "H5'"  . DC  B 1 5  ? 9.799   4.595   2.172   1.00 11.44 ? 5   DC  B "H5'"  1 
ATOM   473 H  "H5''" . DC  B 1 5  ? 8.358   4.650   2.815   1.00 11.44 ? 5   DC  B "H5''" 1 
ATOM   474 H  "H4'"  . DC  B 1 5  ? 8.321   5.831   0.863   1.00 9.04  ? 5   DC  B "H4'"  1 
ATOM   475 H  "H3'"  . DC  B 1 5  ? 6.401   4.126   1.154   1.00 7.93  ? 5   DC  B "H3'"  1 
ATOM   476 H  "H2'"  . DC  B 1 5  ? 7.498   2.430   -0.040  1.00 7.36  ? 5   DC  B "H2'"  1 
ATOM   477 H  "H2''" . DC  B 1 5  ? 6.472   2.994   -1.101  1.00 7.36  ? 5   DC  B "H2''" 1 
ATOM   478 H  "H1'"  . DC  B 1 5  ? 7.988   4.435   -1.968  1.00 6.89  ? 5   DC  B "H1'"  1 
ATOM   479 H  H41    . DC  B 1 5  ? 12.469  0.229   -3.818  1.00 9.89  ? 5   DC  B H41    1 
ATOM   480 H  H42    . DC  B 1 5  ? 11.709  0.564   -5.056  1.00 9.89  ? 5   DC  B H42    1 
ATOM   481 H  H5     . DC  B 1 5  ? 11.864  1.108   -1.646  1.00 8.83  ? 5   DC  B H5     1 
ATOM   482 H  H6     . DC  B 1 5  ? 10.376  2.400   -0.499  1.00 8.10  ? 5   DC  B H6     1 
ATOM   483 P  P      . DA  B 1 6  ? 5.046   6.244   0.102   1.00 5.52  ? 6   DA  B P      1 
ATOM   484 O  OP1    . DA  B 1 6  ? 4.123   5.479   0.977   1.00 5.61  ? 6   DA  B OP1    1 
ATOM   485 O  OP2    . DA  B 1 6  ? 4.560   6.808   -1.170  1.00 6.27  ? 6   DA  B OP2    1 
ATOM   486 O  "O5'"  . DA  B 1 6  ? 5.583   7.412   1.054   1.00 6.11  ? 6   DA  B "O5'"  1 
ATOM   487 C  "C5'"  . DA  B 1 6  ? 6.413   8.461   0.559   1.00 7.03  ? 6   DA  B "C5'"  1 
ATOM   488 C  "C4'"  . DA  B 1 6  ? 5.722   9.812   0.670   1.00 6.74  ? 6   DA  B "C4'"  1 
ATOM   489 O  "O4'"  . DA  B 1 6  ? 4.786   9.949   -0.404  1.00 7.49  ? 6   DA  B "O4'"  1 
ATOM   490 C  "C3'"  . DA  B 1 6  ? 4.911   10.035  1.936   1.00 7.17  ? 6   DA  B "C3'"  1 
ATOM   491 O  "O3'"  . DA  B 1 6  ? 5.708   10.653  2.912   1.00 8.98  ? 6   DA  B "O3'"  1 
ATOM   492 C  "C2'"  . DA  B 1 6  ? 3.761   10.934  1.501   1.00 8.45  ? 6   DA  B "C2'"  1 
ATOM   493 C  "C1'"  . DA  B 1 6  ? 3.715   10.775  -0.005  1.00 7.74  ? 6   DA  B "C1'"  1 
ATOM   494 N  N9     . DA  B 1 6  ? 2.492   10.176  -0.511  1.00 7.10  ? 6   DA  B N9     1 
ATOM   495 C  C8     . DA  B 1 6  ? 2.351   8.942   -1.079  1.00 6.37  ? 6   DA  B C8     1 
ATOM   496 N  N7     . DA  B 1 6  ? 1.138   8.689   -1.503  1.00 6.45  ? 6   DA  B N7     1 
ATOM   497 C  C5     . DA  B 1 6  ? 0.432   9.838   -1.211  1.00 7.77  ? 6   DA  B C5     1 
ATOM   498 C  C6     . DA  B 1 6  ? -0.898  10.212  -1.431  1.00 8.64  ? 6   DA  B C6     1 
ATOM   499 N  N6     . DA  B 1 6  ? -1.790  9.421   -2.011  1.00 9.33  ? 6   DA  B N6     1 
ATOM   500 N  N1     . DA  B 1 6  ? -1.283  11.426  -1.015  1.00 10.41 ? 6   DA  B N1     1 
ATOM   501 C  C2     . DA  B 1 6  ? -0.390  12.223  -0.425  1.00 10.89 ? 6   DA  B C2     1 
ATOM   502 N  N3     . DA  B 1 6  ? 0.898   11.993  -0.177  1.00 9.62  ? 6   DA  B N3     1 
ATOM   503 C  C4     . DA  B 1 6  ? 1.252   10.770  -0.602  1.00 7.95  ? 6   DA  B C4     1 
ATOM   504 H  "H5'"  . DA  B 1 6  ? 6.623   8.287   -0.373  1.00 8.44  ? 6   DA  B "H5'"  1 
ATOM   505 H  "H5''" . DA  B 1 6  ? 7.237   8.482   1.069   1.00 8.44  ? 6   DA  B "H5''" 1 
ATOM   506 H  "H4'"  . DA  B 1 6  ? 6.394   10.510  0.608   1.00 8.09  ? 6   DA  B "H4'"  1 
ATOM   507 H  "H3'"  . DA  B 1 6  ? 4.557   9.187   2.248   1.00 8.61  ? 6   DA  B "H3'"  1 
ATOM   508 H  "H2'"  . DA  B 1 6  ? 2.927   10.648  1.905   1.00 10.14 ? 6   DA  B "H2'"  1 
ATOM   509 H  "H2''" . DA  B 1 6  ? 3.931   11.856  1.747   1.00 10.14 ? 6   DA  B "H2''" 1 
ATOM   510 H  "H1'"  . DA  B 1 6  ? 3.838   11.657  -0.389  1.00 9.29  ? 6   DA  B "H1'"  1 
ATOM   511 H  H8     . DA  B 1 6  ? 3.052   8.335   -1.157  1.00 7.65  ? 6   DA  B H8     1 
ATOM   512 H  H61    . DA  B 1 6  ? -2.601  9.690   -2.115  1.00 11.20 ? 6   DA  B H61    1 
ATOM   513 H  H62    . DA  B 1 6  ? -1.560  8.639   -2.285  1.00 11.20 ? 6   DA  B H62    1 
ATOM   514 H  H2     . DA  B 1 6  ? -0.710  13.052  -0.150  1.00 13.07 ? 6   DA  B H2     1 
ATOM   515 P  P      . DG  B 1 7  ? 6.016   9.910   4.297   1.00 9.93  ? 7   DG  B P      1 
ATOM   516 O  OP1    . DG  B 1 7  ? 6.925   10.794  5.063   1.00 11.07 ? 7   DG  B OP1    1 
ATOM   517 O  OP2    . DG  B 1 7  ? 6.413   8.514   4.037   1.00 10.70 ? 7   DG  B OP2    1 
ATOM   518 O  "O5'"  . DG  B 1 7  ? 4.602   9.811   4.998   1.00 9.65  ? 7   DG  B "O5'"  1 
ATOM   519 C  "C5'"  . DG  B 1 7  ? 3.909   10.973  5.355   1.00 10.04 ? 7   DG  B "C5'"  1 
ATOM   520 C  "C4'"  . DG  B 1 7  ? 2.446   10.664  5.501   1.00 10.74 ? 7   DG  B "C4'"  1 
ATOM   521 O  "O4'"  . DG  B 1 7  ? 1.904   10.297  4.193   1.00 9.64  ? 7   DG  B "O4'"  1 
ATOM   522 C  "C3'"  . DG  B 1 7  ? 2.133   9.466   6.430   1.00 10.97 ? 7   DG  B "C3'"  1 
ATOM   523 O  "O3'"  . DG  B 1 7  ? 0.990   9.744   7.231   1.00 12.91 ? 7   DG  B "O3'"  1 
ATOM   524 C  "C2'"  . DG  B 1 7  ? 1.867   8.356   5.441   1.00 9.00  ? 7   DG  B "C2'"  1 
ATOM   525 C  "C1'"  . DG  B 1 7  ? 1.133   9.151   4.387   1.00 8.62  ? 7   DG  B "C1'"  1 
ATOM   526 N  N9     . DG  B 1 7  ? 0.863   8.420   3.168   1.00 7.87  ? 7   DG  B N9     1 
ATOM   527 C  C8     . DG  B 1 7  ? 1.561   7.361   2.624   1.00 7.60  ? 7   DG  B C8     1 
ATOM   528 N  N7     . DG  B 1 7  ? 0.962   6.830   1.590   1.00 6.93  ? 7   DG  B N7     1 
ATOM   529 C  C5     . DG  B 1 7  ? -0.221  7.550   1.482   1.00 7.12  ? 7   DG  B C5     1 
ATOM   530 C  C6     . DG  B 1 7  ? -1.304  7.432   0.569   1.00 7.46  ? 7   DG  B C6     1 
ATOM   531 O  O6     . DG  B 1 7  ? -1.458  6.629   -0.358  1.00 7.52  ? 7   DG  B O6     1 
ATOM   532 N  N1     . DG  B 1 7  ? -2.287  8.381   0.820   1.00 8.80  ? 7   DG  B N1     1 
ATOM   533 C  C2     . DG  B 1 7  ? -2.248  9.310   1.826   1.00 8.73  ? 7   DG  B C2     1 
ATOM   534 N  N2     . DG  B 1 7  ? -3.302  10.131  1.914   1.00 10.67 ? 7   DG  B N2     1 
ATOM   535 N  N3     . DG  B 1 7  ? -1.256  9.426   2.685   1.00 8.34  ? 7   DG  B N3     1 
ATOM   536 C  C4     . DG  B 1 7  ? -0.289  8.516   2.457   1.00 7.38  ? 7   DG  B C4     1 
ATOM   537 H  "H5'"  . DG  B 1 7  ? 4.032   11.648  4.670   1.00 12.05 ? 7   DG  B "H5'"  1 
ATOM   538 H  "H5''" . DG  B 1 7  ? 4.255   11.310  6.197   1.00 12.05 ? 7   DG  B "H5''" 1 
ATOM   539 H  "H4'"  . DG  B 1 7  ? 1.979   11.448  5.828   1.00 12.89 ? 7   DG  B "H4'"  1 
ATOM   540 H  "H3'"  . DG  B 1 7  ? 2.897   9.257   6.989   1.00 13.16 ? 7   DG  B "H3'"  1 
ATOM   541 H  "H2'"  . DG  B 1 7  ? 2.686   7.965   5.100   1.00 10.80 ? 7   DG  B "H2'"  1 
ATOM   542 H  "H2''" . DG  B 1 7  ? 1.315   7.653   5.820   1.00 10.80 ? 7   DG  B "H2''" 1 
ATOM   543 H  "H1'"  . DG  B 1 7  ? 0.264   9.446   4.700   1.00 10.34 ? 7   DG  B "H1'"  1 
ATOM   544 H  H8     . DG  B 1 7  ? 2.373   7.056   2.960   1.00 9.12  ? 7   DG  B H8     1 
ATOM   545 H  H1     . DG  B 1 7  ? -2.975  8.387   0.303   1.00 10.56 ? 7   DG  B H1     1 
ATOM   546 H  H21    . DG  B 1 7  ? -3.329  10.732  2.529   1.00 12.81 ? 7   DG  B H21    1 
ATOM   547 H  H22    . DG  B 1 7  ? -3.952  10.058  1.355   1.00 12.81 ? 7   DG  B H22    1 
ATOM   548 P  P      . DC  B 1 8  ? 0.364   8.656   8.241   1.00 14.55 ? 8   DC  B P      1 
ATOM   549 O  OP1    . DC  B 1 8  ? -0.484  9.432   9.174   1.00 16.73 ? 8   DC  B OP1    1 
ATOM   550 O  OP2    . DC  B 1 8  ? 1.428   7.780   8.768   1.00 15.74 ? 8   DC  B OP2    1 
ATOM   551 O  "O5'"  . DC  B 1 8  ? -0.573  7.738   7.323   1.00 12.70 ? 8   DC  B "O5'"  1 
ATOM   552 C  "C5'"  . DC  B 1 8  ? -1.747  8.283   6.715   1.00 11.67 ? 8   DC  B "C5'"  1 
ATOM   553 C  "C4'"  . DC  B 1 8  ? -2.395  7.276   5.777   1.00 10.14 ? 8   DC  B "C4'"  1 
ATOM   554 O  "O4'"  . DC  B 1 8  ? -1.483  6.927   4.726   1.00 9.21  ? 8   DC  B "O4'"  1 
ATOM   555 C  "C3'"  . DC  B 1 8  ? -2.777  5.956   6.416   1.00 9.51  ? 8   DC  B "C3'"  1 
ATOM   556 O  "O3'"  . DC  B 1 8  ? -4.070  6.083   7.007   1.00 11.06 ? 8   DC  B "O3'"  1 
ATOM   557 C  "C2'"  . DC  B 1 8  ? -2.727  4.960   5.246   1.00 8.98  ? 8   DC  B "C2'"  1 
ATOM   558 C  "C1'"  . DC  B 1 8  ? -1.799  5.631   4.230   1.00 8.40  ? 8   DC  B "C1'"  1 
ATOM   559 N  N1     . DC  B 1 8  ? -0.507  4.945   4.006   1.00 7.29  ? 8   DC  B N1     1 
ATOM   560 C  C2     . DC  B 1 8  ? -0.226  4.349   2.776   1.00 6.54  ? 8   DC  B C2     1 
ATOM   561 O  O2     . DC  B 1 8  ? -1.097  4.323   1.892   1.00 6.33  ? 8   DC  B O2     1 
ATOM   562 N  N3     . DC  B 1 8  ? 0.986   3.778   2.603   1.00 6.11  ? 8   DC  B N3     1 
ATOM   563 C  C4     . DC  B 1 8  ? 1.911   3.852   3.558   1.00 6.26  ? 8   DC  B C4     1 
ATOM   564 N  N4     . DC  B 1 8  ? 3.100   3.298   3.310   1.00 6.48  ? 8   DC  B N4     1 
ATOM   565 C  C5     . DC  B 1 8  ? 1.650   4.474   4.809   1.00 6.81  ? 8   DC  B C5     1 
ATOM   566 C  C6     . DC  B 1 8  ? 0.444   5.003   4.984   1.00 6.99  ? 8   DC  B C6     1 
ATOM   567 H  "H5'"  . DC  B 1 8  ? -1.507  9.077   6.213   1.00 14.01 ? 8   DC  B "H5'"  1 
ATOM   568 H  "H5''" . DC  B 1 8  ? -2.380  8.526   7.407   1.00 14.01 ? 8   DC  B "H5''" 1 
ATOM   569 H  "H4'"  . DC  B 1 8  ? -3.183  7.685   5.386   1.00 12.17 ? 8   DC  B "H4'"  1 
ATOM   570 H  "H3'"  . DC  B 1 8  ? -2.125  5.681   7.080   1.00 11.42 ? 8   DC  B "H3'"  1 
ATOM   571 H  "H2'"  . DC  B 1 8  ? -2.369  4.105   5.532   1.00 10.78 ? 8   DC  B "H2'"  1 
ATOM   572 H  "H2''" . DC  B 1 8  ? -3.611  4.822   4.870   1.00 10.78 ? 8   DC  B "H2''" 1 
ATOM   573 H  "H1'"  . DC  B 1 8  ? -2.291  5.692   3.397   1.00 10.08 ? 8   DC  B "H1'"  1 
ATOM   574 H  H41    . DC  B 1 8  ? 3.720   3.328   3.904   1.00 7.78  ? 8   DC  B H41    1 
ATOM   575 H  H42    . DC  B 1 8  ? 3.246   2.913   2.555   1.00 7.78  ? 8   DC  B H42    1 
ATOM   576 H  H5     . DC  B 1 8  ? 2.296   4.508   5.476   1.00 8.17  ? 8   DC  B H5     1 
ATOM   577 H  H6     . DC  B 1 8  ? 0.243   5.422   5.791   1.00 8.39  ? 8   DC  B H6     1 
ATOM   578 P  P      . DG  B 1 9  ? -4.661  4.967   8.005   1.00 13.01 ? 9   DG  B P      1 
ATOM   579 O  OP1    . DG  B 1 9  ? -5.528  5.678   8.967   1.00 15.82 ? 9   DG  B OP1    1 
ATOM   580 O  OP2    . DG  B 1 9  ? -3.585  4.103   8.530   1.00 12.72 ? 9   DG  B OP2    1 
ATOM   581 O  "O5'"  . DG  B 1 9  ? -5.564  4.057   7.058   1.00 13.02 ? 9   DG  B "O5'"  1 
ATOM   582 C  "C5'"  . DG  B 1 9  ? -6.590  4.648   6.287   1.00 13.30 ? 9   DG  B "C5'"  1 
ATOM   583 C  "C4'"  . DG  B 1 9  ? -7.724  3.669   6.043   1.00 12.92 ? 9   DG  B "C4'"  1 
ATOM   584 O  "O4'"  . DG  B 1 9  ? -7.345  2.729   5.014   1.00 12.32 ? 9   DG  B "O4'"  1 
ATOM   585 C  "C3'"  . DG  B 1 9  ? -8.115  2.831   7.252   1.00 12.86 ? 9   DG  B "C3'"  1 
ATOM   586 O  "O3'"  . DG  B 1 9  ? -9.498  2.653   7.314   1.00 14.80 ? 9   DG  B "O3'"  1 
ATOM   587 C  "C2'"  . DG  B 1 9  ? -7.393  1.508   7.061   1.00 13.44 ? 9   DG  B "C2'"  1 
ATOM   588 C  "C1'"  . DG  B 1 9  ? -6.965  1.501   5.588   1.00 12.57 ? 9   DG  B "C1'"  1 
ATOM   589 N  N9     . DG  B 1 9  ? -5.533  1.318   5.381   1.00 10.19 ? 9   DG  B N9     1 
ATOM   590 C  C8     . DG  B 1 9  ? -4.582  1.044   6.330   1.00 9.82  ? 9   DG  B C8     1 
ATOM   591 N  N7     . DG  B 1 9  ? -3.385  0.930   5.849   1.00 9.56  ? 9   DG  B N7     1 
ATOM   592 C  C5     . DG  B 1 9  ? -3.548  1.125   4.481   1.00 7.69  ? 9   DG  B C5     1 
ATOM   593 C  C6     . DG  B 1 9  ? -2.594  1.107   3.434   1.00 6.85  ? 9   DG  B C6     1 
ATOM   594 O  O6     . DG  B 1 9  ? -1.392  0.876   3.525   1.00 7.55  ? 9   DG  B O6     1 
ATOM   595 N  N1     . DG  B 1 9  ? -3.175  1.346   2.187   1.00 6.77  ? 9   DG  B N1     1 
ATOM   596 C  C2     . DG  B 1 9  ? -4.512  1.595   1.996   1.00 7.29  ? 9   DG  B C2     1 
ATOM   597 N  N2     . DG  B 1 9  ? -4.895  1.838   0.740   1.00 7.84  ? 9   DG  B N2     1 
ATOM   598 N  N3     . DG  B 1 9  ? -5.414  1.600   2.968   1.00 8.01  ? 9   DG  B N3     1 
ATOM   599 C  C4     . DG  B 1 9  ? -4.864  1.360   4.178   1.00 8.59  ? 9   DG  B C4     1 
ATOM   600 H  "H5'"  . DG  B 1 9  ? -6.224  4.930   5.434   1.00 15.96 ? 9   DG  B "H5'"  1 
ATOM   601 H  "H5''" . DG  B 1 9  ? -6.934  5.424   6.755   1.00 15.96 ? 9   DG  B "H5''" 1 
ATOM   602 H  "H4'"  . DG  B 1 9  ? -8.503  4.159   5.736   1.00 15.50 ? 9   DG  B "H4'"  1 
ATOM   603 H  "H3'"  . DG  B 1 9  ? -7.783  3.272   8.050   1.00 15.43 ? 9   DG  B "H3'"  1 
ATOM   604 H  "H2'"  . DG  B 1 9  ? -6.620  1.451   7.645   1.00 16.13 ? 9   DG  B "H2'"  1 
ATOM   605 H  "H2''" . DG  B 1 9  ? -7.986  0.763   7.250   1.00 16.13 ? 9   DG  B "H2''" 1 
ATOM   606 H  "H1'"  . DG  B 1 9  ? -7.450  0.790   5.142   1.00 15.09 ? 9   DG  B "H1'"  1 
ATOM   607 H  H8     . DG  B 1 9  ? -4.777  0.948   7.235   1.00 11.79 ? 9   DG  B H8     1 
ATOM   608 H  H21    . DG  B 1 9  ? -5.722  1.995   0.565   1.00 9.41  ? 9   DG  B H21    1 
ATOM   609 H  H22    . DG  B 1 9  ? -4.315  1.836   0.106   1.00 9.41  ? 9   DG  B H22    1 
ATOM   610 P  P      . DA  B 1 10 ? -10.371 3.518   8.341   1.00 17.25 ? 10  DA  B P      1 
ATOM   611 O  OP1    . DA  B 1 10 ? -9.675  3.525   9.648   1.00 19.01 ? 10  DA  B OP1    1 
ATOM   612 O  OP2    . DA  B 1 10 ? -11.755 3.009   8.234   1.00 18.79 ? 10  DA  B OP2    1 
ATOM   613 O  "O5'"  . DA  B 1 10 ? -10.293 4.996   7.758   1.00 17.30 ? 10  DA  B "O5'"  1 
ATOM   614 C  "C5'"  . DA  B 1 10 ? -11.027 5.312   6.625   1.00 16.08 ? 10  DA  B "C5'"  1 
ATOM   615 C  "C4'"  . DA  B 1 10 ? -10.617 6.650   6.071   1.00 16.08 ? 10  DA  B "C4'"  1 
ATOM   616 O  "O4'"  . DA  B 1 10 ? -9.287  6.544   5.481   1.00 15.05 ? 10  DA  B "O4'"  1 
ATOM   617 C  "C3'"  . DA  B 1 10 ? -11.535 7.170   4.966   1.00 17.01 ? 10  DA  B "C3'"  1 
ATOM   618 O  "O3'"  . DA  B 1 10 ? -11.763 8.562   5.110   1.00 19.25 ? 10  DA  B "O3'"  1 
ATOM   619 C  "C2'"  . DA  B 1 10 ? -10.769 6.831   3.698   1.00 16.03 ? 10  DA  B "C2'"  1 
ATOM   620 C  "C1'"  . DA  B 1 10 ? -9.333  7.024   4.150   1.00 13.94 ? 10  DA  B "C1'"  1 
ATOM   621 N  N9     . DA  B 1 10 ? -8.333  6.316   3.348   1.00 12.08 ? 10  DA  B N9     1 
ATOM   622 C  C8     . DA  B 1 10 ? -8.497  5.180   2.606   1.00 12.31 ? 10  DA  B C8     1 
ATOM   623 N  N7     . DA  B 1 10 ? -7.404  4.786   1.994   1.00 12.05 ? 10  DA  B N7     1 
ATOM   624 C  C5     . DA  B 1 10 ? -6.462  5.733   2.359   1.00 11.20 ? 10  DA  B C5     1 
ATOM   625 C  C6     . DA  B 1 10 ? -5.093  5.885   2.055   1.00 10.52 ? 10  DA  B C6     1 
ATOM   626 N  N6     . DA  B 1 10 ? -4.416  5.046   1.258   1.00 11.07 ? 10  DA  B N6     1 
ATOM   627 N  N1     . DA  B 1 10 ? -4.453  6.945   2.585   1.00 11.05 ? 10  DA  B N1     1 
ATOM   628 C  C2     . DA  B 1 10 ? -5.130  7.778   3.382   1.00 11.25 ? 10  DA  B C2     1 
ATOM   629 N  N3     . DA  B 1 10 ? -6.408  7.734   3.745   1.00 11.29 ? 10  DA  B N3     1 
ATOM   630 C  C4     . DA  B 1 10 ? -7.023  6.681   3.191   1.00 11.04 ? 10  DA  B C4     1 
ATOM   631 H  "H5'"  . DA  B 1 10 ? -11.970 5.334   6.851   1.00 19.30 ? 10  DA  B "H5'"  1 
ATOM   632 H  "H5''" . DA  B 1 10 ? -10.882 4.630   5.950   1.00 19.30 ? 10  DA  B "H5''" 1 
ATOM   633 H  "H4'"  . DA  B 1 10 ? -10.578 7.306   6.786   1.00 19.30 ? 10  DA  B "H4'"  1 
ATOM   634 H  "H3'"  . DA  B 1 10 ? -12.380 6.695   4.980   1.00 20.41 ? 10  DA  B "H3'"  1 
ATOM   635 H  "HO3'" . DA  B 1 10 ? -11.541 9.090   4.495   1.00 23.10 ? 10  DA  B "HO3'" 1 
ATOM   636 H  "H2'"  . DA  B 1 10 ? -10.934 5.918   3.416   1.00 19.24 ? 10  DA  B "H2'"  1 
ATOM   637 H  "H2''" . DA  B 1 10 ? -10.998 7.432   2.972   1.00 19.24 ? 10  DA  B "H2''" 1 
ATOM   638 H  "H1'"  . DA  B 1 10 ? -9.113  7.969   4.130   1.00 16.72 ? 10  DA  B "H1'"  1 
ATOM   639 H  H8     . DA  B 1 10 ? -9.308  4.729   2.541   1.00 14.77 ? 10  DA  B H8     1 
ATOM   640 H  H61    . DA  B 1 10 ? -3.584  5.189   1.092   1.00 13.28 ? 10  DA  B H61    1 
ATOM   641 H  H62    . DA  B 1 10 ? -4.812  4.366   0.913   1.00 13.28 ? 10  DA  B H62    1 
ATOM   642 H  H2     . DA  B 1 10 ? -4.638  8.485   3.732   1.00 13.51 ? 10  DA  B H2     1 
HETATM 643 AG AG     . AG  C 2 .  ? -0.607  -3.765  0.308   1.00 5.60  ? 101 AG  A AG     1 
HETATM 644 AG AG     . AG  D 2 .  ? -0.247  -1.113  -0.499  1.00 5.47  ? 102 AG  A AG     1 
HETATM 645 AG AG     . AG  E 2 .  ? 0.107   1.518   -1.538  1.00 5.38  ? 103 AG  A AG     1 
HETATM 646 AG AG     . AG  F 2 .  ? 0.673   4.107   -3.136  1.00 5.34  ? 104 AG  A AG     1 
HETATM 647 AG AG     . AG  G 2 .  ? 1.567   -2.537  1.356   1.00 5.38  ? 105 AG  A AG     1 
HETATM 648 AG AG     . AG  H 2 .  ? 2.183   0.130   -0.178  1.00 5.37  ? 106 AG  A AG     1 
HETATM 649 AG AG     . AG  I 2 .  ? 2.506   3.011   -1.418  1.00 5.42  ? 107 AG  A AG     1 
HETATM 650 AG AG     . AG  J 2 .  ? 2.959   5.593   -2.375  1.00 5.56  ? 108 AG  A AG     1 
HETATM 651 AG AG     . AG  K 2 .  ? -2.609  2.976   -1.380  0.32 6.31  ? 109 AG  A AG     1 
HETATM 652 CA CA     . CA  L 3 .  ? 3.430   -0.307  -13.566 1.00 8.75  ? 110 CA  A CA     1 
HETATM 653 AG AG     . AG  M 2 .  ? -0.620  -2.963  3.014   1.00 5.58  ? 101 AG  B AG     1 
HETATM 654 AG AG     . AG  N 2 .  ? 0.105   -0.326  2.119   1.00 5.48  ? 102 AG  B AG     1 
HETATM 655 AG AG     . AG  O 2 .  ? 1.917   5.212   0.213   1.00 5.57  ? 103 AG  B AG     1 
HETATM 656 AG AG     . AG  P 2 .  ? -2.304  -1.759  1.236   1.00 5.73  ? 104 AG  B AG     1 
HETATM 657 AG AG     . AG  Q 2 .  ? -1.608  1.272   0.542   1.00 5.66  ? 105 AG  B AG     1 
HETATM 658 AG AG     . AG  R 2 .  ? -0.482  4.174   -0.594  1.00 5.52  ? 106 AG  B AG     1 
HETATM 659 AG AG     . AG  S 2 .  ? 0.466   6.535   -1.787  1.00 5.90  ? 107 AG  B AG     1 
HETATM 660 AG AG     . AG  T 2 .  ? 3.961   2.061   0.468   0.33 5.96  ? 108 AG  B AG     1 
HETATM 661 AG AG     . AG  U 2 .  ? 0.967   2.257   0.964   1.00 5.46  ? 109 AG  B AG     1 
HETATM 662 O  O      . HOH V 4 .  ? 0.926   -4.407  -5.772  1.00 17.09 ? 201 HOH A O      1 
HETATM 663 O  O      . HOH V 4 .  ? -5.233  -10.686 -6.604  1.00 18.94 ? 202 HOH A O      1 
HETATM 664 O  O      . HOH V 4 .  ? 5.577   -3.347  -11.271 1.00 18.00 ? 203 HOH A O      1 
HETATM 665 O  O      . HOH V 4 .  ? 0.142   -7.150  -4.942  1.00 16.30 ? 204 HOH A O      1 
HETATM 666 O  O      . HOH V 4 .  ? 0.226   -13.726 -5.060  1.00 22.07 ? 205 HOH A O      1 
HETATM 667 O  O      . HOH V 4 .  ? -1.349  -1.761  -8.602  1.00 17.89 ? 206 HOH A O      1 
HETATM 668 O  O      . HOH V 4 .  ? -2.393  0.391   -12.261 1.00 21.42 ? 207 HOH A O      1 
HETATM 669 O  O      . HOH V 4 .  ? -3.778  1.666   -6.533  1.00 9.35  ? 208 HOH A O      1 
HETATM 670 O  O      . HOH V 4 .  ? -5.556  -6.037  1.510   1.00 16.72 ? 209 HOH A O      1 
HETATM 671 O  O      . HOH V 4 .  ? 7.799   -3.608  -0.898  1.00 13.14 ? 210 HOH A O      1 
HETATM 672 O  O      . HOH V 4 .  ? -6.181  11.376  1.751   1.00 17.98 ? 211 HOH A O      1 
HETATM 673 O  O      . HOH V 4 .  ? -2.615  4.723   -13.568 1.00 23.27 ? 212 HOH A O      1 
HETATM 674 O  O      . HOH V 4 .  ? 4.347   9.184   -9.596  1.00 12.54 ? 213 HOH A O      1 
HETATM 675 O  O      . HOH V 4 .  ? -2.005  3.679   -6.936  1.00 7.62  ? 214 HOH A O      1 
HETATM 676 O  O      . HOH V 4 .  ? -7.517  -11.344 -1.203  1.00 28.78 ? 215 HOH A O      1 
HETATM 677 O  O      . HOH V 4 .  ? 7.871   -3.663  1.739   1.00 13.78 ? 216 HOH A O      1 
HETATM 678 O  O      . HOH V 4 .  ? 3.832   -2.596  -13.822 1.00 16.58 ? 217 HOH A O      1 
HETATM 679 O  O      . HOH V 4 .  ? 3.363   2.101   -13.637 1.00 11.15 ? 218 HOH A O      1 
HETATM 680 O  O      . HOH V 4 .  ? -8.936  11.723  2.781   1.00 24.12 ? 219 HOH A O      1 
HETATM 681 O  O      . HOH V 4 .  ? -4.287  -12.433 -4.993  1.00 23.10 ? 220 HOH A O      1 
HETATM 682 O  O      . HOH V 4 .  ? -3.834  -0.673  -8.005  1.00 15.32 ? 221 HOH A O      1 
HETATM 683 O  O      . HOH V 4 .  ? 5.021   -0.045  -15.298 1.00 14.53 ? 222 HOH A O      1 
HETATM 684 O  O      . HOH V 4 .  ? -7.411  13.443  1.919   1.00 19.70 ? 223 HOH A O      1 
HETATM 685 O  O      . HOH V 4 .  ? 13.225  -6.453  -10.431 1.00 26.32 ? 224 HOH A O      1 
HETATM 686 O  O      . HOH W 4 .  ? 7.859   3.748   5.654   1.00 16.56 ? 201 HOH B O      1 
HETATM 687 O  O      . HOH W 4 .  ? -13.380 1.626   6.835   1.00 9.61  ? 202 HOH B O      1 
HETATM 688 O  O      . HOH W 4 .  ? -7.957  1.581   2.435   1.00 19.44 ? 203 HOH B O      1 
HETATM 689 O  O      . HOH W 4 .  ? 7.315   -1.468  9.296   1.00 20.24 ? 204 HOH B O      1 
HETATM 690 O  O      . HOH W 4 .  ? -1.853  -0.318  8.900   1.00 11.22 ? 205 HOH B O      1 
HETATM 691 O  O      . HOH W 4 .  ? -7.181  -5.189  11.119  1.00 30.00 ? 206 HOH B O      1 
HETATM 692 O  O      . HOH W 4 .  ? -6.779  -7.559  9.596   1.00 21.50 ? 207 HOH B O      1 
HETATM 693 O  O      . HOH W 4 .  ? -1.831  2.178   7.693   1.00 15.42 ? 208 HOH B O      1 
HETATM 694 O  O      . HOH W 4 .  ? 10.851  -3.791  9.169   1.00 17.58 ? 209 HOH B O      1 
HETATM 695 O  O      . HOH W 4 .  ? 13.146  3.091   1.136   1.00 17.24 ? 210 HOH B O      1 
HETATM 696 O  O      . HOH W 4 .  ? -0.273  -0.999  11.131  1.00 15.29 ? 211 HOH B O      1 
HETATM 697 O  O      . HOH W 4 .  ? -5.644  0.605   9.524   1.00 18.10 ? 212 HOH B O      1 
HETATM 698 O  O      . HOH W 4 .  ? 11.138  -0.472  0.807   1.00 15.93 ? 213 HOH B O      1 
HETATM 699 O  O      . HOH W 4 .  ? 10.472  1.596   -6.891  1.00 8.89  ? 214 HOH B O      1 
HETATM 700 O  O      . HOH W 4 .  ? 4.604   6.357   3.705   1.00 9.29  ? 215 HOH B O      1 
HETATM 701 O  O      . HOH W 4 .  ? 3.402   -0.139  9.737   1.00 19.78 ? 216 HOH B O      1 
HETATM 702 O  O      . HOH W 4 .  ? -7.138  3.402   -0.569  1.00 18.29 ? 217 HOH B O      1 
HETATM 703 O  O      . HOH W 4 .  ? 13.943  -0.648  -2.642  1.00 22.02 ? 218 HOH B O      1 
HETATM 704 O  O      . HOH W 4 .  ? 9.069   7.885   2.939   1.00 19.22 ? 219 HOH B O      1 
HETATM 705 O  O      . HOH W 4 .  ? 5.230   4.164   5.153   1.00 9.69  ? 220 HOH B O      1 
HETATM 706 O  O      . HOH W 4 .  ? 0.797   2.416   8.045   1.00 14.52 ? 221 HOH B O      1 
HETATM 707 O  O      . HOH W 4 .  ? -5.181  13.221  1.100   1.00 17.83 ? 222 HOH B O      1 
HETATM 708 O  O      . HOH W 4 .  ? 10.543  -2.744  1.988   1.00 18.58 ? 223 HOH B O      1 
# 
loop_
_atom_site_anisotrop.id 
_atom_site_anisotrop.type_symbol 
_atom_site_anisotrop.pdbx_label_atom_id 
_atom_site_anisotrop.pdbx_label_alt_id 
_atom_site_anisotrop.pdbx_label_comp_id 
_atom_site_anisotrop.pdbx_label_asym_id 
_atom_site_anisotrop.pdbx_label_seq_id 
_atom_site_anisotrop.pdbx_PDB_ins_code 
_atom_site_anisotrop.U[1][1] 
_atom_site_anisotrop.U[2][2] 
_atom_site_anisotrop.U[3][3] 
_atom_site_anisotrop.U[1][2] 
_atom_site_anisotrop.U[1][3] 
_atom_site_anisotrop.U[2][3] 
_atom_site_anisotrop.pdbx_auth_seq_id 
_atom_site_anisotrop.pdbx_auth_comp_id 
_atom_site_anisotrop.pdbx_auth_asym_id 
_atom_site_anisotrop.pdbx_auth_atom_id 
1   O  "O5'" . DC  A 1  ? 0.1372 0.1235 0.2415 0.0134  0.0662  0.0126  1   DC  A "O5'" 
2   C  "C5'" . DC  A 1  ? 0.1340 0.1019 0.2160 0.0097  0.0521  -0.0030 1   DC  A "C5'" 
3   C  "C4'" . DC  A 1  ? 0.1305 0.0906 0.1577 0.0034  0.0293  -0.0068 1   DC  A "C4'" 
4   O  "O4'" . DC  A 1  ? 0.1184 0.0867 0.1173 0.0094  0.0221  0.0130  1   DC  A "O4'" 
5   C  "C3'" . DC  A 1  ? 0.1318 0.1021 0.1301 -0.0143 0.0181  -0.0297 1   DC  A "C3'" 
6   O  "O3'" . DC  A 1  ? 0.1519 0.1117 0.1210 -0.0264 0.0118  -0.0440 1   DC  A "O3'" 
7   C  "C2'" . DC  A 1  ? 0.1303 0.1073 0.0893 0.0008  0.0138  -0.0101 1   DC  A "C2'" 
8   C  "C1'" . DC  A 1  ? 0.0972 0.0816 0.0922 0.0018  0.0098  0.0029  1   DC  A "C1'" 
9   N  N1    . DC  A 1  ? 0.0851 0.0653 0.0953 -0.0006 0.0122  0.0012  1   DC  A N1    
10  C  C2    . DC  A 1  ? 0.0845 0.0729 0.0556 0.0078  0.0111  0.0159  1   DC  A C2    
11  O  O2    . DC  A 1  ? 0.0797 0.0733 0.0754 -0.0022 0.0001  0.0031  1   DC  A O2    
12  N  N3    . DC  A 1  ? 0.0759 0.0571 0.0733 0.0012  0.0081  0.0148  1   DC  A N3    
13  C  C4    . DC  A 1  ? 0.0579 0.0705 0.0926 0.0025  0.0041  0.0176  1   DC  A C4    
14  N  N4    . DC  A 1  ? 0.0581 0.0735 0.1073 0.0083  0.0037  0.0167  1   DC  A N4    
15  C  C5    . DC  A 1  ? 0.0709 0.0766 0.1212 0.0050  0.0056  0.0050  1   DC  A C5    
16  C  C6    . DC  A 1  ? 0.0748 0.0892 0.1051 0.0050  0.0153  0.0004  1   DC  A C6    
29  P  P     . DA  A 2  ? 0.1828 0.1337 0.1173 0.0225  -0.0231 -0.0094 2   DA  A P     
30  O  OP1   . DA  A 2  ? 0.1892 0.1281 0.1304 0.0395  -0.0518 -0.0093 2   DA  A OP1   
31  O  OP2   . DA  A 2  ? 0.2175 0.1793 0.1230 0.0565  -0.0095 0.0239  2   DA  A OP2   
32  O  "O5'" . DA  A 2  ? 0.1747 0.1138 0.1441 0.0100  -0.0285 -0.0132 2   DA  A "O5'" 
33  C  "C5'" . DA  A 2  ? 0.1566 0.1259 0.1284 -0.0006 -0.0297 -0.0163 2   DA  A "C5'" 
34  C  "C4'" . DA  A 2  ? 0.1346 0.1146 0.1076 -0.0130 -0.0368 -0.0131 2   DA  A "C4'" 
35  O  "O4'" . DA  A 2  ? 0.1463 0.0795 0.1070 -0.0103 -0.0388 -0.0103 2   DA  A "O4'" 
36  C  "C3'" . DA  A 2  ? 0.1299 0.1234 0.1238 -0.0140 -0.0370 -0.0103 2   DA  A "C3'" 
37  O  "O3'" . DA  A 2  ? 0.1139 0.1228 0.1148 -0.0092 -0.0564 -0.0118 2   DA  A "O3'" 
38  C  "C2'" . DA  A 2  ? 0.1215 0.1007 0.1342 -0.0200 -0.0423 -0.0131 2   DA  A "C2'" 
39  C  "C1'" . DA  A 2  ? 0.1223 0.0771 0.1106 -0.0134 -0.0328 -0.0084 2   DA  A "C1'" 
40  N  N9    . DA  A 2  ? 0.0739 0.0755 0.0737 -0.0208 -0.0268 -0.0002 2   DA  A N9    
41  C  C8    . DA  A 2  ? 0.0897 0.0774 0.0658 -0.0091 -0.0107 0.0016  2   DA  A C8    
42  N  N7    . DA  A 2  ? 0.0910 0.0723 0.0647 -0.0111 -0.0001 0.0092  2   DA  A N7    
43  C  C5    . DA  A 2  ? 0.0680 0.0774 0.0545 -0.0082 -0.0052 0.0148  2   DA  A C5    
44  C  C6    . DA  A 2  ? 0.0814 0.0587 0.0583 -0.0005 -0.0075 0.0106  2   DA  A C6    
45  N  N6    . DA  A 2  ? 0.0690 0.0749 0.0609 0.0024  -0.0042 0.0004  2   DA  A N6    
46  N  N1    . DA  A 2  ? 0.0681 0.0653 0.0680 -0.0084 -0.0079 0.0017  2   DA  A N1    
47  C  C2    . DA  A 2  ? 0.0587 0.0803 0.0818 -0.0014 -0.0050 0.0031  2   DA  A C2    
48  N  N3    . DA  A 2  ? 0.0746 0.0770 0.0861 -0.0038 -0.0070 0.0106  2   DA  A N3    
49  C  C4    . DA  A 2  ? 0.0749 0.0792 0.0719 -0.0120 -0.0143 -0.0009 2   DA  A C4    
61  P  P     . DC  A 3  ? 0.1282 0.1172 0.1123 -0.0010 -0.0506 -0.0190 3   DC  A P     
62  O  OP1   . DC  A 3  ? 0.1248 0.1295 0.1337 -0.0089 -0.0638 -0.0311 3   DC  A OP1   
63  O  OP2   . DC  A 3  ? 0.1485 0.1750 0.1110 0.0049  -0.0323 -0.0260 3   DC  A OP2   
64  O  "O5'" . DC  A 3  ? 0.1263 0.1052 0.1648 -0.0121 -0.0167 -0.0091 3   DC  A "O5'" 
65  C  "C5'" A DC  A 3  ? 0.1262 0.1129 0.1717 -0.0153 -0.0053 -0.0061 3   DC  A "C5'" 
66  C  "C5'" B DC  A 3  ? 0.1208 0.1169 0.1676 -0.0104 -0.0112 -0.0024 3   DC  A "C5'" 
67  C  "C4'" A DC  A 3  ? 0.1228 0.1145 0.1515 -0.0152 -0.0111 0.0009  3   DC  A "C4'" 
68  C  "C4'" B DC  A 3  ? 0.1026 0.1186 0.1567 -0.0081 -0.0280 0.0029  3   DC  A "C4'" 
69  O  "O4'" A DC  A 3  ? 0.1266 0.1257 0.1344 -0.0007 -0.0165 0.0178  3   DC  A "O4'" 
70  O  "O4'" B DC  A 3  ? 0.0809 0.1257 0.1417 -0.0029 -0.0438 0.0163  3   DC  A "O4'" 
71  C  "C3'" A DC  A 3  ? 0.1249 0.1245 0.1576 -0.0086 -0.0139 0.0071  3   DC  A "C3'" 
72  C  "C3'" B DC  A 3  ? 0.1231 0.1301 0.1681 0.0056  -0.0246 0.0087  3   DC  A "C3'" 
73  O  "O3'" A DC  A 3  ? 0.1134 0.1362 0.1689 -0.0094 -0.0227 0.0132  3   DC  A "O3'" 
74  O  "O3'" B DC  A 3  ? 0.1286 0.1440 0.2094 0.0102  -0.0138 0.0154  3   DC  A "O3'" 
75  C  "C2'" A DC  A 3  ? 0.1293 0.1267 0.1709 0.0009  -0.0130 0.0101  3   DC  A "C2'" 
76  C  "C2'" B DC  A 3  ? 0.1157 0.1284 0.1699 0.0084  -0.0261 0.0181  3   DC  A "C2'" 
77  C  "C1'" A DC  A 3  ? 0.1149 0.1132 0.1579 -0.0031 -0.0199 0.0077  3   DC  A "C1'" 
78  C  "C1'" B DC  A 3  ? 0.0949 0.1135 0.1631 -0.0005 -0.0332 0.0106  3   DC  A "C1'" 
79  N  N1    . DC  A 3  ? 0.0915 0.0929 0.1435 -0.0076 -0.0317 0.0001  3   DC  A N1    
80  C  C2    . DC  A 3  ? 0.0774 0.0816 0.1020 -0.0124 -0.0135 0.0064  3   DC  A C2    
81  O  O2    . DC  A 3  ? 0.0635 0.0897 0.0935 -0.0219 -0.0046 0.0075  3   DC  A O2    
82  N  N3    . DC  A 3  ? 0.0807 0.0684 0.0903 -0.0072 -0.0166 0.0049  3   DC  A N3    
83  C  C4    . DC  A 3  ? 0.1058 0.0826 0.0723 -0.0014 -0.0143 -0.0102 3   DC  A C4    
84  N  N4    . DC  A 3  ? 0.1083 0.0941 0.0818 0.0134  -0.0047 -0.0138 3   DC  A N4    
85  C  C5    . DC  A 3  ? 0.1218 0.0864 0.0950 0.0015  -0.0105 -0.0140 3   DC  A C5    
86  C  C6    . DC  A 3  ? 0.1072 0.0912 0.1161 -0.0007 -0.0372 -0.0148 3   DC  A C6    
105 P  P     A DC  A 4  ? 0.1131 0.1602 0.1845 -0.0037 -0.0303 0.0205  4   DC  A P     
106 P  P     B DC  A 4  ? 0.1214 0.1358 0.2466 0.0049  -0.0189 0.0179  4   DC  A P     
107 O  OP1   A DC  A 4  ? 0.0981 0.1782 0.1869 -0.0013 -0.0411 0.0308  4   DC  A OP1   
108 O  OP1   B DC  A 4  ? 0.1357 0.1675 0.2567 0.0004  -0.0035 0.0050  4   DC  A OP1   
109 O  OP2   A DC  A 4  ? 0.1246 0.1657 0.1566 0.0020  -0.0227 0.0261  4   DC  A OP2   
110 O  OP2   B DC  A 4  ? 0.1186 0.1444 0.2527 0.0270  -0.0114 0.0438  4   DC  A OP2   
111 O  "O5'" A DC  A 4  ? 0.1017 0.1742 0.1694 0.0045  -0.0300 0.0194  4   DC  A "O5'" 
112 O  "O5'" B DC  A 4  ? 0.1420 0.1515 0.2325 0.0037  -0.0137 0.0122  4   DC  A "O5'" 
113 C  "C5'" A DC  A 4  ? 0.0946 0.1764 0.1909 0.0063  -0.0259 0.0186  4   DC  A "C5'" 
114 C  "C5'" B DC  A 4  ? 0.1131 0.1648 0.2174 0.0057  -0.0210 0.0163  4   DC  A "C5'" 
115 C  "C4'" . DC  A 4  ? 0.1035 0.1607 0.1978 0.0084  -0.0222 0.0203  4   DC  A "C4'" 
116 O  "O4'" . DC  A 4  ? 0.0921 0.1415 0.1785 -0.0097 -0.0124 0.0194  4   DC  A "O4'" 
117 C  "C3'" . DC  A 4  ? 0.1100 0.1410 0.1781 0.0202  -0.0347 0.0270  4   DC  A "C3'" 
118 O  "O3'" . DC  A 4  ? 0.1501 0.1546 0.1863 0.0263  -0.0246 0.0209  4   DC  A "O3'" 
119 C  "C2'" . DC  A 4  ? 0.0883 0.1348 0.1415 0.0129  -0.0355 0.0199  4   DC  A "C2'" 
120 C  "C1'" . DC  A 4  ? 0.0918 0.1308 0.1081 0.0141  -0.0392 0.0244  4   DC  A "C1'" 
121 N  N1    . DC  A 4  ? 0.0872 0.1032 0.0926 0.0002  -0.0173 0.0262  4   DC  A N1    
122 C  C2    . DC  A 4  ? 0.0783 0.0856 0.0724 -0.0025 -0.0170 0.0192  4   DC  A C2    
123 O  O2    . DC  A 4  ? 0.0766 0.0840 0.0770 0.0010  -0.0066 0.0140  4   DC  A O2    
124 N  N3    . DC  A 4  ? 0.0839 0.0704 0.0651 -0.0040 -0.0151 0.0100  4   DC  A N3    
125 C  C4    . DC  A 4  ? 0.0949 0.0679 0.0672 -0.0107 -0.0158 0.0005  4   DC  A C4    
126 N  N4    . DC  A 4  ? 0.0940 0.0986 0.0629 -0.0122 0.0023  0.0022  4   DC  A N4    
127 C  C5    . DC  A 4  ? 0.1036 0.0962 0.0676 -0.0041 -0.0190 0.0011  4   DC  A C5    
128 C  C6    . DC  A 4  ? 0.0896 0.1155 0.0855 0.0026  -0.0254 0.0120  4   DC  A C6    
143 P  P     . DC  A 5  ? 0.1459 0.1803 0.1815 0.0307  -0.0398 0.0062  5   DC  A P     
144 O  OP1   . DC  A 5  ? 0.1254 0.1865 0.2445 0.0258  -0.0547 -0.0073 5   DC  A OP1   
145 O  OP2   . DC  A 5  ? 0.1416 0.2009 0.1632 0.0372  -0.0403 -0.0196 5   DC  A OP2   
146 O  "O5'" . DC  A 5  ? 0.1289 0.1675 0.2108 0.0164  -0.0387 -0.0139 5   DC  A "O5'" 
147 C  "C5'" . DC  A 5  ? 0.0911 0.1515 0.1800 0.0162  -0.0421 -0.0233 5   DC  A "C5'" 
148 C  "C4'" . DC  A 5  ? 0.0900 0.1174 0.1422 0.0190  -0.0248 -0.0040 5   DC  A "C4'" 
149 O  "O4'" . DC  A 5  ? 0.0903 0.1047 0.1419 0.0226  -0.0162 0.0034  5   DC  A "O4'" 
150 C  "C3'" . DC  A 5  ? 0.0871 0.0972 0.1506 0.0209  -0.0083 0.0138  5   DC  A "C3'" 
151 O  "O3'" . DC  A 5  ? 0.0929 0.1010 0.1848 0.0214  0.0176  0.0274  5   DC  A "O3'" 
152 C  "C2'" . DC  A 5  ? 0.0920 0.1077 0.1423 0.0316  -0.0166 0.0133  5   DC  A "C2'" 
153 C  "C1'" . DC  A 5  ? 0.0720 0.1049 0.1347 0.0158  -0.0135 0.0005  5   DC  A "C1'" 
154 N  N1    . DC  A 5  ? 0.0618 0.1169 0.1420 0.0179  -0.0046 -0.0010 5   DC  A N1    
155 C  C2    . DC  A 5  ? 0.0698 0.1192 0.1432 0.0154  -0.0111 -0.0130 5   DC  A C2    
156 O  O2    . DC  A 5  ? 0.0763 0.1343 0.1562 0.0267  -0.0072 -0.0174 5   DC  A O2    
157 N  N3    . DC  A 5  ? 0.0798 0.1305 0.1513 0.0270  -0.0039 -0.0169 5   DC  A N3    
158 C  C4    . DC  A 5  ? 0.0823 0.1200 0.1497 0.0296  0.0050  -0.0028 5   DC  A C4    
159 N  N4    . DC  A 5  ? 0.0896 0.1406 0.1699 0.0206  0.0203  -0.0123 5   DC  A N4    
160 C  C5    . DC  A 5  ? 0.0611 0.1208 0.1694 0.0129  0.0065  -0.0004 5   DC  A C5    
161 C  C6    . DC  A 5  ? 0.0693 0.1107 0.1562 0.0077  0.0069  -0.0070 5   DC  A C6    
173 P  P     . DA  A 6  ? 0.0708 0.0940 0.0814 0.0112  -0.0099 0.0092  6   DA  A P     
174 O  OP1   . DA  A 6  ? 0.0680 0.0917 0.0977 0.0022  -0.0080 0.0052  6   DA  A OP1   
175 O  OP2   . DA  A 6  ? 0.1188 0.0956 0.0892 0.0130  -0.0322 -0.0010 6   DA  A OP2   
176 O  "O5'" . DA  A 6  ? 0.1138 0.1023 0.0891 0.0295  -0.0138 0.0163  6   DA  A "O5'" 
177 C  "C5'" . DA  A 6  ? 0.0930 0.1181 0.1036 0.0271  -0.0169 0.0239  6   DA  A "C5'" 
178 C  "C4'" . DA  A 6  ? 0.0945 0.1073 0.1043 0.0190  -0.0272 0.0244  6   DA  A "C4'" 
179 O  "O4'" . DA  A 6  ? 0.1123 0.1134 0.1008 0.0155  -0.0202 0.0206  6   DA  A "O4'" 
180 C  "C3'" . DA  A 6  ? 0.1124 0.1234 0.0860 0.0202  -0.0264 0.0133  6   DA  A "C3'" 
181 O  "O3'" . DA  A 6  ? 0.1445 0.1372 0.1115 0.0385  -0.0284 0.0064  6   DA  A "O3'" 
182 C  "C2'" . DA  A 6  ? 0.1192 0.1424 0.1317 0.0127  -0.0066 0.0053  6   DA  A "C2'" 
183 C  "C1'" . DA  A 6  ? 0.0942 0.1182 0.0937 0.0045  -0.0040 0.0266  6   DA  A "C1'" 
184 N  N9    . DA  A 6  ? 0.0857 0.0849 0.0731 -0.0098 0.0057  0.0157  6   DA  A N9    
185 C  C8    . DA  A 6  ? 0.0773 0.0792 0.1124 -0.0007 0.0003  0.0095  6   DA  A C8    
186 N  N7    . DA  A 6  ? 0.0693 0.0782 0.0901 0.0030  -0.0115 0.0073  6   DA  A N7    
187 C  C5    . DA  A 6  ? 0.0583 0.0873 0.0752 -0.0049 -0.0086 0.0013  6   DA  A C5    
188 C  C6    . DA  A 6  ? 0.0720 0.0782 0.0558 -0.0031 -0.0002 -0.0042 6   DA  A C6    
189 N  N6    . DA  A 6  ? 0.0593 0.1069 0.0604 -0.0057 0.0066  -0.0069 6   DA  A N6    
190 N  N1    . DA  A 6  ? 0.0750 0.0875 0.0580 -0.0048 -0.0010 0.0063  6   DA  A N1    
191 C  C2    . DA  A 6  ? 0.0819 0.0943 0.0899 -0.0044 -0.0001 0.0060  6   DA  A C2    
192 N  N3    . DA  A 6  ? 0.0716 0.0912 0.0932 -0.0078 0.0041  0.0043  6   DA  A N3    
193 C  C4    . DA  A 6  ? 0.0738 0.0746 0.0783 -0.0050 -0.0047 0.0032  6   DA  A C4    
205 P  P     . DG  A 7  ? 0.1271 0.1651 0.1300 0.0237  -0.0208 0.0004  7   DG  A P     
206 O  OP1   . DG  A 7  ? 0.0998 0.1763 0.1594 0.0231  -0.0401 0.0185  7   DG  A OP1   
207 O  OP2   . DG  A 7  ? 0.1223 0.1735 0.1249 0.0185  -0.0041 0.0073  7   DG  A OP2   
208 O  "O5'" . DG  A 7  ? 0.1322 0.1645 0.1258 0.0215  -0.0211 0.0054  7   DG  A "O5'" 
209 C  "C5'" . DG  A 7  ? 0.1244 0.1513 0.0731 0.0183  -0.0261 0.0134  7   DG  A "C5'" 
210 C  "C4'" . DG  A 7  ? 0.0990 0.1182 0.0690 0.0054  -0.0214 0.0098  7   DG  A "C4'" 
211 O  "O4'" . DG  A 7  ? 0.1033 0.0920 0.0740 -0.0034 -0.0099 0.0193  7   DG  A "O4'" 
212 C  "C3'" . DG  A 7  ? 0.0833 0.1213 0.0660 0.0049  -0.0142 0.0017  7   DG  A "C3'" 
213 O  "O3'" . DG  A 7  ? 0.0975 0.1035 0.0672 -0.0061 -0.0135 -0.0023 7   DG  A "O3'" 
214 C  "C2'" . DG  A 7  ? 0.0783 0.1039 0.0699 0.0005  -0.0189 -0.0038 7   DG  A "C2'" 
215 C  "C1'" . DG  A 7  ? 0.0632 0.0939 0.0550 -0.0031 -0.0163 0.0107  7   DG  A "C1'" 
216 N  N9    . DG  A 7  ? 0.0586 0.0710 0.0605 -0.0036 -0.0065 0.0034  7   DG  A N9    
217 C  C8    . DG  A 7  ? 0.0650 0.0639 0.0714 0.0014  -0.0012 0.0114  7   DG  A C8    
218 N  N7    . DG  A 7  ? 0.0580 0.0634 0.0731 0.0006  -0.0086 -0.0048 7   DG  A N7    
219 C  C5    . DG  A 7  ? 0.0484 0.0591 0.0625 0.0003  -0.0040 -0.0031 7   DG  A C5    
220 C  C6    . DG  A 7  ? 0.0636 0.0626 0.0649 0.0034  -0.0052 0.0059  7   DG  A C6    
221 O  O6    . DG  A 7  ? 0.0613 0.0903 0.0576 0.0083  -0.0077 0.0149  7   DG  A O6    
222 N  N1    . DG  A 7  ? 0.0620 0.0658 0.0611 0.0036  -0.0061 -0.0075 7   DG  A N1    
223 C  C2    . DG  A 7  ? 0.0556 0.0690 0.0601 0.0000  -0.0098 -0.0061 7   DG  A C2    
224 N  N2    . DG  A 7  ? 0.0606 0.0908 0.0723 -0.0015 -0.0056 -0.0125 7   DG  A N2    
225 N  N3    . DG  A 7  ? 0.0536 0.0687 0.0837 -0.0027 -0.0051 -0.0034 7   DG  A N3    
226 C  C4    . DG  A 7  ? 0.0480 0.0647 0.0767 0.0008  -0.0076 0.0085  7   DG  A C4    
238 P  P     . DC  A 8  ? 0.0945 0.1165 0.0740 -0.0080 -0.0147 -0.0080 8   DC  A P     
239 O  OP1   . DC  A 8  ? 0.1078 0.1280 0.0737 0.0011  -0.0102 -0.0217 8   DC  A OP1   
240 O  OP2   . DC  A 8  ? 0.0852 0.1419 0.0957 -0.0074 -0.0096 -0.0058 8   DC  A OP2   
241 O  "O5'" . DC  A 8  ? 0.0852 0.1059 0.0598 -0.0071 -0.0057 -0.0125 8   DC  A "O5'" 
242 C  "C5'" . DC  A 8  ? 0.0804 0.0969 0.0724 0.0036  -0.0105 -0.0072 8   DC  A "C5'" 
243 C  "C4'" . DC  A 8  ? 0.0887 0.0893 0.0595 0.0019  -0.0051 -0.0113 8   DC  A "C4'" 
244 O  "O4'" . DC  A 8  ? 0.0888 0.0885 0.0531 0.0023  -0.0099 -0.0056 8   DC  A "O4'" 
245 C  "C3'" . DC  A 8  ? 0.1159 0.0813 0.0796 0.0137  -0.0042 -0.0215 8   DC  A "C3'" 
246 O  "O3'" . DC  A 8  ? 0.1496 0.0787 0.1257 0.0305  0.0008  -0.0338 8   DC  A "O3'" 
247 C  "C2'" . DC  A 8  ? 0.0964 0.0856 0.0744 0.0086  -0.0003 -0.0101 8   DC  A "C2'" 
248 C  "C1'" . DC  A 8  ? 0.0826 0.0862 0.0597 -0.0001 0.0069  -0.0051 8   DC  A "C1'" 
249 N  N1    . DC  A 8  ? 0.0792 0.0722 0.0517 0.0013  -0.0003 0.0085  8   DC  A N1    
250 C  C2    . DC  A 8  ? 0.0743 0.0603 0.0498 -0.0033 -0.0068 0.0121  8   DC  A C2    
251 O  O2    . DC  A 8  ? 0.0865 0.0785 0.0619 0.0038  -0.0064 0.0023  8   DC  A O2    
252 N  N3    . DC  A 8  ? 0.0736 0.0809 0.0505 -0.0015 -0.0016 0.0033  8   DC  A N3    
253 C  C4    . DC  A 8  ? 0.0793 0.0765 0.0756 0.0078  0.0015  0.0126  8   DC  A C4    
254 N  N4    . DC  A 8  ? 0.0649 0.0758 0.0937 -0.0009 -0.0018 0.0015  8   DC  A N4    
255 C  C5    . DC  A 8  ? 0.0826 0.0822 0.0610 0.0028  -0.0062 -0.0013 8   DC  A C5    
256 C  C6    . DC  A 8  ? 0.0884 0.0721 0.0603 0.0023  -0.0025 -0.0006 8   DC  A C6    
268 P  P     . DG  A 9  ? 0.1768 0.0960 0.1014 0.0306  -0.0256 -0.0271 9   DG  A P     
269 O  OP1   . DG  A 9  ? 0.2055 0.1396 0.1236 0.0344  -0.0229 -0.0419 9   DG  A OP1   
270 O  OP2   . DG  A 9  ? 0.1758 0.0870 0.1464 0.0085  -0.0334 -0.0234 9   DG  A OP2   
271 O  "O5'" . DG  A 9  ? 0.1645 0.0931 0.1331 0.0270  -0.0059 -0.0079 9   DG  A "O5'" 
272 C  "C5'" . DG  A 9  ? 0.1463 0.1033 0.1200 0.0290  -0.0016 -0.0144 9   DG  A "C5'" 
273 C  "C4'" . DG  A 9  ? 0.1214 0.0962 0.1394 0.0217  -0.0035 -0.0244 9   DG  A "C4'" 
274 O  "O4'" . DG  A 9  ? 0.1100 0.0715 0.1181 0.0097  0.0094  -0.0165 9   DG  A "O4'" 
275 C  "C3'" . DG  A 9  ? 0.1505 0.0845 0.1534 0.0407  -0.0144 -0.0224 9   DG  A "C3'" 
276 O  "O3'" . DG  A 9  ? 0.2049 0.0872 0.1826 0.0466  -0.0201 -0.0437 9   DG  A "O3'" 
277 C  "C2'" . DG  A 9  ? 0.1155 0.0821 0.1217 0.0208  -0.0178 -0.0104 9   DG  A "C2'" 
278 C  "C1'" . DG  A 9  ? 0.0921 0.0842 0.0957 0.0104  -0.0108 -0.0055 9   DG  A "C1'" 
279 N  N9    . DG  A 9  ? 0.0778 0.0729 0.0881 -0.0038 0.0003  -0.0015 9   DG  A N9    
280 C  C8    . DG  A 9  ? 0.0886 0.0745 0.0864 0.0003  0.0035  0.0035  9   DG  A C8    
281 N  N7    . DG  A 9  ? 0.0934 0.0549 0.0727 -0.0003 -0.0075 -0.0004 9   DG  A N7    
282 C  C5    . DG  A 9  ? 0.0798 0.0607 0.0685 0.0022  -0.0039 0.0008  9   DG  A C5    
283 C  C6    . DG  A 9  ? 0.0797 0.0529 0.0849 0.0004  0.0072  0.0016  9   DG  A C6    
284 O  O6    . DG  A 9  ? 0.0554 0.0681 0.0911 0.0005  0.0093  0.0058  9   DG  A O6    
285 N  N1    . DG  A 9  ? 0.0833 0.0526 0.0746 0.0026  0.0054  0.0087  9   DG  A N1    
286 C  C2    . DG  A 9  ? 0.0765 0.0538 0.0599 0.0084  -0.0021 0.0025  9   DG  A C2    
287 N  N2    . DG  A 9  ? 0.0663 0.0643 0.0877 0.0066  0.0046  -0.0122 9   DG  A N2    
288 N  N3    . DG  A 9  ? 0.0726 0.0608 0.0903 0.0033  0.0017  -0.0100 9   DG  A N3    
289 C  C4    . DG  A 9  ? 0.0819 0.0576 0.0683 -0.0029 0.0066  0.0005  9   DG  A C4    
300 P  P     . DA  A 10 ? 0.2801 0.0975 0.1928 0.0569  -0.0139 -0.0228 10  DA  A P     
301 O  OP1   . DA  A 10 ? 0.2852 0.0921 0.1624 0.0314  -0.0023 -0.0339 10  DA  A OP1   
302 O  OP2   . DA  A 10 ? 0.2791 0.1290 0.2539 0.0486  0.0166  -0.0085 10  DA  A OP2   
303 O  "O5'" . DA  A 10 ? 0.2875 0.1798 0.1756 0.0750  -0.0104 0.0029  10  DA  A "O5'" 
304 C  "C5'" . DA  A 10 ? 0.2785 0.2110 0.1960 0.0605  -0.0084 -0.0005 10  DA  A "C5'" 
305 C  "C4'" . DA  A 10 ? 0.2639 0.2144 0.2143 0.0303  0.0050  -0.0109 10  DA  A "C4'" 
306 O  "O4'" . DA  A 10 ? 0.2585 0.2219 0.1952 0.0188  0.0247  -0.0037 10  DA  A "O4'" 
307 C  "C3'" . DA  A 10 ? 0.2618 0.2431 0.2305 0.0264  0.0021  -0.0152 10  DA  A "C3'" 
308 O  "O3'" . DA  A 10 ? 0.2917 0.2709 0.2521 0.0435  0.0021  -0.0138 10  DA  A "O3'" 
309 C  "C2'" . DA  A 10 ? 0.2574 0.2417 0.2004 0.0101  0.0189  -0.0215 10  DA  A "C2'" 
310 C  "C1'" . DA  A 10 ? 0.2514 0.2307 0.1708 0.0043  0.0302  -0.0072 10  DA  A "C1'" 
311 N  N9    . DA  A 10 ? 0.2452 0.2411 0.1249 -0.0025 0.0414  0.0048  10  DA  A N9    
312 C  C8    . DA  A 10 ? 0.2332 0.2364 0.1274 -0.0169 0.0442  -0.0003 10  DA  A C8    
313 N  N7    . DA  A 10 ? 0.2425 0.2527 0.1244 -0.0050 0.0546  0.0058  10  DA  A N7    
314 C  C5    . DA  A 10 ? 0.2535 0.2627 0.1286 0.0009  0.0534  0.0040  10  DA  A C5    
315 C  C6    . DA  A 10 ? 0.2545 0.2761 0.1752 0.0031  0.0361  -0.0106 10  DA  A C6    
316 N  N6    . DA  A 10 ? 0.2667 0.2782 0.1786 -0.0006 0.0272  -0.0231 10  DA  A N6    
317 N  N1    . DA  A 10 ? 0.2578 0.2733 0.2163 0.0024  0.0313  -0.0189 10  DA  A N1    
318 C  C2    . DA  A 10 ? 0.2589 0.2669 0.2112 0.0008  0.0388  -0.0181 10  DA  A C2    
319 N  N3    . DA  A 10 ? 0.2560 0.2623 0.1895 0.0027  0.0418  -0.0066 10  DA  A N3    
320 C  C4    . DA  A 10 ? 0.2440 0.2618 0.1308 0.0063  0.0457  0.0113  10  DA  A C4    
333 O  "O5'" . DC  B 1  ? 0.1901 0.2475 0.2387 0.0289  0.0384  0.0151  1   DC  B "O5'" 
334 C  "C5'" . DC  B 1  ? 0.1506 0.2117 0.1944 0.0115  0.0424  0.0153  1   DC  B "C5'" 
335 C  "C4'" . DC  B 1  ? 0.1228 0.1703 0.1237 0.0089  0.0422  0.0168  1   DC  B "C4'" 
336 O  "O4'" . DC  B 1  ? 0.1164 0.1276 0.1224 -0.0023 0.0437  0.0047  1   DC  B "O4'" 
337 C  "C3'" . DC  B 1  ? 0.1232 0.1599 0.1116 0.0178  0.0282  0.0117  1   DC  B "C3'" 
338 O  "O3'" . DC  B 1  ? 0.1259 0.1613 0.1052 0.0140  0.0209  0.0045  1   DC  B "O3'" 
339 C  "C2'" . DC  B 1  ? 0.1173 0.1384 0.1098 0.0072  0.0239  0.0010  1   DC  B "C2'" 
340 C  "C1'" . DC  B 1  ? 0.0935 0.1157 0.0958 -0.0057 0.0214  0.0038  1   DC  B "C1'" 
341 N  N1    . DC  B 1  ? 0.0792 0.1208 0.0927 -0.0005 0.0100  0.0082  1   DC  B N1    
342 C  C2    . DC  B 1  ? 0.0633 0.1084 0.0740 0.0019  0.0067  0.0005  1   DC  B C2    
343 O  O2    . DC  B 1  ? 0.0757 0.1066 0.0683 0.0006  0.0051  0.0001  1   DC  B O2    
344 N  N3    . DC  B 1  ? 0.0766 0.1002 0.0910 -0.0004 0.0025  -0.0098 1   DC  B N3    
345 C  C4    . DC  B 1  ? 0.0764 0.1334 0.0894 0.0021  0.0016  -0.0016 1   DC  B C4    
346 N  N4    . DC  B 1  ? 0.0673 0.1698 0.0882 0.0148  -0.0066 0.0027  1   DC  B N4    
347 C  C5    . DC  B 1  ? 0.0778 0.1367 0.1152 0.0057  0.0002  0.0154  1   DC  B C5    
348 C  C6    . DC  B 1  ? 0.0734 0.1323 0.1138 0.0054  0.0005  0.0199  1   DC  B C6    
361 P  P     . DA  B 2  ? 0.1370 0.1660 0.1031 0.0261  0.0141  -0.0038 2   DA  B P     
362 O  OP1   . DA  B 2  ? 0.1353 0.2080 0.1101 0.0399  0.0287  0.0068  2   DA  B OP1   
363 O  OP2   . DA  B 2  ? 0.1439 0.1632 0.1442 0.0266  0.0178  -0.0079 2   DA  B OP2   
364 O  "O5'" . DA  B 2  ? 0.1168 0.1751 0.1061 0.0130  0.0153  -0.0008 2   DA  B "O5'" 
365 C  "C5'" . DA  B 2  ? 0.1126 0.1585 0.1256 0.0016  0.0105  -0.0065 2   DA  B "C5'" 
366 C  "C4'" . DA  B 2  ? 0.1121 0.1387 0.0990 0.0020  -0.0045 0.0012  2   DA  B "C4'" 
367 O  "O4'" . DA  B 2  ? 0.1157 0.1344 0.0838 -0.0029 -0.0005 -0.0094 2   DA  B "O4'" 
368 C  "C3'" . DA  B 2  ? 0.0905 0.1219 0.0828 -0.0155 -0.0135 -0.0028 2   DA  B "C3'" 
369 O  "O3'" . DA  B 2  ? 0.0913 0.1090 0.0824 -0.0133 -0.0212 -0.0056 2   DA  B "O3'" 
370 C  "C2'" . DA  B 2  ? 0.0959 0.1320 0.0790 -0.0095 -0.0014 0.0007  2   DA  B "C2'" 
371 C  "C1'" . DA  B 2  ? 0.0881 0.1301 0.0809 -0.0057 -0.0089 -0.0013 2   DA  B "C1'" 
372 N  N9    . DA  B 2  ? 0.0830 0.1140 0.0876 -0.0054 -0.0185 0.0008  2   DA  B N9    
373 C  C8    . DA  B 2  ? 0.1040 0.1200 0.1132 0.0013  -0.0090 0.0005  2   DA  B C8    
374 N  N7    . DA  B 2  ? 0.0803 0.1212 0.1125 -0.0101 -0.0155 0.0074  2   DA  B N7    
375 C  C5    . DA  B 2  ? 0.0947 0.1008 0.1105 -0.0174 -0.0127 0.0093  2   DA  B C5    
376 C  C6    . DA  B 2  ? 0.1054 0.1072 0.1076 -0.0162 -0.0152 0.0134  2   DA  B C6    
377 N  N6    . DA  B 2  ? 0.0961 0.1251 0.1483 -0.0194 -0.0221 0.0039  2   DA  B N6    
378 N  N1    . DA  B 2  ? 0.1130 0.0935 0.0881 -0.0191 -0.0063 0.0231  2   DA  B N1    
379 C  C2    . DA  B 2  ? 0.1052 0.0942 0.0988 -0.0135 -0.0012 0.0136  2   DA  B C2    
380 N  N3    . DA  B 2  ? 0.1098 0.0998 0.0955 0.0023  -0.0037 0.0090  2   DA  B N3    
381 C  C4    . DA  B 2  ? 0.0986 0.0908 0.0838 -0.0111 -0.0117 0.0017  2   DA  B C4    
393 P  P     . DC  B 3  ? 0.1127 0.0923 0.0894 -0.0030 -0.0302 -0.0103 3   DC  B P     
394 O  OP1   . DC  B 3  ? 0.1212 0.1077 0.0942 -0.0108 -0.0346 -0.0088 3   DC  B OP1   
395 O  OP2   . DC  B 3  ? 0.1299 0.0953 0.1260 -0.0046 -0.0132 -0.0148 3   DC  B OP2   
396 O  "O5'" . DC  B 3  ? 0.1103 0.0896 0.0933 0.0005  -0.0186 0.0063  3   DC  B "O5'" 
397 C  "C5'" . DC  B 3  ? 0.1002 0.0889 0.0930 -0.0055 -0.0125 0.0107  3   DC  B "C5'" 
398 C  "C4'" . DC  B 3  ? 0.0951 0.0960 0.0921 -0.0054 -0.0210 0.0197  3   DC  B "C4'" 
399 O  "O4'" . DC  B 3  ? 0.1020 0.0784 0.0949 -0.0127 -0.0276 -0.0029 3   DC  B "O4'" 
400 C  "C3'" . DC  B 3  ? 0.1065 0.1191 0.1074 -0.0069 -0.0117 0.0323  3   DC  B "C3'" 
401 O  "O3'" . DC  B 3  ? 0.1027 0.1766 0.1581 -0.0076 -0.0065 0.0618  3   DC  B "O3'" 
402 C  "C2'" . DC  B 3  ? 0.0858 0.1002 0.1173 -0.0200 -0.0008 0.0171  3   DC  B "C2'" 
403 C  "C1'" . DC  B 3  ? 0.0990 0.0835 0.0959 -0.0040 -0.0064 0.0135  3   DC  B "C1'" 
404 N  N1    . DC  B 3  ? 0.0971 0.0803 0.0748 0.0063  -0.0082 0.0037  3   DC  B N1    
405 C  C2    . DC  B 3  ? 0.1042 0.0646 0.0852 0.0021  -0.0076 -0.0005 3   DC  B C2    
406 O  O2    . DC  B 3  ? 0.0942 0.0840 0.0698 -0.0019 -0.0073 0.0032  3   DC  B O2    
407 N  N3    . DC  B 3  ? 0.0956 0.0619 0.0840 0.0098  -0.0159 0.0033  3   DC  B N3    
408 C  C4    . DC  B 3  ? 0.0951 0.0777 0.0799 -0.0028 -0.0030 -0.0065 3   DC  B C4    
409 N  N4    . DC  B 3  ? 0.1051 0.1066 0.0709 0.0151  0.0023  -0.0023 3   DC  B N4    
410 C  C5    . DC  B 3  ? 0.1152 0.0844 0.0689 0.0095  -0.0061 -0.0122 3   DC  B C5    
411 C  C6    . DC  B 3  ? 0.1179 0.0839 0.0704 0.0070  -0.0060 -0.0024 3   DC  B C6    
423 P  P     . DC  B 4  ? 0.1135 0.2203 0.1630 -0.0041 -0.0132 0.0865  4   DC  B P     
424 O  OP1   . DC  B 4  ? 0.1275 0.2426 0.1878 -0.0026 -0.0060 0.0666  4   DC  B OP1   
425 O  OP2   . DC  B 4  ? 0.1388 0.2065 0.1570 -0.0218 -0.0330 0.0424  4   DC  B OP2   
426 O  "O5'" . DC  B 4  ? 0.1068 0.2360 0.1890 -0.0026 -0.0158 0.0764  4   DC  B "O5'" 
427 C  "C5'" . DC  B 4  ? 0.1248 0.1898 0.2169 0.0069  0.0009  0.0658  4   DC  B "C5'" 
428 C  "C4'" . DC  B 4  ? 0.1083 0.1412 0.1757 0.0011  0.0025  0.0633  4   DC  B "C4'" 
429 O  "O4'" . DC  B 4  ? 0.0746 0.0938 0.1359 -0.0094 -0.0085 0.0464  4   DC  B "O4'" 
430 C  "C3'" . DC  B 4  ? 0.0979 0.1324 0.1511 -0.0130 -0.0222 0.0388  4   DC  B "C3'" 
431 O  "O3'" . DC  B 4  ? 0.1059 0.1301 0.1557 -0.0092 -0.0159 0.0316  4   DC  B "O3'" 
432 C  "C2'" . DC  B 4  ? 0.1000 0.0923 0.1172 -0.0208 -0.0193 0.0249  4   DC  B "C2'" 
433 C  "C1'" . DC  B 4  ? 0.0866 0.0829 0.1107 -0.0219 -0.0047 0.0177  4   DC  B "C1'" 
434 N  N1    . DC  B 4  ? 0.0848 0.0744 0.0866 -0.0076 -0.0104 0.0116  4   DC  B N1    
435 C  C2    . DC  B 4  ? 0.0779 0.0813 0.0703 -0.0048 -0.0070 0.0093  4   DC  B C2    
436 O  O2    . DC  B 4  ? 0.0583 0.0866 0.0690 -0.0004 -0.0049 0.0072  4   DC  B O2    
437 N  N3    . DC  B 4  ? 0.0832 0.0786 0.0659 -0.0143 -0.0052 0.0107  4   DC  B N3    
438 C  C4    . DC  B 4  ? 0.0869 0.0862 0.0594 -0.0124 -0.0158 0.0070  4   DC  B C4    
439 N  N4    . DC  B 4  ? 0.0851 0.0994 0.0728 -0.0094 0.0008  0.0081  4   DC  B N4    
440 C  C5    . DC  B 4  ? 0.0988 0.0917 0.0683 -0.0051 -0.0161 0.0009  4   DC  B C5    
441 C  C6    . DC  B 4  ? 0.0944 0.0907 0.0740 -0.0041 -0.0229 -0.0051 4   DC  B C6    
453 P  P     . DC  B 5  ? 0.0987 0.1602 0.1498 -0.0103 -0.0186 0.0254  5   DC  B P     
454 O  OP1   . DC  B 5  ? 0.1000 0.1747 0.2153 -0.0218 0.0041  0.0298  5   DC  B OP1   
455 O  OP2   . DC  B 5  ? 0.2301 0.1734 0.0784 0.0010  -0.0039 0.0120  5   DC  B OP2   
456 O  "O5'" . DC  B 5  ? 0.0933 0.1442 0.1225 -0.0031 -0.0226 0.0287  5   DC  B "O5'" 
457 C  "C5'" . DC  B 5  ? 0.0990 0.1383 0.1250 -0.0041 0.0085  0.0215  5   DC  B "C5'" 
458 C  "C4'" . DC  B 5  ? 0.0782 0.1147 0.0933 -0.0078 0.0046  0.0020  5   DC  B "C4'" 
459 O  "O4'" . DC  B 5  ? 0.0751 0.0902 0.0662 -0.0105 -0.0049 0.0032  5   DC  B "O4'" 
460 C  "C3'" . DC  B 5  ? 0.0739 0.0923 0.0847 -0.0075 0.0023  0.0033  5   DC  B "C3'" 
461 O  "O3'" . DC  B 5  ? 0.0893 0.0926 0.0803 0.0156  0.0075  0.0199  5   DC  B "O3'" 
462 C  "C2'" . DC  B 5  ? 0.0520 0.0864 0.0948 -0.0068 -0.0118 0.0088  5   DC  B "C2'" 
463 C  "C1'" . DC  B 5  ? 0.0523 0.0817 0.0841 -0.0141 -0.0119 0.0005  5   DC  B "C1'" 
464 N  N1    . DC  B 5  ? 0.0629 0.0833 0.0794 -0.0057 -0.0067 0.0052  5   DC  B N1    
465 C  C2    . DC  B 5  ? 0.0673 0.0713 0.0648 -0.0123 -0.0009 0.0118  5   DC  B C2    
466 O  O2    . DC  B 5  ? 0.0658 0.0764 0.0878 -0.0093 -0.0071 0.0014  5   DC  B O2    
467 N  N3    . DC  B 5  ? 0.0677 0.0715 0.0878 -0.0083 -0.0070 0.0035  5   DC  B N3    
468 C  C4    . DC  B 5  ? 0.0770 0.0900 0.1066 0.0075  -0.0002 0.0085  5   DC  B C4    
469 N  N4    . DC  B 5  ? 0.0931 0.1021 0.1178 0.0143  -0.0042 -0.0019 5   DC  B N4    
470 C  C5    . DC  B 5  ? 0.0727 0.0952 0.1118 0.0131  -0.0013 0.0148  5   DC  B C5    
471 C  C6    . DC  B 5  ? 0.0727 0.1022 0.0815 0.0181  -0.0120 0.0149  5   DC  B C6    
483 P  P     . DA  B 6  ? 0.0687 0.0727 0.0684 -0.0028 -0.0037 -0.0018 6   DA  B P     
484 O  OP1   . DA  B 6  ? 0.0750 0.0698 0.0683 0.0033  -0.0095 0.0030  6   DA  B OP1   
485 O  OP2   . DA  B 6  ? 0.0805 0.0946 0.0630 -0.0098 -0.0110 -0.0060 6   DA  B OP2   
486 O  "O5'" . DA  B 6  ? 0.0776 0.0856 0.0689 -0.0149 -0.0078 -0.0065 6   DA  B "O5'" 
487 C  "C5'" . DA  B 6  ? 0.0730 0.0920 0.1021 -0.0233 -0.0018 -0.0105 6   DA  B "C5'" 
488 C  "C4'" . DA  B 6  ? 0.0882 0.0794 0.0883 -0.0272 -0.0102 -0.0111 6   DA  B "C4'" 
489 O  "O4'" . DA  B 6  ? 0.0741 0.1013 0.1092 -0.0118 -0.0056 0.0029  6   DA  B "O4'" 
490 C  "C3'" . DA  B 6  ? 0.1026 0.0831 0.0869 -0.0154 -0.0176 -0.0040 6   DA  B "C3'" 
491 O  "O3'" . DA  B 6  ? 0.1114 0.1183 0.1115 -0.0191 -0.0198 -0.0136 6   DA  B "O3'" 
492 C  "C2'" . DA  B 6  ? 0.1168 0.0970 0.1074 -0.0081 -0.0100 -0.0133 6   DA  B "C2'" 
493 C  "C1'" . DA  B 6  ? 0.0992 0.0820 0.1130 -0.0079 -0.0184 -0.0167 6   DA  B "C1'" 
494 N  N9    . DA  B 6  ? 0.0835 0.0799 0.1064 -0.0091 -0.0135 -0.0059 6   DA  B N9    
495 C  C8    . DA  B 6  ? 0.0885 0.0640 0.0897 -0.0082 0.0037  0.0105  6   DA  B C8    
496 N  N7    . DA  B 6  ? 0.0685 0.0761 0.1005 -0.0026 0.0074  0.0207  6   DA  B N7    
497 C  C5    . DA  B 6  ? 0.0851 0.0870 0.1233 0.0023  0.0025  0.0038  6   DA  B C5    
498 C  C6    . DA  B 6  ? 0.0961 0.0796 0.1526 -0.0006 0.0032  -0.0080 6   DA  B C6    
499 N  N6    . DA  B 6  ? 0.0919 0.0975 0.1650 0.0076  -0.0193 -0.0123 6   DA  B N6    
500 N  N1    . DA  B 6  ? 0.1113 0.0855 0.1989 0.0142  -0.0036 -0.0176 6   DA  B N1    
501 C  C2    . DA  B 6  ? 0.1192 0.0819 0.2125 0.0055  -0.0025 -0.0216 6   DA  B C2    
502 N  N3    . DA  B 6  ? 0.1207 0.0651 0.1794 -0.0011 -0.0071 -0.0259 6   DA  B N3    
503 C  C4    . DA  B 6  ? 0.0940 0.0794 0.1288 -0.0015 -0.0068 -0.0162 6   DA  B C4    
515 P  P     . DG  B 7  ? 0.1282 0.1386 0.1103 -0.0143 -0.0185 -0.0271 7   DG  B P     
516 O  OP1   . DG  B 7  ? 0.1480 0.1442 0.1283 -0.0096 -0.0239 -0.0368 7   DG  B OP1   
517 O  OP2   . DG  B 7  ? 0.1393 0.1440 0.1230 -0.0069 -0.0126 -0.0137 7   DG  B OP2   
518 O  "O5'" . DG  B 7  ? 0.1252 0.1286 0.1127 -0.0197 -0.0086 -0.0314 7   DG  B "O5'" 
519 C  "C5'" . DG  B 7  ? 0.1281 0.1270 0.1263 -0.0253 -0.0042 -0.0434 7   DG  B "C5'" 
520 C  "C4'" . DG  B 7  ? 0.1445 0.1300 0.1334 -0.0106 0.0024  -0.0348 7   DG  B "C4'" 
521 O  "O4'" . DG  B 7  ? 0.1407 0.1075 0.1182 -0.0139 0.0006  -0.0391 7   DG  B "O4'" 
522 C  "C3'" . DG  B 7  ? 0.1433 0.1443 0.1291 -0.0238 0.0102  -0.0463 7   DG  B "C3'" 
523 O  "O3'" . DG  B 7  ? 0.1738 0.1788 0.1380 -0.0334 0.0243  -0.0590 7   DG  B "O3'" 
524 C  "C2'" . DG  B 7  ? 0.1392 0.1226 0.0801 -0.0083 -0.0030 -0.0387 7   DG  B "C2'" 
525 C  "C1'" . DG  B 7  ? 0.1130 0.1123 0.1021 -0.0083 -0.0024 -0.0291 7   DG  B "C1'" 
526 N  N9    . DG  B 7  ? 0.1021 0.0947 0.1021 0.0016  0.0089  -0.0200 7   DG  B N9    
527 C  C8    . DG  B 7  ? 0.1097 0.0867 0.0923 -0.0011 0.0132  -0.0192 7   DG  B C8    
528 N  N7    . DG  B 7  ? 0.0926 0.0860 0.0848 0.0005  0.0120  -0.0129 7   DG  B N7    
529 C  C5    . DG  B 7  ? 0.0851 0.0952 0.0901 0.0108  0.0022  -0.0144 7   DG  B C5    
530 C  C6    . DG  B 7  ? 0.0717 0.1003 0.1115 0.0137  -0.0037 -0.0175 7   DG  B C6    
531 O  O6    . DG  B 7  ? 0.0778 0.0936 0.1143 0.0115  -0.0150 -0.0263 7   DG  B O6    
532 N  N1    . DG  B 7  ? 0.0719 0.1112 0.1511 0.0144  0.0105  -0.0250 7   DG  B N1    
533 C  C2    . DG  B 7  ? 0.0799 0.1029 0.1489 0.0169  0.0058  -0.0309 7   DG  B C2    
534 N  N2    . DG  B 7  ? 0.0975 0.1256 0.1824 0.0232  0.0118  -0.0403 7   DG  B N2    
535 N  N3    . DG  B 7  ? 0.0913 0.0911 0.1345 0.0120  0.0108  -0.0407 7   DG  B N3    
536 C  C4    . DG  B 7  ? 0.0996 0.0839 0.0968 0.0057  0.0014  -0.0285 7   DG  B C4    
548 P  P     . DC  B 8  ? 0.2000 0.2190 0.1337 -0.0379 0.0361  -0.0655 8   DC  B P     
549 O  OP1   . DC  B 8  ? 0.2235 0.2535 0.1587 -0.0353 0.0566  -0.0694 8   DC  B OP1   
550 O  OP2   . DC  B 8  ? 0.2349 0.2341 0.1289 -0.0129 0.0265  -0.0366 8   DC  B OP2   
551 O  "O5'" . DC  B 8  ? 0.1906 0.1818 0.1103 -0.0204 0.0202  -0.0510 8   DC  B "O5'" 
552 C  "C5'" . DC  B 8  ? 0.1719 0.1510 0.1204 -0.0089 0.0259  -0.0412 8   DC  B "C5'" 
553 C  "C4'" . DC  B 8  ? 0.1464 0.1191 0.1199 0.0012  0.0233  -0.0272 8   DC  B "C4'" 
554 O  "O4'" . DC  B 8  ? 0.1385 0.1029 0.1088 -0.0027 0.0237  -0.0269 8   DC  B "O4'" 
555 C  "C3'" . DC  B 8  ? 0.1229 0.1274 0.1111 -0.0011 0.0315  -0.0188 8   DC  B "C3'" 
556 O  "O3'" . DC  B 8  ? 0.1281 0.1595 0.1327 0.0118  0.0510  -0.0058 8   DC  B "O3'" 
557 C  "C2'" . DC  B 8  ? 0.1066 0.1069 0.1279 -0.0092 0.0327  -0.0137 8   DC  B "C2'" 
558 C  "C1'" . DC  B 8  ? 0.1149 0.0978 0.1063 -0.0045 0.0288  -0.0217 8   DC  B "C1'" 
559 N  N1    . DC  B 8  ? 0.0917 0.1028 0.0826 0.0089  0.0150  -0.0084 8   DC  B N1    
560 C  C2    . DC  B 8  ? 0.0887 0.0795 0.0802 0.0113  0.0064  -0.0052 8   DC  B C2    
561 O  O2    . DC  B 8  ? 0.0731 0.0831 0.0842 0.0147  0.0070  -0.0053 8   DC  B O2    
562 N  N3    . DC  B 8  ? 0.0846 0.0739 0.0735 0.0059  0.0105  0.0086  8   DC  B N3    
563 C  C4    . DC  B 8  ? 0.0933 0.0715 0.0728 0.0026  0.0013  -0.0029 8   DC  B C4    
564 N  N4    . DC  B 8  ? 0.1052 0.0730 0.0680 0.0108  -0.0089 0.0018  8   DC  B N4    
565 C  C5    . DC  B 8  ? 0.0964 0.0913 0.0709 0.0064  0.0037  -0.0082 8   DC  B C5    
566 C  C6    . DC  B 8  ? 0.1065 0.1001 0.0590 0.0060  0.0079  -0.0091 8   DC  B C6    
578 P  P     . DG  B 9  ? 0.1590 0.1898 0.1458 0.0205  0.0538  0.0106  9   DG  B P     
579 O  OP1   . DG  B 9  ? 0.1895 0.2394 0.1723 0.0411  0.0815  0.0129  9   DG  B OP1   
580 O  OP2   . DG  B 9  ? 0.1660 0.1916 0.1258 0.0182  0.0216  0.0242  9   DG  B OP2   
581 O  "O5'" . DG  B 9  ? 0.1270 0.1822 0.1857 0.0200  0.0201  0.0248  9   DG  B "O5'" 
582 C  "C5'" . DG  B 9  ? 0.1290 0.1877 0.1884 0.0330  0.0140  0.0320  9   DG  B "C5'" 
583 C  "C4'" . DG  B 9  ? 0.1274 0.1965 0.1667 0.0318  0.0246  0.0161  9   DG  B "C4'" 
584 O  "O4'" . DG  B 9  ? 0.1303 0.2141 0.1235 0.0479  0.0426  0.0228  9   DG  B "O4'" 
585 C  "C3'" . DG  B 9  ? 0.1305 0.1985 0.1596 0.0321  0.0368  0.0174  9   DG  B "C3'" 
586 O  "O3'" . DG  B 9  ? 0.1295 0.2239 0.2091 0.0384  0.0376  0.0234  9   DG  B "O3'" 
587 C  "C2'" . DG  B 9  ? 0.1486 0.1843 0.1779 0.0326  0.0529  0.0145  9   DG  B "C2'" 
588 C  "C1'" . DG  B 9  ? 0.1414 0.1769 0.1594 0.0310  0.0520  0.0082  9   DG  B "C1'" 
589 N  N9    . DG  B 9  ? 0.1273 0.1401 0.1198 0.0320  0.0422  0.0060  9   DG  B N9    
590 C  C8    . DG  B 9  ? 0.1413 0.1438 0.0881 0.0308  0.0376  0.0034  9   DG  B C8    
591 N  N7    . DG  B 9  ? 0.1277 0.1338 0.1019 0.0314  0.0286  0.0102  9   DG  B N7    
592 C  C5    . DG  B 9  ? 0.1076 0.1029 0.0815 0.0188  0.0167  0.0119  9   DG  B C5    
593 C  C6    . DG  B 9  ? 0.0869 0.0917 0.0816 0.0180  -0.0072 0.0043  9   DG  B C6    
594 O  O6    . DG  B 9  ? 0.0931 0.1161 0.0776 0.0226  -0.0064 0.0124  9   DG  B O6    
595 N  N1    . DG  B 9  ? 0.0785 0.0874 0.0914 0.0141  -0.0081 -0.0019 9   DG  B N1    
596 C  C2    . DG  B 9  ? 0.0707 0.0973 0.1092 -0.0030 0.0016  -0.0004 9   DG  B C2    
597 N  N2    . DG  B 9  ? 0.0696 0.1227 0.1057 0.0041  -0.0043 0.0057  9   DG  B N2    
598 N  N3    . DG  B 9  ? 0.0804 0.1022 0.1217 -0.0007 0.0157  -0.0104 9   DG  B N3    
599 C  C4    . DG  B 9  ? 0.0954 0.1174 0.1136 0.0034  0.0327  -0.0052 9   DG  B C4    
610 P  P     . DA  B 10 ? 0.1571 0.2467 0.2516 0.0435  0.0647  0.0416  10  DA  B P     
611 O  OP1   . DA  B 10 ? 0.2054 0.2692 0.2477 0.0507  0.0571  0.0130  10  DA  B OP1   
612 O  OP2   . DA  B 10 ? 0.1558 0.2747 0.2834 0.0353  0.0655  0.0331  10  DA  B OP2   
613 O  "O5'" . DA  B 10 ? 0.1650 0.2514 0.2411 0.0390  0.0523  0.0415  10  DA  B "O5'" 
614 C  "C5'" . DA  B 10 ? 0.1448 0.2491 0.2172 0.0218  0.0318  0.0389  10  DA  B "C5'" 
615 C  "C4'" . DA  B 10 ? 0.1461 0.2431 0.2219 0.0266  0.0189  0.0338  10  DA  B "C4'" 
616 O  "O4'" . DA  B 10 ? 0.1352 0.2348 0.2018 0.0346  0.0078  0.0380  10  DA  B "O4'" 
617 C  "C3'" . DA  B 10 ? 0.1522 0.2425 0.2515 0.0187  0.0159  0.0192  10  DA  B "C3'" 
618 O  "O3'" . DA  B 10 ? 0.1873 0.2557 0.2884 0.0319  0.0317  0.0140  10  DA  B "O3'" 
619 C  "C2'" . DA  B 10 ? 0.1311 0.2395 0.2386 0.0149  0.0081  0.0205  10  DA  B "C2'" 
620 C  "C1'" . DA  B 10 ? 0.1112 0.2233 0.1949 0.0205  -0.0024 0.0373  10  DA  B "C1'" 
621 N  N9    . DA  B 10 ? 0.0979 0.1936 0.1676 0.0087  -0.0142 0.0375  10  DA  B N9    
622 C  C8    . DA  B 10 ? 0.1090 0.1926 0.1659 0.0067  -0.0131 0.0340  10  DA  B C8    
623 N  N7    . DA  B 10 ? 0.1311 0.1720 0.1549 -0.0023 -0.0105 0.0198  10  DA  B N7    
624 C  C5    . DA  B 10 ? 0.1155 0.1560 0.1542 -0.0025 -0.0113 0.0185  10  DA  B C5    
625 C  C6    . DA  B 10 ? 0.1159 0.1398 0.1439 -0.0083 0.0024  0.0004  10  DA  B C6    
626 N  N6    . DA  B 10 ? 0.1381 0.1350 0.1475 -0.0049 0.0123  -0.0035 10  DA  B N6    
627 N  N1    . DA  B 10 ? 0.0970 0.1619 0.1612 -0.0057 -0.0033 -0.0076 10  DA  B N1    
628 C  C2    . DA  B 10 ? 0.0952 0.1638 0.1685 -0.0103 0.0019  -0.0043 10  DA  B C2    
629 N  N3    . DA  B 10 ? 0.0982 0.1758 0.1550 -0.0057 -0.0029 -0.0020 10  DA  B N3    
630 C  C4    . DA  B 10 ? 0.0896 0.1795 0.1504 0.0019  -0.0146 0.0237  10  DA  B C4    
643 AG AG    . AG  C .  ? 0.0734 0.0661 0.0731 0.0000  -0.0052 0.0022  101 AG  A AG    
644 AG AG    . AG  D .  ? 0.0666 0.0705 0.0706 0.0003  -0.0027 0.0041  102 AG  A AG    
645 AG AG    . AG  E .  ? 0.0751 0.0658 0.0636 0.0018  -0.0039 0.0009  103 AG  A AG    
646 AG AG    . AG  F .  ? 0.0660 0.0673 0.0697 0.0054  -0.0023 0.0016  104 AG  A AG    
647 AG AG    . AG  G .  ? 0.0664 0.0658 0.0722 0.0013  -0.0028 0.0062  105 AG  A AG    
648 AG AG    . AG  H .  ? 0.0680 0.0647 0.0714 0.0015  -0.0022 0.0032  106 AG  A AG    
649 AG AG    . AG  I .  ? 0.0695 0.0684 0.0681 0.0009  -0.0045 0.0054  107 AG  A AG    
650 AG AG    . AG  J .  ? 0.0707 0.0733 0.0672 0.0013  -0.0014 0.0003  108 AG  A AG    
651 AG AG    . AG  K .  ? 0.0771 0.0789 0.0838 0.0053  -0.0098 -0.0012 109 AG  A AG    
652 CA CA    . CA  L .  ? 0.0960 0.1651 0.0713 -0.0061 -0.0220 -0.0149 110 CA  A CA    
653 AG AG    . AG  M .  ? 0.0729 0.0714 0.0676 -0.0017 -0.0020 0.0034  101 AG  B AG    
654 AG AG    . AG  N .  ? 0.0693 0.0686 0.0704 0.0034  -0.0013 0.0012  102 AG  B AG    
655 AG AG    . AG  O .  ? 0.0682 0.0741 0.0691 0.0016  0.0002  -0.0001 103 AG  B AG    
656 AG AG    . AG  P .  ? 0.0656 0.0775 0.0743 0.0004  -0.0001 0.0060  104 AG  B AG    
657 AG AG    . AG  Q .  ? 0.0669 0.0729 0.0751 0.0052  -0.0012 0.0035  105 AG  B AG    
658 AG AG    . AG  R .  ? 0.0724 0.0675 0.0698 0.0028  -0.0007 -0.0010 106 AG  B AG    
659 AG AG    . AG  S .  ? 0.0754 0.0711 0.0775 0.0031  -0.0018 -0.0027 107 AG  B AG    
660 AG AG    . AG  T .  ? 0.0757 0.0720 0.0786 0.0012  -0.0086 0.0049  108 AG  B AG    
661 AG AG    . AG  U .  ? 0.0723 0.0701 0.0652 0.0013  -0.0028 0.0007  109 AG  B AG    
662 O  O     . HOH V .  ? 0.2092 0.2640 0.1762 -0.0341 -0.0305 0.0169  201 HOH A O     
663 O  O     . HOH V .  ? 0.2299 0.2176 0.2719 -0.0339 -0.0138 -0.0640 202 HOH A O     
664 O  O     . HOH V .  ? 0.2096 0.2315 0.2426 -0.0030 0.0252  -0.0386 203 HOH A O     
665 O  O     . HOH V .  ? 0.2783 0.2148 0.1264 0.0484  0.0173  -0.0251 204 HOH A O     
666 O  O     . HOH V .  ? 0.3112 0.1883 0.3390 -0.0072 -0.0745 0.0094  205 HOH A O     
667 O  O     . HOH V .  ? 0.2469 0.2175 0.2151 -0.0129 0.0325  0.0064  206 HOH A O     
668 O  O     . HOH V .  ? 0.2507 0.2685 0.2946 -0.0683 -0.0342 0.0030  207 HOH A O     
669 O  O     . HOH V .  ? 0.1004 0.1372 0.1176 -0.0118 -0.0288 -0.0076 208 HOH A O     
670 O  O     . HOH V .  ? 0.0867 0.3392 0.2092 0.0162  -0.0056 0.0128  209 HOH A O     
671 O  O     . HOH V .  ? 0.1487 0.1759 0.1747 0.0035  -0.0362 0.0563  210 HOH A O     
672 O  O     . HOH V .  ? 0.1675 0.2515 0.2641 0.0023  0.0096  -0.0744 211 HOH A O     
673 O  O     . HOH V .  ? 0.2685 0.3495 0.2661 -0.0188 0.0173  -0.0470 212 HOH A O     
674 O  O     . HOH V .  ? 0.1753 0.1808 0.1204 0.0066  0.0127  0.0585  213 HOH A O     
675 O  O     . HOH V .  ? 0.0643 0.1160 0.1093 0.0164  -0.0034 -0.0091 214 HOH A O     
676 O  O     . HOH V .  ? 0.3515 0.3937 0.3484 -0.0220 0.0045  0.0099  215 HOH A O     
677 O  O     . HOH V .  ? 0.1542 0.1910 0.1783 0.0057  -0.0328 0.0183  216 HOH A O     
678 O  O     . HOH V .  ? 0.1734 0.1960 0.2604 -0.0121 0.0218  0.0168  217 HOH A O     
679 O  O     . HOH V .  ? 0.1743 0.1451 0.1043 -0.0281 -0.0035 -0.0005 218 HOH A O     
680 O  O     . HOH V .  ? 0.2669 0.3398 0.3098 0.0113  0.0081  -0.0132 219 HOH A O     
681 O  O     . HOH V .  ? 0.3613 0.2447 0.2719 -0.0093 -0.0413 -0.0375 220 HOH A O     
682 O  O     . HOH V .  ? 0.2417 0.1689 0.1714 0.0092  -0.0349 -0.0127 221 HOH A O     
683 O  O     . HOH V .  ? 0.1430 0.2987 0.1105 -0.0356 -0.0061 0.0159  222 HOH A O     
684 O  O     . HOH V .  ? 0.2419 0.2168 0.2898 0.0254  -0.0106 -0.0353 223 HOH A O     
685 O  O     . HOH V .  ? 0.3616 0.2865 0.3518 0.0351  0.0337  -0.0591 224 HOH A O     
686 O  O     . HOH W .  ? 0.2069 0.2648 0.1573 0.0073  -0.0404 -0.0246 201 HOH B O     
687 O  O     . HOH W .  ? 0.0542 0.1879 0.1231 0.0197  -0.0049 -0.0104 202 HOH B O     
688 O  O     . HOH W .  ? 0.2198 0.2907 0.2280 0.0519  0.0104  0.0093  203 HOH B O     
689 O  O     . HOH W .  ? 0.2768 0.1332 0.3590 -0.0307 -0.0911 0.0292  204 HOH B O     
690 O  O     . HOH W .  ? 0.1746 0.1330 0.1187 0.0276  0.0267  -0.0118 205 HOH B O     
691 O  O     . HOH W .  ? 0.3923 0.3806 0.3670 -0.0131 0.0081  0.0053  206 HOH B O     
692 O  O     . HOH W .  ? 0.1894 0.2933 0.3344 -0.0420 0.0029  -0.0197 207 HOH B O     
693 O  O     . HOH W .  ? 0.2204 0.1616 0.2038 0.0134  -0.0148 -0.0011 208 HOH B O     
694 O  O     . HOH W .  ? 0.2198 0.2119 0.2361 0.0040  -0.0428 0.0345  209 HOH B O     
695 O  O     . HOH W .  ? 0.1527 0.2336 0.2687 -0.0651 -0.0663 0.0533  210 HOH B O     
696 O  O     . HOH W .  ? 0.2218 0.2213 0.1378 0.0431  0.0069  -0.0160 211 HOH B O     
697 O  O     . HOH W .  ? 0.2460 0.2462 0.1954 0.0799  0.0335  0.0139  212 HOH B O     
698 O  O     . HOH W .  ? 0.2363 0.2521 0.1169 0.0275  -0.0190 0.0444  213 HOH B O     
699 O  O     . HOH W .  ? 0.1296 0.1198 0.0885 -0.0295 0.0111  0.0115  214 HOH B O     
700 O  O     . HOH W .  ? 0.1321 0.1363 0.0846 -0.0026 -0.0030 0.0017  215 HOH B O     
701 O  O     . HOH W .  ? 0.2765 0.2444 0.2307 -0.0648 0.0005  -0.0278 216 HOH B O     
702 O  O     . HOH W .  ? 0.2290 0.1725 0.2935 0.0352  -0.0216 0.0022  217 HOH B O     
703 O  O     . HOH W .  ? 0.2311 0.3172 0.2883 0.0869  -0.0143 0.0211  218 HOH B O     
704 O  O     . HOH W .  ? 0.2563 0.2619 0.2120 -0.0051 -0.0426 -0.0074 219 HOH B O     
705 O  O     . HOH W .  ? 0.1303 0.1497 0.0881 -0.0060 -0.0308 -0.0259 220 HOH B O     
706 O  O     . HOH W .  ? 0.2039 0.2279 0.1199 -0.0314 0.0197  -0.0423 221 HOH B O     
707 O  O     . HOH W .  ? 0.2442 0.2236 0.2096 0.0127  0.0012  -0.0271 222 HOH B O     
708 O  O     . HOH W .  ? 0.2076 0.2359 0.2625 -0.0251 0.0114  0.0429  223 HOH B O     
# 
loop_
_pdbx_poly_seq_scheme.asym_id 
_pdbx_poly_seq_scheme.entity_id 
_pdbx_poly_seq_scheme.seq_id 
_pdbx_poly_seq_scheme.mon_id 
_pdbx_poly_seq_scheme.ndb_seq_num 
_pdbx_poly_seq_scheme.pdb_seq_num 
_pdbx_poly_seq_scheme.auth_seq_num 
_pdbx_poly_seq_scheme.pdb_mon_id 
_pdbx_poly_seq_scheme.auth_mon_id 
_pdbx_poly_seq_scheme.pdb_strand_id 
_pdbx_poly_seq_scheme.pdb_ins_code 
_pdbx_poly_seq_scheme.hetero 
A 1 1  DC 1  1  1  DC DC A . n 
A 1 2  DA 2  2  2  DA DA A . n 
A 1 3  DC 3  3  3  DC DC A . n 
A 1 4  DC 4  4  4  DC DC A . n 
A 1 5  DC 5  5  5  DC DC A . n 
A 1 6  DA 6  6  6  DA DA A . n 
A 1 7  DG 7  7  7  DG DG A . n 
A 1 8  DC 8  8  8  DC DC A . n 
A 1 9  DG 9  9  9  DG DG A . n 
A 1 10 DA 10 10 10 DA DA A . n 
B 1 1  DC 1  1  1  DC DC B . n 
B 1 2  DA 2  2  2  DA DA B . n 
B 1 3  DC 3  3  3  DC DC B . n 
B 1 4  DC 4  4  4  DC DC B . n 
B 1 5  DC 5  5  5  DC DC B . n 
B 1 6  DA 6  6  6  DA DA B . n 
B 1 7  DG 7  7  7  DG DG B . n 
B 1 8  DC 8  8  8  DC DC B . n 
B 1 9  DG 9  9  9  DG DG B . n 
B 1 10 DA 10 10 10 DA DA B . n 
# 
loop_
_pdbx_nonpoly_scheme.asym_id 
_pdbx_nonpoly_scheme.entity_id 
_pdbx_nonpoly_scheme.mon_id 
_pdbx_nonpoly_scheme.ndb_seq_num 
_pdbx_nonpoly_scheme.pdb_seq_num 
_pdbx_nonpoly_scheme.auth_seq_num 
_pdbx_nonpoly_scheme.pdb_mon_id 
_pdbx_nonpoly_scheme.auth_mon_id 
_pdbx_nonpoly_scheme.pdb_strand_id 
_pdbx_nonpoly_scheme.pdb_ins_code 
C 2 AG  1  101 9  AG  AG  A . 
D 2 AG  1  102 10 AG  AG  A . 
E 2 AG  1  103 11 AG  AG  A . 
F 2 AG  1  104 12 AG  AG  A . 
G 2 AG  1  105 13 AG  AG  A . 
H 2 AG  1  106 14 AG  AG  A . 
I 2 AG  1  107 15 AG  AG  A . 
J 2 AG  1  108 16 AG  AG  A . 
K 2 AG  1  109 36 AG  AG  A . 
L 3 CA  1  110 1  CA  CA  A . 
M 2 AG  1  101 1  AG  AG  B . 
N 2 AG  1  102 2  AG  AG  B . 
O 2 AG  1  103 4  AG  AG  B . 
P 2 AG  1  104 5  AG  AG  B . 
Q 2 AG  1  105 6  AG  AG  B . 
R 2 AG  1  106 7  AG  AG  B . 
S 2 AG  1  107 8  AG  AG  B . 
T 2 AG  1  108 35 AG  AG  B . 
U 2 AG  1  109 37 AG  AG  B . 
V 4 HOH 1  201 25 HOH HOH A . 
V 4 HOH 2  202 28 HOH HOH A . 
V 4 HOH 3  203 27 HOH HOH A . 
V 4 HOH 4  204 15 HOH HOH A . 
V 4 HOH 5  205 34 HOH HOH A . 
V 4 HOH 6  206 30 HOH HOH A . 
V 4 HOH 7  207 31 HOH HOH A . 
V 4 HOH 8  208 8  HOH HOH A . 
V 4 HOH 9  209 16 HOH HOH A . 
V 4 HOH 10 210 13 HOH HOH A . 
V 4 HOH 11 211 21 HOH HOH A . 
V 4 HOH 12 212 36 HOH HOH A . 
V 4 HOH 13 213 10 HOH HOH A . 
V 4 HOH 14 214 5  HOH HOH A . 
V 4 HOH 15 215 46 HOH HOH A . 
V 4 HOH 16 216 11 HOH HOH A . 
V 4 HOH 17 217 3  HOH HOH A . 
V 4 HOH 18 218 1  HOH HOH A . 
V 4 HOH 19 219 37 HOH HOH A . 
V 4 HOH 20 220 35 HOH HOH A . 
V 4 HOH 21 221 20 HOH HOH A . 
V 4 HOH 22 222 2  HOH HOH A . 
V 4 HOH 23 223 40 HOH HOH A . 
V 4 HOH 24 224 45 HOH HOH A . 
W 4 HOH 1  201 43 HOH HOH B . 
W 4 HOH 2  202 7  HOH HOH B . 
W 4 HOH 3  203 22 HOH HOH B . 
W 4 HOH 4  204 41 HOH HOH B . 
W 4 HOH 5  205 12 HOH HOH B . 
W 4 HOH 6  206 47 HOH HOH B . 
W 4 HOH 7  207 39 HOH HOH B . 
W 4 HOH 8  208 17 HOH HOH B . 
W 4 HOH 9  209 23 HOH HOH B . 
W 4 HOH 10 210 24 HOH HOH B . 
W 4 HOH 11 211 18 HOH HOH B . 
W 4 HOH 12 212 29 HOH HOH B . 
W 4 HOH 13 213 19 HOH HOH B . 
W 4 HOH 14 214 6  HOH HOH B . 
W 4 HOH 15 215 4  HOH HOH B . 
W 4 HOH 16 216 38 HOH HOH B . 
W 4 HOH 17 217 33 HOH HOH B . 
W 4 HOH 18 218 42 HOH HOH B . 
W 4 HOH 19 219 32 HOH HOH B . 
W 4 HOH 20 220 9  HOH HOH B . 
W 4 HOH 21 221 14 HOH HOH B . 
W 4 HOH 22 222 44 HOH HOH B . 
W 4 HOH 23 223 26 HOH HOH B . 
# 
_pdbx_struct_assembly.id                   1 
_pdbx_struct_assembly.details              author_and_software_defined_assembly 
_pdbx_struct_assembly.method_details       PISA 
_pdbx_struct_assembly.oligomeric_details   dimeric 
_pdbx_struct_assembly.oligomeric_count     2 
# 
_pdbx_struct_assembly_gen.assembly_id       1 
_pdbx_struct_assembly_gen.oper_expression   1 
_pdbx_struct_assembly_gen.asym_id_list      A,B,C,D,E,F,G,H,I,J,K,L,M,N,O,P,Q,R,S,T,U,V,W 
# 
loop_
_pdbx_struct_assembly_prop.biol_id 
_pdbx_struct_assembly_prop.type 
_pdbx_struct_assembly_prop.value 
_pdbx_struct_assembly_prop.details 
1 'ABSA (A^2)' 4100 ? 
1 MORE         -134 ? 
1 'SSA (A^2)'  2590 ? 
# 
_pdbx_struct_oper_list.id                   1 
_pdbx_struct_oper_list.type                 'identity operation' 
_pdbx_struct_oper_list.name                 1_555 
_pdbx_struct_oper_list.symmetry_operation   x,y,z 
_pdbx_struct_oper_list.matrix[1][1]         1.0000000000 
_pdbx_struct_oper_list.matrix[1][2]         0.0000000000 
_pdbx_struct_oper_list.matrix[1][3]         0.0000000000 
_pdbx_struct_oper_list.vector[1]            0.0000000000 
_pdbx_struct_oper_list.matrix[2][1]         0.0000000000 
_pdbx_struct_oper_list.matrix[2][2]         1.0000000000 
_pdbx_struct_oper_list.matrix[2][3]         0.0000000000 
_pdbx_struct_oper_list.vector[2]            0.0000000000 
_pdbx_struct_oper_list.matrix[3][1]         0.0000000000 
_pdbx_struct_oper_list.matrix[3][2]         0.0000000000 
_pdbx_struct_oper_list.matrix[3][3]         1.0000000000 
_pdbx_struct_oper_list.vector[3]            0.0000000000 
# 
loop_
_pdbx_struct_conn_angle.id 
_pdbx_struct_conn_angle.ptnr1_label_atom_id 
_pdbx_struct_conn_angle.ptnr1_label_alt_id 
_pdbx_struct_conn_angle.ptnr1_label_asym_id 
_pdbx_struct_conn_angle.ptnr1_label_comp_id 
_pdbx_struct_conn_angle.ptnr1_label_seq_id 
_pdbx_struct_conn_angle.ptnr1_auth_atom_id 
_pdbx_struct_conn_angle.ptnr1_auth_asym_id 
_pdbx_struct_conn_angle.ptnr1_auth_comp_id 
_pdbx_struct_conn_angle.ptnr1_auth_seq_id 
_pdbx_struct_conn_angle.ptnr1_PDB_ins_code 
_pdbx_struct_conn_angle.ptnr1_symmetry 
_pdbx_struct_conn_angle.ptnr2_label_atom_id 
_pdbx_struct_conn_angle.ptnr2_label_alt_id 
_pdbx_struct_conn_angle.ptnr2_label_asym_id 
_pdbx_struct_conn_angle.ptnr2_label_comp_id 
_pdbx_struct_conn_angle.ptnr2_label_seq_id 
_pdbx_struct_conn_angle.ptnr2_auth_atom_id 
_pdbx_struct_conn_angle.ptnr2_auth_asym_id 
_pdbx_struct_conn_angle.ptnr2_auth_comp_id 
_pdbx_struct_conn_angle.ptnr2_auth_seq_id 
_pdbx_struct_conn_angle.ptnr2_PDB_ins_code 
_pdbx_struct_conn_angle.ptnr2_symmetry 
_pdbx_struct_conn_angle.ptnr3_label_atom_id 
_pdbx_struct_conn_angle.ptnr3_label_alt_id 
_pdbx_struct_conn_angle.ptnr3_label_asym_id 
_pdbx_struct_conn_angle.ptnr3_label_comp_id 
_pdbx_struct_conn_angle.ptnr3_label_seq_id 
_pdbx_struct_conn_angle.ptnr3_auth_atom_id 
_pdbx_struct_conn_angle.ptnr3_auth_asym_id 
_pdbx_struct_conn_angle.ptnr3_auth_comp_id 
_pdbx_struct_conn_angle.ptnr3_auth_seq_id 
_pdbx_struct_conn_angle.ptnr3_PDB_ins_code 
_pdbx_struct_conn_angle.ptnr3_symmetry 
_pdbx_struct_conn_angle.value 
_pdbx_struct_conn_angle.value_esd 
1  O2  ? A DC  1 ? A DC  1   ? 1_555 AG ? C AG . ? A AG 101 ? 1_555 N3  ? A DC  3 ? A DC  3   ? 1_555 94.6  ? 
2  N3  ? A DC  1 ? A DC  1   ? 1_555 AG ? G AG . ? A AG 105 ? 1_555 O2  ? B DC  4 ? B DC  4   ? 1_555 99.8  ? 
3  N1  ? A DA  2 ? A DA  2   ? 1_555 AG ? M AG . ? B AG 101 ? 1_555 O2  ? B DC  1 ? B DC  1   ? 1_555 88.6  ? 
4  N1  ? A DA  2 ? A DA  2   ? 1_555 AG ? M AG . ? B AG 101 ? 1_555 N3  ? B DC  3 ? B DC  3   ? 1_555 110.1 ? 
5  O2  ? B DC  1 ? B DC  1   ? 1_555 AG ? M AG . ? B AG 101 ? 1_555 N3  ? B DC  3 ? B DC  3   ? 1_555 88.9  ? 
6  OP1 ? A DC  3 ? A DC  3   ? 1_555 CA ? L CA . ? A CA 110 ? 3_654 OP1 ? A DC  8 ? A DC  8   ? 1_555 65.3  ? 
7  OP1 ? A DC  3 ? A DC  3   ? 1_555 CA ? L CA . ? A CA 110 ? 3_654 O   ? V HOH . ? A HOH 217 ? 1_555 66.7  ? 
8  OP1 ? A DC  8 ? A DC  8   ? 1_555 CA ? L CA . ? A CA 110 ? 3_654 O   ? V HOH . ? A HOH 217 ? 1_555 9.8   ? 
9  OP1 ? A DC  3 ? A DC  3   ? 1_555 CA ? L CA . ? A CA 110 ? 3_654 O   ? V HOH . ? A HOH 218 ? 1_555 67.5  ? 
10 OP1 ? A DC  8 ? A DC  8   ? 1_555 CA ? L CA . ? A CA 110 ? 3_654 O   ? V HOH . ? A HOH 218 ? 1_555 3.9   ? 
11 O   ? V HOH . ? A HOH 217 ? 1_555 CA ? L CA . ? A CA 110 ? 3_654 O   ? V HOH . ? A HOH 218 ? 1_555 13.1  ? 
12 OP1 ? A DC  3 ? A DC  3   ? 1_555 CA ? L CA . ? A CA 110 ? 3_654 O   ? V HOH . ? A HOH 222 ? 1_555 68.2  ? 
13 OP1 ? A DC  8 ? A DC  8   ? 1_555 CA ? L CA . ? A CA 110 ? 3_654 O   ? V HOH . ? A HOH 222 ? 1_555 6.2   ? 
14 O   ? V HOH . ? A HOH 217 ? 1_555 CA ? L CA . ? A CA 110 ? 3_654 O   ? V HOH . ? A HOH 222 ? 1_555 4.6   ? 
15 O   ? V HOH . ? A HOH 218 ? 1_555 CA ? L CA . ? A CA 110 ? 3_654 O   ? V HOH . ? A HOH 222 ? 1_555 8.9   ? 
16 OP1 ? A DC  3 ? A DC  3   ? 1_555 CA ? L CA . ? A CA 110 ? 3_654 OP1 ? B DC  3 ? B DC  3   ? 1_555 18.0  ? 
17 OP1 ? A DC  8 ? A DC  8   ? 1_555 CA ? L CA . ? A CA 110 ? 3_654 OP1 ? B DC  3 ? B DC  3   ? 1_555 76.7  ? 
18 O   ? V HOH . ? A HOH 217 ? 1_555 CA ? L CA . ? A CA 110 ? 3_654 OP1 ? B DC  3 ? B DC  3   ? 1_555 80.3  ? 
19 O   ? V HOH . ? A HOH 218 ? 1_555 CA ? L CA . ? A CA 110 ? 3_654 OP1 ? B DC  3 ? B DC  3   ? 1_555 77.9  ? 
20 O   ? V HOH . ? A HOH 222 ? 1_555 CA ? L CA . ? A CA 110 ? 3_654 OP1 ? B DC  3 ? B DC  3   ? 1_555 80.9  ? 
21 O2  ? A DC  3 ? A DC  3   ? 1_555 AG ? P AG . ? B AG 104 ? 1_555 O2  ? A DC  4 ? A DC  4   ? 1_555 79.7  ? 
22 O2  ? A DC  3 ? A DC  3   ? 1_555 AG ? P AG . ? B AG 104 ? 1_555 N3  ? B DC  1 ? B DC  1   ? 1_555 79.4  ? 
23 O2  ? A DC  4 ? A DC  4   ? 1_555 AG ? P AG . ? B AG 104 ? 1_555 N3  ? B DC  1 ? B DC  1   ? 1_555 98.5  ? 
24 N3  ? A DC  4 ? A DC  4   ? 1_555 AG ? D AG . ? A AG 102 ? 1_555 O6  ? A DG  9 ? A DG  9   ? 1_555 90.9  ? 
25 O2  ? A DC  4 ? A DC  4   ? 1_555 AG ? Q AG . ? B AG 105 ? 1_555 N1  ? B DG  9 ? B DG  9   ? 1_555 85.7  ? 
26 OP1 ? A DA  6 ? A DA  6   ? 1_555 AG ? F AG . ? A AG 104 ? 1_555 N7  ? A DG  7 ? A DG  7   ? 1_555 93.4  ? 
27 N7  ? A DA  6 ? A DA  6   ? 1_555 AG ? J AG . ? A AG 108 ? 1_555 O6  ? A DG  7 ? A DG  7   ? 1_555 96.7  ? 
28 N7  ? A DA  6 ? A DA  6   ? 1_555 AG ? J AG . ? A AG 108 ? 1_555 OP2 ? B DA  6 ? B DA  6   ? 1_555 89.5  ? 
29 O6  ? A DG  7 ? A DG  7   ? 1_555 AG ? J AG . ? A AG 108 ? 1_555 OP2 ? B DA  6 ? B DA  6   ? 1_555 99.6  ? 
30 OP2 ? A DA  6 ? A DA  6   ? 1_555 AG ? S AG . ? B AG 107 ? 1_555 N7  ? B DA  6 ? B DA  6   ? 1_555 88.7  ? 
31 OP2 ? A DA  6 ? A DA  6   ? 1_555 AG ? S AG . ? B AG 107 ? 1_555 O6  ? B DG  7 ? B DG  7   ? 1_555 93.6  ? 
32 N7  ? B DA  6 ? B DA  6   ? 1_555 AG ? S AG . ? B AG 107 ? 1_555 O6  ? B DG  7 ? B DG  7   ? 1_555 97.2  ? 
33 N1  ? A DG  9 ? A DG  9   ? 1_555 AG ? H AG . ? A AG 106 ? 1_555 O2  ? B DC  4 ? B DC  4   ? 1_555 85.4  ? 
34 N3  ? B DC  4 ? B DC  4   ? 1_555 AG ? N AG . ? B AG 102 ? 1_555 O6  ? B DG  9 ? B DG  9   ? 1_555 88.4  ? 
35 OP1 ? B DA  6 ? B DA  6   ? 1_555 AG ? O AG . ? B AG 103 ? 1_555 N7  ? B DG  7 ? B DG  7   ? 1_555 96.5  ? 
36 O6  ? B DG  7 ? B DG  7   ? 1_555 AG ? R AG . ? B AG 106 ? 1_555 O2  ? B DC  8 ? B DC  8   ? 1_555 76.8  ? 
# 
loop_
_pdbx_audit_revision_history.ordinal 
_pdbx_audit_revision_history.data_content_type 
_pdbx_audit_revision_history.major_revision 
_pdbx_audit_revision_history.minor_revision 
_pdbx_audit_revision_history.revision_date 
1 'Structure model' 1 0 2020-12-16 
2 'Structure model' 1 1 2023-11-29 
# 
_pdbx_audit_revision_details.ordinal             1 
_pdbx_audit_revision_details.revision_ordinal    1 
_pdbx_audit_revision_details.data_content_type   'Structure model' 
_pdbx_audit_revision_details.provider            repository 
_pdbx_audit_revision_details.type                'Initial release' 
_pdbx_audit_revision_details.description         ? 
_pdbx_audit_revision_details.details             ? 
# 
loop_
_pdbx_audit_revision_group.ordinal 
_pdbx_audit_revision_group.revision_ordinal 
_pdbx_audit_revision_group.data_content_type 
_pdbx_audit_revision_group.group 
1 2 'Structure model' 'Data collection'        
2 2 'Structure model' 'Database references'    
3 2 'Structure model' 'Refinement description' 
# 
loop_
_pdbx_audit_revision_category.ordinal 
_pdbx_audit_revision_category.revision_ordinal 
_pdbx_audit_revision_category.data_content_type 
_pdbx_audit_revision_category.category 
1 2 'Structure model' chem_comp_atom                
2 2 'Structure model' chem_comp_bond                
3 2 'Structure model' citation                      
4 2 'Structure model' database_2                    
5 2 'Structure model' pdbx_initial_refinement_model 
# 
loop_
_pdbx_audit_revision_item.ordinal 
_pdbx_audit_revision_item.revision_ordinal 
_pdbx_audit_revision_item.data_content_type 
_pdbx_audit_revision_item.item 
1 2 'Structure model' '_citation.country'                   
2 2 'Structure model' '_database_2.pdbx_DOI'                
3 2 'Structure model' '_database_2.pdbx_database_accession' 
# 
loop_
_software.citation_id 
_software.classification 
_software.compiler_name 
_software.compiler_version 
_software.contact_author 
_software.contact_author_email 
_software.date 
_software.description 
_software.dependencies 
_software.hardware 
_software.language 
_software.location 
_software.mods 
_software.name 
_software.os 
_software.os_version 
_software.type 
_software.version 
_software.pdbx_ordinal 
? 'data scaling'    ? ? ? ? ? ? ? ? ? ? ? XSCALE      ? ? ? .      1 
? refinement        ? ? ? ? ? ? ? ? ? ? ? PHENIX      ? ? ? 1.17.1 2 
? 'data extraction' ? ? ? ? ? ? ? ? ? ? ? PDB_EXTRACT ? ? ? 3.25   3 
? phasing           ? ? ? ? ? ? ? ? ? ? ? PHENIX      ? ? ? .      4 
? 'data reduction'  ? ? ? ? ? ? ? ? ? ? ? XDS         ? ? ? .      5 
# 
_pdbx_entry_details.entry_id                 7BSF 
_pdbx_entry_details.has_ligand_of_interest   Y 
_pdbx_entry_details.compound_details         ? 
_pdbx_entry_details.source_details           ? 
_pdbx_entry_details.nonpolymer_details       ? 
_pdbx_entry_details.sequence_details         ? 
# 
loop_
_pdbx_validate_rmsd_angle.id 
_pdbx_validate_rmsd_angle.PDB_model_num 
_pdbx_validate_rmsd_angle.auth_atom_id_1 
_pdbx_validate_rmsd_angle.auth_asym_id_1 
_pdbx_validate_rmsd_angle.auth_comp_id_1 
_pdbx_validate_rmsd_angle.auth_seq_id_1 
_pdbx_validate_rmsd_angle.PDB_ins_code_1 
_pdbx_validate_rmsd_angle.label_alt_id_1 
_pdbx_validate_rmsd_angle.auth_atom_id_2 
_pdbx_validate_rmsd_angle.auth_asym_id_2 
_pdbx_validate_rmsd_angle.auth_comp_id_2 
_pdbx_validate_rmsd_angle.auth_seq_id_2 
_pdbx_validate_rmsd_angle.PDB_ins_code_2 
_pdbx_validate_rmsd_angle.label_alt_id_2 
_pdbx_validate_rmsd_angle.auth_atom_id_3 
_pdbx_validate_rmsd_angle.auth_asym_id_3 
_pdbx_validate_rmsd_angle.auth_comp_id_3 
_pdbx_validate_rmsd_angle.auth_seq_id_3 
_pdbx_validate_rmsd_angle.PDB_ins_code_3 
_pdbx_validate_rmsd_angle.label_alt_id_3 
_pdbx_validate_rmsd_angle.angle_value 
_pdbx_validate_rmsd_angle.angle_target_value 
_pdbx_validate_rmsd_angle.angle_deviation 
_pdbx_validate_rmsd_angle.angle_standard_deviation 
_pdbx_validate_rmsd_angle.linker_flag 
1 1 "O4'" A DC 4 ? ? "C1'" A DC 4 ? ? N1 A DC 4 ? ? 110.48 108.30 2.18 0.30 N 
2 1 "O4'" A DG 7 ? ? "C1'" A DG 7 ? ? N9 A DG 7 ? ? 114.00 108.30 5.70 0.30 N 
3 1 "O4'" B DC 4 ? ? "C1'" B DC 4 ? ? N1 B DC 4 ? ? 110.44 108.30 2.14 0.30 N 
4 1 "O4'" B DG 7 ? ? "C1'" B DG 7 ? ? N9 B DG 7 ? ? 113.65 108.30 5.35 0.30 N 
# 
_pdbx_distant_solvent_atoms.id                                1 
_pdbx_distant_solvent_atoms.PDB_model_num                     1 
_pdbx_distant_solvent_atoms.auth_atom_id                      O 
_pdbx_distant_solvent_atoms.label_alt_id                      ? 
_pdbx_distant_solvent_atoms.auth_asym_id                      A 
_pdbx_distant_solvent_atoms.auth_comp_id                      HOH 
_pdbx_distant_solvent_atoms.auth_seq_id                       224 
_pdbx_distant_solvent_atoms.PDB_ins_code                      ? 
_pdbx_distant_solvent_atoms.neighbor_macromolecule_distance   7.60 
_pdbx_distant_solvent_atoms.neighbor_ligand_distance          . 
# 
loop_
_chem_comp_atom.comp_id 
_chem_comp_atom.atom_id 
_chem_comp_atom.type_symbol 
_chem_comp_atom.pdbx_aromatic_flag 
_chem_comp_atom.pdbx_stereo_config 
_chem_comp_atom.pdbx_ordinal 
AG  AG     AG N N 1   
CA  CA     CA N N 2   
DA  OP3    O  N N 3   
DA  P      P  N N 4   
DA  OP1    O  N N 5   
DA  OP2    O  N N 6   
DA  "O5'"  O  N N 7   
DA  "C5'"  C  N N 8   
DA  "C4'"  C  N R 9   
DA  "O4'"  O  N N 10  
DA  "C3'"  C  N S 11  
DA  "O3'"  O  N N 12  
DA  "C2'"  C  N N 13  
DA  "C1'"  C  N R 14  
DA  N9     N  Y N 15  
DA  C8     C  Y N 16  
DA  N7     N  Y N 17  
DA  C5     C  Y N 18  
DA  C6     C  Y N 19  
DA  N6     N  N N 20  
DA  N1     N  Y N 21  
DA  C2     C  Y N 22  
DA  N3     N  Y N 23  
DA  C4     C  Y N 24  
DA  HOP3   H  N N 25  
DA  HOP2   H  N N 26  
DA  "H5'"  H  N N 27  
DA  "H5''" H  N N 28  
DA  "H4'"  H  N N 29  
DA  "H3'"  H  N N 30  
DA  "HO3'" H  N N 31  
DA  "H2'"  H  N N 32  
DA  "H2''" H  N N 33  
DA  "H1'"  H  N N 34  
DA  H8     H  N N 35  
DA  H61    H  N N 36  
DA  H62    H  N N 37  
DA  H2     H  N N 38  
DC  OP3    O  N N 39  
DC  P      P  N N 40  
DC  OP1    O  N N 41  
DC  OP2    O  N N 42  
DC  "O5'"  O  N N 43  
DC  "C5'"  C  N N 44  
DC  "C4'"  C  N R 45  
DC  "O4'"  O  N N 46  
DC  "C3'"  C  N S 47  
DC  "O3'"  O  N N 48  
DC  "C2'"  C  N N 49  
DC  "C1'"  C  N R 50  
DC  N1     N  N N 51  
DC  C2     C  N N 52  
DC  O2     O  N N 53  
DC  N3     N  N N 54  
DC  C4     C  N N 55  
DC  N4     N  N N 56  
DC  C5     C  N N 57  
DC  C6     C  N N 58  
DC  HOP3   H  N N 59  
DC  HOP2   H  N N 60  
DC  "H5'"  H  N N 61  
DC  "H5''" H  N N 62  
DC  "H4'"  H  N N 63  
DC  "H3'"  H  N N 64  
DC  "HO3'" H  N N 65  
DC  "H2'"  H  N N 66  
DC  "H2''" H  N N 67  
DC  "H1'"  H  N N 68  
DC  H41    H  N N 69  
DC  H42    H  N N 70  
DC  H5     H  N N 71  
DC  H6     H  N N 72  
DG  OP3    O  N N 73  
DG  P      P  N N 74  
DG  OP1    O  N N 75  
DG  OP2    O  N N 76  
DG  "O5'"  O  N N 77  
DG  "C5'"  C  N N 78  
DG  "C4'"  C  N R 79  
DG  "O4'"  O  N N 80  
DG  "C3'"  C  N S 81  
DG  "O3'"  O  N N 82  
DG  "C2'"  C  N N 83  
DG  "C1'"  C  N R 84  
DG  N9     N  Y N 85  
DG  C8     C  Y N 86  
DG  N7     N  Y N 87  
DG  C5     C  Y N 88  
DG  C6     C  N N 89  
DG  O6     O  N N 90  
DG  N1     N  N N 91  
DG  C2     C  N N 92  
DG  N2     N  N N 93  
DG  N3     N  N N 94  
DG  C4     C  Y N 95  
DG  HOP3   H  N N 96  
DG  HOP2   H  N N 97  
DG  "H5'"  H  N N 98  
DG  "H5''" H  N N 99  
DG  "H4'"  H  N N 100 
DG  "H3'"  H  N N 101 
DG  "HO3'" H  N N 102 
DG  "H2'"  H  N N 103 
DG  "H2''" H  N N 104 
DG  "H1'"  H  N N 105 
DG  H8     H  N N 106 
DG  H1     H  N N 107 
DG  H21    H  N N 108 
DG  H22    H  N N 109 
HOH O      O  N N 110 
HOH H1     H  N N 111 
HOH H2     H  N N 112 
# 
loop_
_chem_comp_bond.comp_id 
_chem_comp_bond.atom_id_1 
_chem_comp_bond.atom_id_2 
_chem_comp_bond.value_order 
_chem_comp_bond.pdbx_aromatic_flag 
_chem_comp_bond.pdbx_stereo_config 
_chem_comp_bond.pdbx_ordinal 
DA  OP3   P      sing N N 1   
DA  OP3   HOP3   sing N N 2   
DA  P     OP1    doub N N 3   
DA  P     OP2    sing N N 4   
DA  P     "O5'"  sing N N 5   
DA  OP2   HOP2   sing N N 6   
DA  "O5'" "C5'"  sing N N 7   
DA  "C5'" "C4'"  sing N N 8   
DA  "C5'" "H5'"  sing N N 9   
DA  "C5'" "H5''" sing N N 10  
DA  "C4'" "O4'"  sing N N 11  
DA  "C4'" "C3'"  sing N N 12  
DA  "C4'" "H4'"  sing N N 13  
DA  "O4'" "C1'"  sing N N 14  
DA  "C3'" "O3'"  sing N N 15  
DA  "C3'" "C2'"  sing N N 16  
DA  "C3'" "H3'"  sing N N 17  
DA  "O3'" "HO3'" sing N N 18  
DA  "C2'" "C1'"  sing N N 19  
DA  "C2'" "H2'"  sing N N 20  
DA  "C2'" "H2''" sing N N 21  
DA  "C1'" N9     sing N N 22  
DA  "C1'" "H1'"  sing N N 23  
DA  N9    C8     sing Y N 24  
DA  N9    C4     sing Y N 25  
DA  C8    N7     doub Y N 26  
DA  C8    H8     sing N N 27  
DA  N7    C5     sing Y N 28  
DA  C5    C6     sing Y N 29  
DA  C5    C4     doub Y N 30  
DA  C6    N6     sing N N 31  
DA  C6    N1     doub Y N 32  
DA  N6    H61    sing N N 33  
DA  N6    H62    sing N N 34  
DA  N1    C2     sing Y N 35  
DA  C2    N3     doub Y N 36  
DA  C2    H2     sing N N 37  
DA  N3    C4     sing Y N 38  
DC  OP3   P      sing N N 39  
DC  OP3   HOP3   sing N N 40  
DC  P     OP1    doub N N 41  
DC  P     OP2    sing N N 42  
DC  P     "O5'"  sing N N 43  
DC  OP2   HOP2   sing N N 44  
DC  "O5'" "C5'"  sing N N 45  
DC  "C5'" "C4'"  sing N N 46  
DC  "C5'" "H5'"  sing N N 47  
DC  "C5'" "H5''" sing N N 48  
DC  "C4'" "O4'"  sing N N 49  
DC  "C4'" "C3'"  sing N N 50  
DC  "C4'" "H4'"  sing N N 51  
DC  "O4'" "C1'"  sing N N 52  
DC  "C3'" "O3'"  sing N N 53  
DC  "C3'" "C2'"  sing N N 54  
DC  "C3'" "H3'"  sing N N 55  
DC  "O3'" "HO3'" sing N N 56  
DC  "C2'" "C1'"  sing N N 57  
DC  "C2'" "H2'"  sing N N 58  
DC  "C2'" "H2''" sing N N 59  
DC  "C1'" N1     sing N N 60  
DC  "C1'" "H1'"  sing N N 61  
DC  N1    C2     sing N N 62  
DC  N1    C6     sing N N 63  
DC  C2    O2     doub N N 64  
DC  C2    N3     sing N N 65  
DC  N3    C4     doub N N 66  
DC  C4    N4     sing N N 67  
DC  C4    C5     sing N N 68  
DC  N4    H41    sing N N 69  
DC  N4    H42    sing N N 70  
DC  C5    C6     doub N N 71  
DC  C5    H5     sing N N 72  
DC  C6    H6     sing N N 73  
DG  OP3   P      sing N N 74  
DG  OP3   HOP3   sing N N 75  
DG  P     OP1    doub N N 76  
DG  P     OP2    sing N N 77  
DG  P     "O5'"  sing N N 78  
DG  OP2   HOP2   sing N N 79  
DG  "O5'" "C5'"  sing N N 80  
DG  "C5'" "C4'"  sing N N 81  
DG  "C5'" "H5'"  sing N N 82  
DG  "C5'" "H5''" sing N N 83  
DG  "C4'" "O4'"  sing N N 84  
DG  "C4'" "C3'"  sing N N 85  
DG  "C4'" "H4'"  sing N N 86  
DG  "O4'" "C1'"  sing N N 87  
DG  "C3'" "O3'"  sing N N 88  
DG  "C3'" "C2'"  sing N N 89  
DG  "C3'" "H3'"  sing N N 90  
DG  "O3'" "HO3'" sing N N 91  
DG  "C2'" "C1'"  sing N N 92  
DG  "C2'" "H2'"  sing N N 93  
DG  "C2'" "H2''" sing N N 94  
DG  "C1'" N9     sing N N 95  
DG  "C1'" "H1'"  sing N N 96  
DG  N9    C8     sing Y N 97  
DG  N9    C4     sing Y N 98  
DG  C8    N7     doub Y N 99  
DG  C8    H8     sing N N 100 
DG  N7    C5     sing Y N 101 
DG  C5    C6     sing N N 102 
DG  C5    C4     doub Y N 103 
DG  C6    O6     doub N N 104 
DG  C6    N1     sing N N 105 
DG  N1    C2     sing N N 106 
DG  N1    H1     sing N N 107 
DG  C2    N2     sing N N 108 
DG  C2    N3     doub N N 109 
DG  N2    H21    sing N N 110 
DG  N2    H22    sing N N 111 
DG  N3    C4     sing N N 112 
HOH O     H1     sing N N 113 
HOH O     H2     sing N N 114 
# 
_ndb_struct_conf_na.entry_id   7BSF 
_ndb_struct_conf_na.feature    'double helix' 
# 
loop_
_ndb_struct_na_base_pair.model_number 
_ndb_struct_na_base_pair.i_label_asym_id 
_ndb_struct_na_base_pair.i_label_comp_id 
_ndb_struct_na_base_pair.i_label_seq_id 
_ndb_struct_na_base_pair.i_symmetry 
_ndb_struct_na_base_pair.j_label_asym_id 
_ndb_struct_na_base_pair.j_label_comp_id 
_ndb_struct_na_base_pair.j_label_seq_id 
_ndb_struct_na_base_pair.j_symmetry 
_ndb_struct_na_base_pair.shear 
_ndb_struct_na_base_pair.stretch 
_ndb_struct_na_base_pair.stagger 
_ndb_struct_na_base_pair.buckle 
_ndb_struct_na_base_pair.propeller 
_ndb_struct_na_base_pair.opening 
_ndb_struct_na_base_pair.pair_number 
_ndb_struct_na_base_pair.pair_name 
_ndb_struct_na_base_pair.i_auth_asym_id 
_ndb_struct_na_base_pair.i_auth_seq_id 
_ndb_struct_na_base_pair.i_PDB_ins_code 
_ndb_struct_na_base_pair.j_auth_asym_id 
_ndb_struct_na_base_pair.j_auth_seq_id 
_ndb_struct_na_base_pair.j_PDB_ins_code 
_ndb_struct_na_base_pair.hbond_type_28 
_ndb_struct_na_base_pair.hbond_type_12 
1 B DC 1  1_555 A DC 4 1_555 -1.390 3.231  -0.237 -21.751 -34.024 84.306   1 B_DC1:DC4_A  B 1  ? A 4 ? ? ? 
1 A DC 1  1_555 B DC 4 1_555 -1.466 3.336  -0.169 -17.875 -30.716 84.546   2 A_DC1:DC4_B  A 1  ? B 4 ? ? ? 
1 A DA 2  1_555 B DC 3 1_555 -1.110 2.153  -1.231 -11.325 -30.055 126.422  3 A_DA2:DC3_B  A 2  ? B 3 ? ? ? 
1 A DC 5  1_555 B DG 7 1_555 0.106  -5.469 -0.171 -36.529 -29.525 -112.397 4 A_DC5:DG7_B  A 5  ? B 7 ? ? 2 
1 B DA 10 1_555 B DC 8 1_555 -6.961 0.268  1.953  -44.628 -11.950 98.457   5 B_DA10:DC8_B B 10 ? B 8 ? ? ? 
1 A DG 7  1_555 B DC 5 1_555 -0.328 5.469  -0.308 30.808  13.743  114.035  6 A_DG7:DC5_B  A 7  ? B 5 ? ? 2 
# 
loop_
_ndb_struct_na_base_pair_step.model_number 
_ndb_struct_na_base_pair_step.i_label_asym_id_1 
_ndb_struct_na_base_pair_step.i_label_comp_id_1 
_ndb_struct_na_base_pair_step.i_label_seq_id_1 
_ndb_struct_na_base_pair_step.i_symmetry_1 
_ndb_struct_na_base_pair_step.j_label_asym_id_1 
_ndb_struct_na_base_pair_step.j_label_comp_id_1 
_ndb_struct_na_base_pair_step.j_label_seq_id_1 
_ndb_struct_na_base_pair_step.j_symmetry_1 
_ndb_struct_na_base_pair_step.i_label_asym_id_2 
_ndb_struct_na_base_pair_step.i_label_comp_id_2 
_ndb_struct_na_base_pair_step.i_label_seq_id_2 
_ndb_struct_na_base_pair_step.i_symmetry_2 
_ndb_struct_na_base_pair_step.j_label_asym_id_2 
_ndb_struct_na_base_pair_step.j_label_comp_id_2 
_ndb_struct_na_base_pair_step.j_label_seq_id_2 
_ndb_struct_na_base_pair_step.j_symmetry_2 
_ndb_struct_na_base_pair_step.shift 
_ndb_struct_na_base_pair_step.slide 
_ndb_struct_na_base_pair_step.rise 
_ndb_struct_na_base_pair_step.tilt 
_ndb_struct_na_base_pair_step.roll 
_ndb_struct_na_base_pair_step.twist 
_ndb_struct_na_base_pair_step.x_displacement 
_ndb_struct_na_base_pair_step.y_displacement 
_ndb_struct_na_base_pair_step.helical_rise 
_ndb_struct_na_base_pair_step.inclination 
_ndb_struct_na_base_pair_step.tip 
_ndb_struct_na_base_pair_step.helical_twist 
_ndb_struct_na_base_pair_step.step_number 
_ndb_struct_na_base_pair_step.step_name 
_ndb_struct_na_base_pair_step.i_auth_asym_id_1 
_ndb_struct_na_base_pair_step.i_auth_seq_id_1 
_ndb_struct_na_base_pair_step.i_PDB_ins_code_1 
_ndb_struct_na_base_pair_step.j_auth_asym_id_1 
_ndb_struct_na_base_pair_step.j_auth_seq_id_1 
_ndb_struct_na_base_pair_step.j_PDB_ins_code_1 
_ndb_struct_na_base_pair_step.i_auth_asym_id_2 
_ndb_struct_na_base_pair_step.i_auth_seq_id_2 
_ndb_struct_na_base_pair_step.i_PDB_ins_code_2 
_ndb_struct_na_base_pair_step.j_auth_asym_id_2 
_ndb_struct_na_base_pair_step.j_auth_seq_id_2 
_ndb_struct_na_base_pair_step.j_PDB_ins_code_2 
1 B DC 1 1_555 A DC 4 1_555 A DC 1  1_555 B DC 4 1_555 1.677  -3.133 -0.069 -45.970 0.869   -177.364 1.567 0.839  -0.053 -0.434  
-22.991 -177.574 1 BA_DC1DC1:DC4DC4_BA  B 1 ? A 4 ? A 1  ? B 4 ? 
1 A DC 1 1_555 B DC 4 1_555 A DA 2  1_555 B DC 3 1_555 -1.491 -0.929 -2.945 -7.124  7.219   8.667    2.440 12.778 -1.624 35.292  
34.830  13.334   2 AA_DC1DA2:DC3DC4_BB  A 1 ? B 4 ? A 2  ? B 3 ? 
1 A DC 5 1_555 B DG 7 1_555 B DA 10 1_555 B DC 8 1_555 -4.966 -0.318 -3.514 117.012 130.582 -177.590 0.186 -2.508 -3.438 -65.292 
58.506  -179.902 3 AB_DC5DA10:DC8DG7_BB A 5 ? B 7 ? B 10 ? B 8 ? 
# 
_pdbx_audit_support.funding_organization   'Ministry of Education, Culture, Sports, Science and Technology (Japan)' 
_pdbx_audit_support.country                Japan 
_pdbx_audit_support.grant_number           ? 
_pdbx_audit_support.ordinal                1 
# 
_pdbx_entity_instance_feature.ordinal        1 
_pdbx_entity_instance_feature.comp_id        AG 
_pdbx_entity_instance_feature.asym_id        ? 
_pdbx_entity_instance_feature.seq_num        ? 
_pdbx_entity_instance_feature.auth_comp_id   AG 
_pdbx_entity_instance_feature.auth_asym_id   ? 
_pdbx_entity_instance_feature.auth_seq_num   ? 
_pdbx_entity_instance_feature.feature_type   'SUBJECT OF INVESTIGATION' 
_pdbx_entity_instance_feature.details        ? 
# 
loop_
_pdbx_entity_nonpoly.entity_id 
_pdbx_entity_nonpoly.name 
_pdbx_entity_nonpoly.comp_id 
2 'SILVER ION'  AG  
3 'CALCIUM ION' CA  
4 water         HOH 
# 
_pdbx_initial_refinement_model.id               1 
_pdbx_initial_refinement_model.entity_id_list   ? 
_pdbx_initial_refinement_model.type             'experimental model' 
_pdbx_initial_refinement_model.source_name      PDB 
_pdbx_initial_refinement_model.accession_code   6JR4 
_pdbx_initial_refinement_model.details          ? 
# 
_pdbx_struct_assembly_auth_evidence.id                     1 
_pdbx_struct_assembly_auth_evidence.assembly_id            1 
_pdbx_struct_assembly_auth_evidence.experimental_support   none 
_pdbx_struct_assembly_auth_evidence.details                ? 
# 
